data_7H4R
# 
_entry.id   7H4R 
# 
_audit_conform.dict_name       mmcif_pdbx.dic 
_audit_conform.dict_version    5.397 
_audit_conform.dict_location   http://mmcif.pdb.org/dictionaries/ascii/mmcif_pdbx.dic 
# 
loop_
_database_2.database_id 
_database_2.database_code 
_database_2.pdbx_database_accession 
_database_2.pdbx_DOI 
PDB   7H4R         pdb_00007h4r 10.2210/pdb7h4r/pdb 
WWPDB D_1001407022 ?            ?                   
# 
loop_
_pdbx_audit_revision_history.ordinal 
_pdbx_audit_revision_history.data_content_type 
_pdbx_audit_revision_history.major_revision 
_pdbx_audit_revision_history.minor_revision 
_pdbx_audit_revision_history.revision_date 
1 'Structure model' 1 0 2024-04-24 
2 'Structure model' 1 1 2024-10-16 
# 
_pdbx_audit_revision_details.ordinal             1 
_pdbx_audit_revision_details.revision_ordinal    1 
_pdbx_audit_revision_details.data_content_type   'Structure model' 
_pdbx_audit_revision_details.provider            repository 
_pdbx_audit_revision_details.type                'Initial release' 
_pdbx_audit_revision_details.description         ? 
_pdbx_audit_revision_details.details             ? 
# 
loop_
_pdbx_audit_revision_group.ordinal 
_pdbx_audit_revision_group.revision_ordinal 
_pdbx_audit_revision_group.data_content_type 
_pdbx_audit_revision_group.group 
1 2 'Structure model' 'Database references' 
2 2 'Structure model' 'Structure summary'   
# 
loop_
_pdbx_audit_revision_category.ordinal 
_pdbx_audit_revision_category.revision_ordinal 
_pdbx_audit_revision_category.data_content_type 
_pdbx_audit_revision_category.category 
1 2 'Structure model' citation           
2 2 'Structure model' citation_author    
3 2 'Structure model' pdbx_entry_details 
# 
loop_
_pdbx_audit_revision_item.ordinal 
_pdbx_audit_revision_item.revision_ordinal 
_pdbx_audit_revision_item.data_content_type 
_pdbx_audit_revision_item.item 
1 2 'Structure model' '_citation.country'                 
2 2 'Structure model' '_citation.journal_abbrev'          
3 2 'Structure model' '_citation.journal_id_CSD'          
4 2 'Structure model' '_citation.journal_id_ISSN'         
5 2 'Structure model' '_citation.pdbx_database_id_DOI'    
6 2 'Structure model' '_citation.pdbx_database_id_PubMed' 
7 2 'Structure model' '_citation.title'                   
8 2 'Structure model' '_citation.year'                    
# 
_pdbx_database_status.entry_id                        7H4R 
_pdbx_database_status.status_code                     REL 
_pdbx_database_status.status_code_sf                  REL 
_pdbx_database_status.status_code_mr                  ? 
_pdbx_database_status.status_code_cs                  ? 
_pdbx_database_status.recvd_initial_deposition_date   2024-04-04 
_pdbx_database_status.status_code_nmr_data            ? 
_pdbx_database_status.deposit_site                    RCSB 
_pdbx_database_status.process_site                    RCSB 
_pdbx_database_status.SG_entry                        ? 
_pdbx_database_status.pdb_format_compatible           Y 
_pdbx_database_status.methods_development_category    ? 
# 
_pdbx_contact_author.id                 1 
_pdbx_contact_author.email              frank.von-delft@diamond.ac.uk 
_pdbx_contact_author.name_first         Frank 
_pdbx_contact_author.name_last          'von Delft' 
_pdbx_contact_author.role               'principal investigator/group leader' 
_pdbx_contact_author.identifier_ORCID   0000-0003-0378-0017 
_pdbx_contact_author.name_mi            ? 
# 
loop_
_audit_author.name 
_audit_author.pdbx_ordinal 
'Lithgo, R.M.'        1  
'Fairhead, M.'        2  
'Koekemoer, L.'       3  
'Balcomb, B.H.'       4  
'Capkin, E.'          5  
'Chandran, A.V.'      6  
'Golding, M.'         7  
'Godoy, A.S.'         8  
'Aschenbrenner, J.C.' 9  
'Marples, P.G.'       10 
'Ni, X.'              11 
'Thompson, W.'        12 
'Tomlinson, C.W.E.'   13 
'Wild, C.'            14 
'Winokan, M.'         15 
'Xavier, M.-A.E.'     16 
'Fearon, D.'          17 
'von Delft, F.'       18 
# 
_citation.id                        primary 
_citation.title                     
;Crystallographic Fragment Screen of Coxsackievirus A16 2A Protease identifies new opportunities for the development of broad-spectrum anti-enterovirals.
;
_citation.journal_abbrev            Biorxiv 
_citation.journal_volume            ? 
_citation.page_first                ? 
_citation.page_last                 ? 
_citation.year                      2024 
_citation.journal_id_ASTM           ? 
_citation.country                   US 
_citation.journal_id_ISSN           2692-8205 
_citation.journal_id_CSD            ? 
_citation.book_publisher            ? 
_citation.pdbx_database_id_PubMed   38746446 
_citation.pdbx_database_id_DOI      10.1101/2024.04.29.591684 
# 
loop_
_citation_author.citation_id 
_citation_author.name 
_citation_author.identifier_ORCID 
_citation_author.ordinal 
primary 'Lithgo, R.M.'        0000-0002-4706-9916 1  
primary 'Tomlinson, C.W.E.'   0000-0002-1845-6028 2  
primary 'Fairhead, M.'        0000-0001-5361-3933 3  
primary 'Winokan, M.'         ?                   4  
primary 'Thompson, W.'        0000-0003-1474-7810 5  
primary 'Wild, C.'            0000-0003-0654-8141 6  
primary 'Aschenbrenner, J.C.' 0000-0002-4318-0481 7  
primary 'Balcomb, B.H.'       0000-0001-7599-8467 8  
primary 'Marples, P.G.'       0000-0002-8787-7969 9  
primary 'Chandran, A.V.'      0000-0001-9942-2614 10 
primary 'Golding, M.'         0009-0004-7472-8333 11 
primary 'Koekemoer, L.'       0000-0001-9226-9127 12 
primary 'Williams, E.P.'      0000-0002-1331-9518 13 
primary 'Wang, S.'            ?                   14 
primary 'Ni, X.'              0000-0002-7769-8297 15 
primary 'MacLean, E.'         0000-0003-1680-4292 16 
primary 'Giroud, C.'          0000-0002-1629-1581 17 
primary 'Godoy, A.S.'         0000-0002-0613-9164 18 
primary 'Xavier, M.A.'        0000-0002-1709-9479 19 
primary 'Walsh, M.'           0000-0001-5683-1151 20 
primary 'Fearon, D.'          0000-0003-3529-7863 21 
primary 'von Delft, F.'       0000-0003-0378-0017 22 
# 
loop_
_entity.id 
_entity.type 
_entity.src_method 
_entity.pdbx_description 
_entity.formula_weight 
_entity.pdbx_number_of_molecules 
_entity.pdbx_ec 
_entity.pdbx_mutation 
_entity.pdbx_fragment 
_entity.details 
1 polymer     man 'Protease 2A'        16493.311 1   3.4.22.29 ? ? ? 
2 non-polymer man imidazolidin-2-one   86.093    2   ?         ? ? ? 
3 non-polymer syn 'ZINC ION'           65.409    1   ?         ? ? ? 
4 non-polymer syn 'DIMETHYL SULFOXIDE' 78.133    5   ?         ? ? ? 
5 non-polymer syn 'SULFATE ION'        96.063    1   ?         ? ? ? 
6 water       nat water                18.015    254 ?         ? ? ? 
# 
_entity_name_com.entity_id   1 
_entity_name_com.name        'P2A,Picornain 2A,Protein 2A' 
# 
_entity_poly.entity_id                      1 
_entity_poly.type                           'polypeptide(L)' 
_entity_poly.nstd_linkage                   no 
_entity_poly.nstd_monomer                   no 
_entity_poly.pdbx_seq_one_letter_code       
;QEQTGGSGAIYVGNYRVVNRHLATHNDWANLVWEDSSRDLLVSSTTAQGCDTIARCDCQTGVYYCSSRRKHYPVSFSKPS
LIFVEASEYYPARYQSHLMLAVGHSEPGDCGGILRCQHGVVGIVSTGGNGLVGFADVRDLLWLDEEAMEQ
;
_entity_poly.pdbx_seq_one_letter_code_can   
;QEQTGGSGAIYVGNYRVVNRHLATHNDWANLVWEDSSRDLLVSSTTAQGCDTIARCDCQTGVYYCSSRRKHYPVSFSKPS
LIFVEASEYYPARYQSHLMLAVGHSEPGDCGGILRCQHGVVGIVSTGGNGLVGFADVRDLLWLDEEAMEQ
;
_entity_poly.pdbx_strand_id                 A 
_entity_poly.pdbx_target_identifier         ? 
# 
loop_
_pdbx_entity_nonpoly.entity_id 
_pdbx_entity_nonpoly.name 
_pdbx_entity_nonpoly.comp_id 
2 imidazolidin-2-one   XJV 
3 'ZINC ION'           ZN  
4 'DIMETHYL SULFOXIDE' DMS 
5 'SULFATE ION'        SO4 
6 water                HOH 
# 
loop_
_entity_poly_seq.entity_id 
_entity_poly_seq.num 
_entity_poly_seq.mon_id 
_entity_poly_seq.hetero 
1 1   GLN n 
1 2   GLU n 
1 3   GLN n 
1 4   THR n 
1 5   GLY n 
1 6   GLY n 
1 7   SER n 
1 8   GLY n 
1 9   ALA n 
1 10  ILE n 
1 11  TYR n 
1 12  VAL n 
1 13  GLY n 
1 14  ASN n 
1 15  TYR n 
1 16  ARG n 
1 17  VAL n 
1 18  VAL n 
1 19  ASN n 
1 20  ARG n 
1 21  HIS n 
1 22  LEU n 
1 23  ALA n 
1 24  THR n 
1 25  HIS n 
1 26  ASN n 
1 27  ASP n 
1 28  TRP n 
1 29  ALA n 
1 30  ASN n 
1 31  LEU n 
1 32  VAL n 
1 33  TRP n 
1 34  GLU n 
1 35  ASP n 
1 36  SER n 
1 37  SER n 
1 38  ARG n 
1 39  ASP n 
1 40  LEU n 
1 41  LEU n 
1 42  VAL n 
1 43  SER n 
1 44  SER n 
1 45  THR n 
1 46  THR n 
1 47  ALA n 
1 48  GLN n 
1 49  GLY n 
1 50  CYS n 
1 51  ASP n 
1 52  THR n 
1 53  ILE n 
1 54  ALA n 
1 55  ARG n 
1 56  CYS n 
1 57  ASP n 
1 58  CYS n 
1 59  GLN n 
1 60  THR n 
1 61  GLY n 
1 62  VAL n 
1 63  TYR n 
1 64  TYR n 
1 65  CYS n 
1 66  SER n 
1 67  SER n 
1 68  ARG n 
1 69  ARG n 
1 70  LYS n 
1 71  HIS n 
1 72  TYR n 
1 73  PRO n 
1 74  VAL n 
1 75  SER n 
1 76  PHE n 
1 77  SER n 
1 78  LYS n 
1 79  PRO n 
1 80  SER n 
1 81  LEU n 
1 82  ILE n 
1 83  PHE n 
1 84  VAL n 
1 85  GLU n 
1 86  ALA n 
1 87  SER n 
1 88  GLU n 
1 89  TYR n 
1 90  TYR n 
1 91  PRO n 
1 92  ALA n 
1 93  ARG n 
1 94  TYR n 
1 95  GLN n 
1 96  SER n 
1 97  HIS n 
1 98  LEU n 
1 99  MET n 
1 100 LEU n 
1 101 ALA n 
1 102 VAL n 
1 103 GLY n 
1 104 HIS n 
1 105 SER n 
1 106 GLU n 
1 107 PRO n 
1 108 GLY n 
1 109 ASP n 
1 110 CYS n 
1 111 GLY n 
1 112 GLY n 
1 113 ILE n 
1 114 LEU n 
1 115 ARG n 
1 116 CYS n 
1 117 GLN n 
1 118 HIS n 
1 119 GLY n 
1 120 VAL n 
1 121 VAL n 
1 122 GLY n 
1 123 ILE n 
1 124 VAL n 
1 125 SER n 
1 126 THR n 
1 127 GLY n 
1 128 GLY n 
1 129 ASN n 
1 130 GLY n 
1 131 LEU n 
1 132 VAL n 
1 133 GLY n 
1 134 PHE n 
1 135 ALA n 
1 136 ASP n 
1 137 VAL n 
1 138 ARG n 
1 139 ASP n 
1 140 LEU n 
1 141 LEU n 
1 142 TRP n 
1 143 LEU n 
1 144 ASP n 
1 145 GLU n 
1 146 GLU n 
1 147 ALA n 
1 148 MET n 
1 149 GLU n 
1 150 GLN n 
# 
loop_
_entity_src_gen.entity_id 
_entity_src_gen.pdbx_src_id 
_entity_src_gen.pdbx_alt_source_flag 
_entity_src_gen.pdbx_seq_type 
_entity_src_gen.pdbx_beg_seq_num 
_entity_src_gen.pdbx_end_seq_num 
_entity_src_gen.gene_src_common_name 
_entity_src_gen.gene_src_genus 
_entity_src_gen.pdbx_gene_src_gene 
_entity_src_gen.gene_src_species 
_entity_src_gen.gene_src_strain 
_entity_src_gen.gene_src_tissue 
_entity_src_gen.gene_src_tissue_fraction 
_entity_src_gen.gene_src_details 
_entity_src_gen.pdbx_gene_src_fragment 
_entity_src_gen.pdbx_gene_src_scientific_name 
_entity_src_gen.pdbx_gene_src_ncbi_taxonomy_id 
_entity_src_gen.pdbx_gene_src_variant 
_entity_src_gen.pdbx_gene_src_cell_line 
_entity_src_gen.pdbx_gene_src_atcc 
_entity_src_gen.pdbx_gene_src_organ 
_entity_src_gen.pdbx_gene_src_organelle 
_entity_src_gen.pdbx_gene_src_cell 
_entity_src_gen.pdbx_gene_src_cellular_location 
_entity_src_gen.host_org_common_name 
_entity_src_gen.pdbx_host_org_scientific_name 
_entity_src_gen.pdbx_host_org_ncbi_taxonomy_id 
_entity_src_gen.host_org_genus 
_entity_src_gen.pdbx_host_org_gene 
_entity_src_gen.pdbx_host_org_organ 
_entity_src_gen.host_org_species 
_entity_src_gen.pdbx_host_org_tissue 
_entity_src_gen.pdbx_host_org_tissue_fraction 
_entity_src_gen.pdbx_host_org_strain 
_entity_src_gen.pdbx_host_org_variant 
_entity_src_gen.pdbx_host_org_cell_line 
_entity_src_gen.pdbx_host_org_atcc 
_entity_src_gen.pdbx_host_org_culture_collection 
_entity_src_gen.pdbx_host_org_cell 
_entity_src_gen.pdbx_host_org_organelle 
_entity_src_gen.pdbx_host_org_cellular_location 
_entity_src_gen.pdbx_host_org_vector_type 
_entity_src_gen.pdbx_host_org_vector 
_entity_src_gen.host_org_details 
_entity_src_gen.expression_system_id 
_entity_src_gen.plasmid_name 
_entity_src_gen.plasmid_details 
_entity_src_gen.pdbx_description 
1 1 sample 'Biological sequence' 1 150 ? ? ? ? ? ? ? ? ? 'Coxsackievirus A16' 31704 ? ? ? ? ? ? ? ? 'Escherichia coli' 562 ? ? ? ? 
? ? ? ? ? ? ? ? ? ? ? ? ? ? ? ? ? 
2 1 sample ?                     ? ?   ? ? ? ? ? ? ? ? ? 'Coxsackievirus A16' 31704 ? ? ? ? ? ? ? ? 'Escherichia coli' 562 ? ? ? ? 
? ? ? ? ? ? ? ? ? ? ? ? ? ? ? ? ? 
# 
loop_
_chem_comp.id 
_chem_comp.type 
_chem_comp.mon_nstd_flag 
_chem_comp.name 
_chem_comp.pdbx_synonyms 
_chem_comp.formula 
_chem_comp.formula_weight 
ALA 'L-peptide linking' y ALANINE              ? 'C3 H7 N O2'     89.093  
ARG 'L-peptide linking' y ARGININE             ? 'C6 H15 N4 O2 1' 175.209 
ASN 'L-peptide linking' y ASPARAGINE           ? 'C4 H8 N2 O3'    132.118 
ASP 'L-peptide linking' y 'ASPARTIC ACID'      ? 'C4 H7 N O4'     133.103 
CYS 'L-peptide linking' y CYSTEINE             ? 'C3 H7 N O2 S'   121.158 
DMS non-polymer         . 'DIMETHYL SULFOXIDE' ? 'C2 H6 O S'      78.133  
GLN 'L-peptide linking' y GLUTAMINE            ? 'C5 H10 N2 O3'   146.144 
GLU 'L-peptide linking' y 'GLUTAMIC ACID'      ? 'C5 H9 N O4'     147.129 
GLY 'peptide linking'   y GLYCINE              ? 'C2 H5 N O2'     75.067  
HIS 'L-peptide linking' y HISTIDINE            ? 'C6 H10 N3 O2 1' 156.162 
HOH non-polymer         . WATER                ? 'H2 O'           18.015  
ILE 'L-peptide linking' y ISOLEUCINE           ? 'C6 H13 N O2'    131.173 
LEU 'L-peptide linking' y LEUCINE              ? 'C6 H13 N O2'    131.173 
LYS 'L-peptide linking' y LYSINE               ? 'C6 H15 N2 O2 1' 147.195 
MET 'L-peptide linking' y METHIONINE           ? 'C5 H11 N O2 S'  149.211 
PHE 'L-peptide linking' y PHENYLALANINE        ? 'C9 H11 N O2'    165.189 
PRO 'L-peptide linking' y PROLINE              ? 'C5 H9 N O2'     115.130 
SER 'L-peptide linking' y SERINE               ? 'C3 H7 N O3'     105.093 
SO4 non-polymer         . 'SULFATE ION'        ? 'O4 S -2'        96.063  
THR 'L-peptide linking' y THREONINE            ? 'C4 H9 N O3'     119.119 
TRP 'L-peptide linking' y TRYPTOPHAN           ? 'C11 H12 N2 O2'  204.225 
TYR 'L-peptide linking' y TYROSINE             ? 'C9 H11 N O3'    181.189 
VAL 'L-peptide linking' y VALINE               ? 'C5 H11 N O2'    117.146 
XJV non-polymer         . imidazolidin-2-one   ? 'C3 H6 N2 O'     86.093  
ZN  non-polymer         . 'ZINC ION'           ? 'Zn 2'           65.409  
# 
loop_
_pdbx_poly_seq_scheme.asym_id 
_pdbx_poly_seq_scheme.entity_id 
_pdbx_poly_seq_scheme.seq_id 
_pdbx_poly_seq_scheme.mon_id 
_pdbx_poly_seq_scheme.ndb_seq_num 
_pdbx_poly_seq_scheme.pdb_seq_num 
_pdbx_poly_seq_scheme.auth_seq_num 
_pdbx_poly_seq_scheme.pdb_mon_id 
_pdbx_poly_seq_scheme.auth_mon_id 
_pdbx_poly_seq_scheme.pdb_strand_id 
_pdbx_poly_seq_scheme.pdb_ins_code 
_pdbx_poly_seq_scheme.hetero 
A 1 1   GLN 1   1   ?   ?   ?   A . n 
A 1 2   GLU 2   2   ?   ?   ?   A . n 
A 1 3   GLN 3   3   ?   ?   ?   A . n 
A 1 4   THR 4   4   ?   ?   ?   A . n 
A 1 5   GLY 5   5   ?   ?   ?   A . n 
A 1 6   GLY 6   6   ?   ?   ?   A . n 
A 1 7   SER 7   7   7   SER SER A . n 
A 1 8   GLY 8   8   8   GLY GLY A . n 
A 1 9   ALA 9   9   9   ALA ALA A . n 
A 1 10  ILE 10  10  10  ILE ILE A . n 
A 1 11  TYR 11  11  11  TYR TYR A . n 
A 1 12  VAL 12  12  12  VAL VAL A . n 
A 1 13  GLY 13  13  13  GLY GLY A . n 
A 1 14  ASN 14  14  14  ASN ASN A . n 
A 1 15  TYR 15  15  15  TYR TYR A . n 
A 1 16  ARG 16  16  16  ARG ARG A . n 
A 1 17  VAL 17  17  17  VAL VAL A . n 
A 1 18  VAL 18  18  18  VAL VAL A . n 
A 1 19  ASN 19  19  19  ASN ASN A . n 
A 1 20  ARG 20  20  20  ARG ARG A . n 
A 1 21  HIS 21  21  21  HIS HIS A . n 
A 1 22  LEU 22  22  22  LEU LEU A . n 
A 1 23  ALA 23  23  23  ALA ALA A . n 
A 1 24  THR 24  24  24  THR THR A . n 
A 1 25  HIS 25  25  25  HIS HIS A . n 
A 1 26  ASN 26  26  26  ASN ASN A . n 
A 1 27  ASP 27  27  27  ASP ASP A . n 
A 1 28  TRP 28  28  28  TRP TRP A . n 
A 1 29  ALA 29  29  29  ALA ALA A . n 
A 1 30  ASN 30  30  30  ASN ASN A . n 
A 1 31  LEU 31  31  31  LEU LEU A . n 
A 1 32  VAL 32  32  32  VAL VAL A . n 
A 1 33  TRP 33  33  33  TRP TRP A . n 
A 1 34  GLU 34  34  34  GLU GLU A . n 
A 1 35  ASP 35  35  35  ASP ASP A . n 
A 1 36  SER 36  36  36  SER SER A . n 
A 1 37  SER 37  37  37  SER SER A . n 
A 1 38  ARG 38  38  38  ARG ARG A . n 
A 1 39  ASP 39  39  39  ASP ASP A . n 
A 1 40  LEU 40  40  40  LEU LEU A . n 
A 1 41  LEU 41  41  41  LEU LEU A . n 
A 1 42  VAL 42  42  42  VAL VAL A . n 
A 1 43  SER 43  43  43  SER SER A . n 
A 1 44  SER 44  44  44  SER SER A . n 
A 1 45  THR 45  45  45  THR THR A . n 
A 1 46  THR 46  46  46  THR THR A . n 
A 1 47  ALA 47  47  47  ALA ALA A . n 
A 1 48  GLN 48  48  48  GLN GLN A . n 
A 1 49  GLY 49  49  49  GLY GLY A . n 
A 1 50  CYS 50  50  50  CYS CYS A . n 
A 1 51  ASP 51  51  51  ASP ASP A . n 
A 1 52  THR 52  52  52  THR THR A . n 
A 1 53  ILE 53  53  53  ILE ILE A . n 
A 1 54  ALA 54  54  54  ALA ALA A . n 
A 1 55  ARG 55  55  55  ARG ARG A . n 
A 1 56  CYS 56  56  56  CYS CYS A . n 
A 1 57  ASP 57  57  57  ASP ASP A . n 
A 1 58  CYS 58  58  58  CYS CYS A . n 
A 1 59  GLN 59  59  59  GLN GLN A . n 
A 1 60  THR 60  60  60  THR THR A . n 
A 1 61  GLY 61  61  61  GLY GLY A . n 
A 1 62  VAL 62  62  62  VAL VAL A . n 
A 1 63  TYR 63  63  63  TYR TYR A . n 
A 1 64  TYR 64  64  64  TYR TYR A . n 
A 1 65  CYS 65  65  65  CYS CYS A . n 
A 1 66  SER 66  66  66  SER SER A . n 
A 1 67  SER 67  67  67  SER SER A . n 
A 1 68  ARG 68  68  68  ARG ARG A . n 
A 1 69  ARG 69  69  69  ARG ARG A . n 
A 1 70  LYS 70  70  70  LYS LYS A . n 
A 1 71  HIS 71  71  71  HIS HIS A . n 
A 1 72  TYR 72  72  72  TYR TYR A . n 
A 1 73  PRO 73  73  73  PRO PRO A . n 
A 1 74  VAL 74  74  74  VAL VAL A . n 
A 1 75  SER 75  75  75  SER SER A . n 
A 1 76  PHE 76  76  76  PHE PHE A . n 
A 1 77  SER 77  77  77  SER SER A . n 
A 1 78  LYS 78  78  78  LYS LYS A . n 
A 1 79  PRO 79  79  79  PRO PRO A . n 
A 1 80  SER 80  80  80  SER SER A . n 
A 1 81  LEU 81  81  81  LEU LEU A . n 
A 1 82  ILE 82  82  82  ILE ILE A . n 
A 1 83  PHE 83  83  83  PHE PHE A . n 
A 1 84  VAL 84  84  84  VAL VAL A . n 
A 1 85  GLU 85  85  85  GLU GLU A . n 
A 1 86  ALA 86  86  86  ALA ALA A . n 
A 1 87  SER 87  87  87  SER SER A . n 
A 1 88  GLU 88  88  88  GLU GLU A . n 
A 1 89  TYR 89  89  89  TYR TYR A . n 
A 1 90  TYR 90  90  90  TYR TYR A . n 
A 1 91  PRO 91  91  91  PRO PRO A . n 
A 1 92  ALA 92  92  92  ALA ALA A . n 
A 1 93  ARG 93  93  93  ARG ARG A . n 
A 1 94  TYR 94  94  94  TYR TYR A . n 
A 1 95  GLN 95  95  95  GLN GLN A . n 
A 1 96  SER 96  96  96  SER SER A . n 
A 1 97  HIS 97  97  97  HIS HIS A . n 
A 1 98  LEU 98  98  98  LEU LEU A . n 
A 1 99  MET 99  99  99  MET MET A . n 
A 1 100 LEU 100 100 100 LEU LEU A . n 
A 1 101 ALA 101 101 101 ALA ALA A . n 
A 1 102 VAL 102 102 102 VAL VAL A . n 
A 1 103 GLY 103 103 103 GLY GLY A . n 
A 1 104 HIS 104 104 104 HIS HIS A . n 
A 1 105 SER 105 105 105 SER SER A . n 
A 1 106 GLU 106 106 106 GLU GLU A . n 
A 1 107 PRO 107 107 107 PRO PRO A . n 
A 1 108 GLY 108 108 108 GLY GLY A . n 
A 1 109 ASP 109 109 109 ASP ASP A . n 
A 1 110 CYS 110 110 110 CYS CYS A . n 
A 1 111 GLY 111 111 111 GLY GLY A . n 
A 1 112 GLY 112 112 112 GLY GLY A . n 
A 1 113 ILE 113 113 113 ILE ILE A . n 
A 1 114 LEU 114 114 114 LEU LEU A . n 
A 1 115 ARG 115 115 115 ARG ARG A . n 
A 1 116 CYS 116 116 116 CYS CYS A . n 
A 1 117 GLN 117 117 117 GLN GLN A . n 
A 1 118 HIS 118 118 118 HIS HIS A . n 
A 1 119 GLY 119 119 119 GLY GLY A . n 
A 1 120 VAL 120 120 120 VAL VAL A . n 
A 1 121 VAL 121 121 121 VAL VAL A . n 
A 1 122 GLY 122 122 122 GLY GLY A . n 
A 1 123 ILE 123 123 123 ILE ILE A . n 
A 1 124 VAL 124 124 124 VAL VAL A . n 
A 1 125 SER 125 125 125 SER SER A . n 
A 1 126 THR 126 126 126 THR THR A . n 
A 1 127 GLY 127 127 127 GLY GLY A . n 
A 1 128 GLY 128 128 128 GLY GLY A . n 
A 1 129 ASN 129 129 129 ASN ASN A . n 
A 1 130 GLY 130 130 130 GLY GLY A . n 
A 1 131 LEU 131 131 131 LEU LEU A . n 
A 1 132 VAL 132 132 132 VAL VAL A . n 
A 1 133 GLY 133 133 133 GLY GLY A . n 
A 1 134 PHE 134 134 134 PHE PHE A . n 
A 1 135 ALA 135 135 135 ALA ALA A . n 
A 1 136 ASP 136 136 136 ASP ASP A . n 
A 1 137 VAL 137 137 137 VAL VAL A . n 
A 1 138 ARG 138 138 138 ARG ARG A . n 
A 1 139 ASP 139 139 139 ASP ASP A . n 
A 1 140 LEU 140 140 140 LEU LEU A . n 
A 1 141 LEU 141 141 141 LEU LEU A . n 
A 1 142 TRP 142 142 142 TRP TRP A . n 
A 1 143 LEU 143 143 143 LEU LEU A . n 
A 1 144 ASP 144 144 144 ASP ASP A . n 
A 1 145 GLU 145 145 145 GLU GLU A . n 
A 1 146 GLU 146 146 146 GLU GLU A . n 
A 1 147 ALA 147 147 ?   ?   ?   A . n 
A 1 148 MET 148 148 ?   ?   ?   A . n 
A 1 149 GLU 149 149 ?   ?   ?   A . n 
A 1 150 GLN 150 150 ?   ?   ?   A . n 
# 
loop_
_pdbx_nonpoly_scheme.asym_id 
_pdbx_nonpoly_scheme.entity_id 
_pdbx_nonpoly_scheme.mon_id 
_pdbx_nonpoly_scheme.ndb_seq_num 
_pdbx_nonpoly_scheme.pdb_seq_num 
_pdbx_nonpoly_scheme.auth_seq_num 
_pdbx_nonpoly_scheme.pdb_mon_id 
_pdbx_nonpoly_scheme.auth_mon_id 
_pdbx_nonpoly_scheme.pdb_strand_id 
_pdbx_nonpoly_scheme.pdb_ins_code 
B 2 XJV 1   201 147 XJV LIG A . 
C 2 XJV 1   202 201 XJV LIG A . 
D 3 ZN  1   203 1   ZN  ZN  A . 
E 4 DMS 1   204 -1  DMS DMS A . 
F 4 DMS 1   205 0   DMS DMS A . 
G 4 DMS 1   206 1   DMS DMS A . 
H 4 DMS 1   207 3   DMS DMS A . 
I 4 DMS 1   208 6   DMS DMS A . 
J 5 SO4 1   209 1   SO4 SO4 A . 
K 6 HOH 1   301 227 HOH HOH A . 
K 6 HOH 2   302 137 HOH HOH A . 
K 6 HOH 3   303 3   HOH HOH A . 
K 6 HOH 4   304 180 HOH HOH A . 
K 6 HOH 5   305 125 HOH HOH A . 
K 6 HOH 6   306 234 HOH HOH A . 
K 6 HOH 7   307 282 HOH HOH A . 
K 6 HOH 8   308 186 HOH HOH A . 
K 6 HOH 9   309 183 HOH HOH A . 
K 6 HOH 10  310 263 HOH HOH A . 
K 6 HOH 11  311 107 HOH HOH A . 
K 6 HOH 12  312 36  HOH HOH A . 
K 6 HOH 13  313 193 HOH HOH A . 
K 6 HOH 14  314 34  HOH HOH A . 
K 6 HOH 15  315 272 HOH HOH A . 
K 6 HOH 16  316 279 HOH HOH A . 
K 6 HOH 17  317 276 HOH HOH A . 
K 6 HOH 18  318 93  HOH HOH A . 
K 6 HOH 19  319 173 HOH HOH A . 
K 6 HOH 20  320 103 HOH HOH A . 
K 6 HOH 21  321 104 HOH HOH A . 
K 6 HOH 22  322 251 HOH HOH A . 
K 6 HOH 23  323 229 HOH HOH A . 
K 6 HOH 24  324 67  HOH HOH A . 
K 6 HOH 25  325 116 HOH HOH A . 
K 6 HOH 26  326 219 HOH HOH A . 
K 6 HOH 27  327 147 HOH HOH A . 
K 6 HOH 28  328 96  HOH HOH A . 
K 6 HOH 29  329 77  HOH HOH A . 
K 6 HOH 30  330 59  HOH HOH A . 
K 6 HOH 31  331 181 HOH HOH A . 
K 6 HOH 32  332 148 HOH HOH A . 
K 6 HOH 33  333 4   HOH HOH A . 
K 6 HOH 34  334 168 HOH HOH A . 
K 6 HOH 35  335 133 HOH HOH A . 
K 6 HOH 36  336 109 HOH HOH A . 
K 6 HOH 37  337 249 HOH HOH A . 
K 6 HOH 38  338 68  HOH HOH A . 
K 6 HOH 39  339 46  HOH HOH A . 
K 6 HOH 40  340 259 HOH HOH A . 
K 6 HOH 41  341 70  HOH HOH A . 
K 6 HOH 42  342 57  HOH HOH A . 
K 6 HOH 43  343 141 HOH HOH A . 
K 6 HOH 44  344 217 HOH HOH A . 
K 6 HOH 45  345 264 HOH HOH A . 
K 6 HOH 46  346 152 HOH HOH A . 
K 6 HOH 47  347 28  HOH HOH A . 
K 6 HOH 48  348 60  HOH HOH A . 
K 6 HOH 49  349 88  HOH HOH A . 
K 6 HOH 50  350 211 HOH HOH A . 
K 6 HOH 51  351 121 HOH HOH A . 
K 6 HOH 52  352 33  HOH HOH A . 
K 6 HOH 53  353 91  HOH HOH A . 
K 6 HOH 54  354 16  HOH HOH A . 
K 6 HOH 55  355 94  HOH HOH A . 
K 6 HOH 56  356 21  HOH HOH A . 
K 6 HOH 57  357 37  HOH HOH A . 
K 6 HOH 58  358 27  HOH HOH A . 
K 6 HOH 59  359 124 HOH HOH A . 
K 6 HOH 60  360 274 HOH HOH A . 
K 6 HOH 61  361 161 HOH HOH A . 
K 6 HOH 62  362 30  HOH HOH A . 
K 6 HOH 63  363 26  HOH HOH A . 
K 6 HOH 64  364 13  HOH HOH A . 
K 6 HOH 65  365 191 HOH HOH A . 
K 6 HOH 66  366 144 HOH HOH A . 
K 6 HOH 67  367 43  HOH HOH A . 
K 6 HOH 68  368 178 HOH HOH A . 
K 6 HOH 69  369 24  HOH HOH A . 
K 6 HOH 70  370 119 HOH HOH A . 
K 6 HOH 71  371 111 HOH HOH A . 
K 6 HOH 72  372 81  HOH HOH A . 
K 6 HOH 73  373 82  HOH HOH A . 
K 6 HOH 74  374 2   HOH HOH A . 
K 6 HOH 75  375 169 HOH HOH A . 
K 6 HOH 76  376 7   HOH HOH A . 
K 6 HOH 77  377 53  HOH HOH A . 
K 6 HOH 78  378 97  HOH HOH A . 
K 6 HOH 79  379 49  HOH HOH A . 
K 6 HOH 80  380 45  HOH HOH A . 
K 6 HOH 81  381 275 HOH HOH A . 
K 6 HOH 82  382 52  HOH HOH A . 
K 6 HOH 83  383 9   HOH HOH A . 
K 6 HOH 84  384 216 HOH HOH A . 
K 6 HOH 85  385 197 HOH HOH A . 
K 6 HOH 86  386 265 HOH HOH A . 
K 6 HOH 87  387 182 HOH HOH A . 
K 6 HOH 88  388 112 HOH HOH A . 
K 6 HOH 89  389 184 HOH HOH A . 
K 6 HOH 90  390 39  HOH HOH A . 
K 6 HOH 91  391 72  HOH HOH A . 
K 6 HOH 92  392 25  HOH HOH A . 
K 6 HOH 93  393 266 HOH HOH A . 
K 6 HOH 94  394 50  HOH HOH A . 
K 6 HOH 95  395 167 HOH HOH A . 
K 6 HOH 96  396 106 HOH HOH A . 
K 6 HOH 97  397 14  HOH HOH A . 
K 6 HOH 98  398 29  HOH HOH A . 
K 6 HOH 99  399 252 HOH HOH A . 
K 6 HOH 100 400 12  HOH HOH A . 
K 6 HOH 101 401 113 HOH HOH A . 
K 6 HOH 102 402 18  HOH HOH A . 
K 6 HOH 103 403 65  HOH HOH A . 
K 6 HOH 104 404 257 HOH HOH A . 
K 6 HOH 105 405 15  HOH HOH A . 
K 6 HOH 106 406 90  HOH HOH A . 
K 6 HOH 107 407 48  HOH HOH A . 
K 6 HOH 108 408 19  HOH HOH A . 
K 6 HOH 109 409 118 HOH HOH A . 
K 6 HOH 110 410 233 HOH HOH A . 
K 6 HOH 111 411 155 HOH HOH A . 
K 6 HOH 112 412 174 HOH HOH A . 
K 6 HOH 113 413 84  HOH HOH A . 
K 6 HOH 114 414 267 HOH HOH A . 
K 6 HOH 115 415 63  HOH HOH A . 
K 6 HOH 116 416 170 HOH HOH A . 
K 6 HOH 117 417 66  HOH HOH A . 
K 6 HOH 118 418 41  HOH HOH A . 
K 6 HOH 119 419 58  HOH HOH A . 
K 6 HOH 120 420 146 HOH HOH A . 
K 6 HOH 121 421 71  HOH HOH A . 
K 6 HOH 122 422 100 HOH HOH A . 
K 6 HOH 123 423 55  HOH HOH A . 
K 6 HOH 124 424 126 HOH HOH A . 
K 6 HOH 125 425 62  HOH HOH A . 
K 6 HOH 126 426 179 HOH HOH A . 
K 6 HOH 127 427 42  HOH HOH A . 
K 6 HOH 128 428 176 HOH HOH A . 
K 6 HOH 129 429 8   HOH HOH A . 
K 6 HOH 130 430 198 HOH HOH A . 
K 6 HOH 131 431 54  HOH HOH A . 
K 6 HOH 132 432 132 HOH HOH A . 
K 6 HOH 133 433 20  HOH HOH A . 
K 6 HOH 134 434 79  HOH HOH A . 
K 6 HOH 135 435 51  HOH HOH A . 
K 6 HOH 136 436 105 HOH HOH A . 
K 6 HOH 137 437 95  HOH HOH A . 
K 6 HOH 138 438 38  HOH HOH A . 
K 6 HOH 139 439 214 HOH HOH A . 
K 6 HOH 140 440 17  HOH HOH A . 
K 6 HOH 141 441 31  HOH HOH A . 
K 6 HOH 142 442 11  HOH HOH A . 
K 6 HOH 143 443 204 HOH HOH A . 
K 6 HOH 144 444 5   HOH HOH A . 
K 6 HOH 145 445 138 HOH HOH A . 
K 6 HOH 146 446 260 HOH HOH A . 
K 6 HOH 147 447 80  HOH HOH A . 
K 6 HOH 148 448 237 HOH HOH A . 
K 6 HOH 149 449 78  HOH HOH A . 
K 6 HOH 150 450 203 HOH HOH A . 
K 6 HOH 151 451 10  HOH HOH A . 
K 6 HOH 152 452 256 HOH HOH A . 
K 6 HOH 153 453 120 HOH HOH A . 
K 6 HOH 154 454 61  HOH HOH A . 
K 6 HOH 155 455 123 HOH HOH A . 
K 6 HOH 156 456 102 HOH HOH A . 
K 6 HOH 157 457 23  HOH HOH A . 
K 6 HOH 158 458 64  HOH HOH A . 
K 6 HOH 159 459 220 HOH HOH A . 
K 6 HOH 160 460 76  HOH HOH A . 
K 6 HOH 161 461 248 HOH HOH A . 
K 6 HOH 162 462 254 HOH HOH A . 
K 6 HOH 163 463 47  HOH HOH A . 
K 6 HOH 164 464 89  HOH HOH A . 
K 6 HOH 165 465 159 HOH HOH A . 
K 6 HOH 166 466 150 HOH HOH A . 
K 6 HOH 167 467 230 HOH HOH A . 
K 6 HOH 168 468 35  HOH HOH A . 
K 6 HOH 169 469 278 HOH HOH A . 
K 6 HOH 170 470 280 HOH HOH A . 
K 6 HOH 171 471 6   HOH HOH A . 
K 6 HOH 172 472 69  HOH HOH A . 
K 6 HOH 173 473 74  HOH HOH A . 
K 6 HOH 174 474 231 HOH HOH A . 
K 6 HOH 175 475 250 HOH HOH A . 
K 6 HOH 176 476 212 HOH HOH A . 
K 6 HOH 177 477 135 HOH HOH A . 
K 6 HOH 178 478 156 HOH HOH A . 
K 6 HOH 179 479 136 HOH HOH A . 
K 6 HOH 180 480 245 HOH HOH A . 
K 6 HOH 181 481 128 HOH HOH A . 
K 6 HOH 182 482 192 HOH HOH A . 
K 6 HOH 183 483 201 HOH HOH A . 
K 6 HOH 184 484 101 HOH HOH A . 
K 6 HOH 185 485 127 HOH HOH A . 
K 6 HOH 186 486 195 HOH HOH A . 
K 6 HOH 187 487 200 HOH HOH A . 
K 6 HOH 188 488 22  HOH HOH A . 
K 6 HOH 189 489 271 HOH HOH A . 
K 6 HOH 190 490 98  HOH HOH A . 
K 6 HOH 191 491 213 HOH HOH A . 
K 6 HOH 192 492 255 HOH HOH A . 
K 6 HOH 193 493 226 HOH HOH A . 
K 6 HOH 194 494 157 HOH HOH A . 
K 6 HOH 195 495 246 HOH HOH A . 
K 6 HOH 196 496 261 HOH HOH A . 
K 6 HOH 197 497 171 HOH HOH A . 
K 6 HOH 198 498 175 HOH HOH A . 
K 6 HOH 199 499 151 HOH HOH A . 
K 6 HOH 200 500 117 HOH HOH A . 
K 6 HOH 201 501 277 HOH HOH A . 
K 6 HOH 202 502 228 HOH HOH A . 
K 6 HOH 203 503 158 HOH HOH A . 
K 6 HOH 204 504 110 HOH HOH A . 
K 6 HOH 205 505 247 HOH HOH A . 
K 6 HOH 206 506 140 HOH HOH A . 
K 6 HOH 207 507 99  HOH HOH A . 
K 6 HOH 208 508 87  HOH HOH A . 
K 6 HOH 209 509 207 HOH HOH A . 
K 6 HOH 210 510 232 HOH HOH A . 
K 6 HOH 211 511 241 HOH HOH A . 
K 6 HOH 212 512 218 HOH HOH A . 
K 6 HOH 213 513 134 HOH HOH A . 
K 6 HOH 214 514 268 HOH HOH A . 
K 6 HOH 215 515 258 HOH HOH A . 
K 6 HOH 216 516 240 HOH HOH A . 
K 6 HOH 217 517 86  HOH HOH A . 
K 6 HOH 218 518 189 HOH HOH A . 
K 6 HOH 219 519 172 HOH HOH A . 
K 6 HOH 220 520 163 HOH HOH A . 
K 6 HOH 221 521 122 HOH HOH A . 
K 6 HOH 222 522 142 HOH HOH A . 
K 6 HOH 223 523 269 HOH HOH A . 
K 6 HOH 224 524 273 HOH HOH A . 
K 6 HOH 225 525 253 HOH HOH A . 
K 6 HOH 226 526 153 HOH HOH A . 
K 6 HOH 227 527 202 HOH HOH A . 
K 6 HOH 228 528 209 HOH HOH A . 
K 6 HOH 229 529 236 HOH HOH A . 
K 6 HOH 230 530 165 HOH HOH A . 
K 6 HOH 231 531 210 HOH HOH A . 
K 6 HOH 232 532 32  HOH HOH A . 
K 6 HOH 233 533 83  HOH HOH A . 
K 6 HOH 234 534 85  HOH HOH A . 
K 6 HOH 235 535 187 HOH HOH A . 
K 6 HOH 236 536 221 HOH HOH A . 
K 6 HOH 237 537 185 HOH HOH A . 
K 6 HOH 238 538 75  HOH HOH A . 
K 6 HOH 239 539 114 HOH HOH A . 
K 6 HOH 240 540 56  HOH HOH A . 
K 6 HOH 241 541 208 HOH HOH A . 
K 6 HOH 242 542 73  HOH HOH A . 
K 6 HOH 243 543 281 HOH HOH A . 
K 6 HOH 244 544 235 HOH HOH A . 
K 6 HOH 245 545 92  HOH HOH A . 
K 6 HOH 246 546 206 HOH HOH A . 
K 6 HOH 247 547 199 HOH HOH A . 
K 6 HOH 248 548 223 HOH HOH A . 
K 6 HOH 249 549 262 HOH HOH A . 
K 6 HOH 250 550 222 HOH HOH A . 
K 6 HOH 251 551 243 HOH HOH A . 
K 6 HOH 252 552 160 HOH HOH A . 
K 6 HOH 253 553 270 HOH HOH A . 
K 6 HOH 254 554 164 HOH HOH A . 
# 
loop_
_software.classification 
_software.name 
_software.version 
_software.citation_id 
_software.pdbx_ordinal 
refinement       REFMAC  5.8.0267 ? 1 
refinement       REFMAC5 .        ? 2 
'data scaling'   Aimless .        ? 3 
phasing          PHASER  .        ? 4 
'data reduction' XDS     .        ? 5 
# 
_cell.entry_id           7H4R 
_cell.length_a           85.764 
_cell.length_b           56.547 
_cell.length_c           32.393 
_cell.angle_alpha        90.00 
_cell.angle_beta         95.14 
_cell.angle_gamma        90.00 
_cell.Z_PDB              4 
_cell.pdbx_unique_axis   ? 
# 
_symmetry.entry_id                         7H4R 
_symmetry.space_group_name_H-M             'C 1 2 1' 
_symmetry.pdbx_full_space_group_name_H-M   ? 
_symmetry.cell_setting                     ? 
_symmetry.Int_Tables_number                5 
# 
_exptl.entry_id          7H4R 
_exptl.method            'X-RAY DIFFRACTION' 
_exptl.crystals_number   1 
# 
_exptl_crystal.id                    1 
_exptl_crystal.density_meas          ? 
_exptl_crystal.density_Matthews      2.37 
_exptl_crystal.density_percent_sol   48.14 
_exptl_crystal.description           ? 
# 
_exptl_crystal_grow.crystal_id      1 
_exptl_crystal_grow.method          'VAPOR DIFFUSION, SITTING DROP' 
_exptl_crystal_grow.pH              6.05 
_exptl_crystal_grow.temp            293.15 
_exptl_crystal_grow.pdbx_details    '0.1 M MES, pH 6.05, 16 % PEG 20,000' 
_exptl_crystal_grow.temp_details    ? 
_exptl_crystal_grow.pdbx_pH_range   ? 
# 
_diffrn.id                     1 
_diffrn.ambient_temp           100 
_diffrn.crystal_id             1 
_diffrn.ambient_temp_details   ? 
# 
_diffrn_detector.detector               PIXEL 
_diffrn_detector.type                   'DECTRIS EIGER2 XE 16M' 
_diffrn_detector.pdbx_collection_date   2023-12-03 
_diffrn_detector.diffrn_id              1 
_diffrn_detector.details                ? 
# 
_diffrn_radiation.diffrn_id                        1 
_diffrn_radiation.wavelength_id                    1 
_diffrn_radiation.pdbx_diffrn_protocol             'SINGLE WAVELENGTH' 
_diffrn_radiation.pdbx_monochromatic_or_laue_m_l   ? 
_diffrn_radiation.monochromator                    ? 
_diffrn_radiation.pdbx_scattering_type             x-ray 
# 
_diffrn_radiation_wavelength.id           1 
_diffrn_radiation_wavelength.wavelength   0.94054 
_diffrn_radiation_wavelength.wt           1.0 
# 
_diffrn_source.diffrn_id                   1 
_diffrn_source.source                      SYNCHROTRON 
_diffrn_source.type                        'DIAMOND BEAMLINE I03' 
_diffrn_source.pdbx_wavelength_list        0.94054 
_diffrn_source.pdbx_synchrotron_site       Diamond 
_diffrn_source.pdbx_synchrotron_beamline   I03 
_diffrn_source.pdbx_wavelength             ? 
# 
_reflns.entry_id                     7H4R 
_reflns.pdbx_diffrn_id               1 
_reflns.pdbx_ordinal                 1 
_reflns.d_resolution_low             47.17 
_reflns.d_resolution_high            1.09 
_reflns.number_obs                   61439 
_reflns.percent_possible_obs         95.8 
_reflns.pdbx_Rmerge_I_obs            0.106 
_reflns.pdbx_netI_over_sigmaI        8.0 
_reflns.pdbx_redundancy              6.4 
_reflns.pdbx_Rrim_I_all              0.115 
_reflns.pdbx_Rpim_I_all              0.044 
_reflns.pdbx_CC_half                 0.998 
_reflns.pdbx_number_measured_all     394358 
_reflns.pdbx_chi_squared             0.49 
_reflns.observed_criterion_sigma_I   ? 
_reflns.observed_criterion_sigma_F   ? 
_reflns.number_all                   ? 
_reflns.pdbx_Rsym_value              ? 
_reflns.B_iso_Wilson_estimate        ? 
# 
_reflns_shell.pdbx_diffrn_id              1 
_reflns_shell.pdbx_ordinal                1 
_reflns_shell.d_res_high                  1.09 
_reflns_shell.d_res_low                   1.11 
_reflns_shell.number_measured_all         8499 
_reflns_shell.number_unique_obs           2115 
_reflns_shell.Rmerge_I_obs                2.560 
_reflns_shell.pdbx_chi_squared            0.17 
_reflns_shell.pdbx_redundancy             4.0 
_reflns_shell.percent_possible_obs        64.7 
_reflns_shell.pdbx_netI_over_sigmaI_obs   0.3 
_reflns_shell.pdbx_Rrim_I_all             2.938 
_reflns_shell.pdbx_Rpim_I_all             1.418 
_reflns_shell.pdbx_CC_half                0.273 
_reflns_shell.percent_possible_all        ? 
_reflns_shell.pdbx_Rsym_value             ? 
_reflns_shell.meanI_over_sigI_obs         ? 
# 
_refine.pdbx_refine_id                           'X-RAY DIFFRACTION' 
_refine.entry_id                                 7H4R 
_refine.pdbx_diffrn_id                           1 
_refine.pdbx_TLS_residual_ADP_flag               ? 
_refine.ls_number_reflns_obs                     57060 
_refine.ls_number_reflns_all                     ? 
_refine.pdbx_ls_sigma_I                          ? 
_refine.pdbx_ls_sigma_F                          ? 
_refine.pdbx_data_cutoff_high_absF               ? 
_refine.pdbx_data_cutoff_low_absF                ? 
_refine.pdbx_data_cutoff_high_rms_absF           ? 
_refine.ls_d_res_low                             47.15 
_refine.ls_d_res_high                            1.09 
_refine.ls_percent_reflns_obs                    93.41 
_refine.ls_R_factor_obs                          0.18793 
_refine.ls_R_factor_all                          ? 
_refine.ls_R_factor_R_work                       0.18689 
_refine.ls_R_factor_R_free                       0.20742 
_refine.ls_R_factor_R_free_error                 ? 
_refine.ls_R_factor_R_free_error_details         ? 
_refine.ls_percent_reflns_R_free                 4.9 
_refine.ls_number_reflns_R_free                  2941 
_refine.ls_number_parameters                     ? 
_refine.ls_number_restraints                     ? 
_refine.occupancy_min                            ? 
_refine.occupancy_max                            ? 
_refine.correlation_coeff_Fo_to_Fc               0.976 
_refine.correlation_coeff_Fo_to_Fc_free          0.967 
_refine.B_iso_mean                               17.128 
_refine.aniso_B[1][1]                            0.15 
_refine.aniso_B[2][2]                            0.75 
_refine.aniso_B[3][3]                            -0.82 
_refine.aniso_B[1][2]                            0.00 
_refine.aniso_B[1][3]                            -0.34 
_refine.aniso_B[2][3]                            0.00 
_refine.solvent_model_details                    MASK 
_refine.solvent_model_param_ksol                 ? 
_refine.solvent_model_param_bsol                 ? 
_refine.pdbx_solvent_vdw_probe_radii             1.20 
_refine.pdbx_solvent_ion_probe_radii             0.80 
_refine.pdbx_solvent_shrinkage_radii             0.80 
_refine.pdbx_ls_cross_valid_method               THROUGHOUT 
_refine.details                                  'HYDROGENS HAVE BEEN ADDED IN THE RIDING POSITIONS' 
_refine.pdbx_starting_model                      ? 
_refine.pdbx_method_to_determine_struct          'MOLECULAR REPLACEMENT' 
_refine.pdbx_isotropic_thermal_model             ? 
_refine.pdbx_stereochemistry_target_values       'MAXIMUM LIKELIHOOD' 
_refine.pdbx_stereochem_target_val_spec_case     ? 
_refine.pdbx_R_Free_selection_details            RANDOM 
_refine.pdbx_overall_ESU_R                       0.039 
_refine.pdbx_overall_ESU_R_Free                  0.040 
_refine.overall_SU_ML                            0.048 
_refine.pdbx_overall_phase_error                 ? 
_refine.overall_SU_B                             1.135 
_refine.overall_SU_R_Cruickshank_DPI             ? 
_refine.pdbx_overall_SU_R_free_Cruickshank_DPI   ? 
_refine.pdbx_overall_SU_R_Blow_DPI               ? 
_refine.pdbx_overall_SU_R_free_Blow_DPI          ? 
# 
_refine_hist.pdbx_refine_id                   'X-RAY DIFFRACTION' 
_refine_hist.cycle_id                         1 
_refine_hist.pdbx_number_atoms_protein        1083 
_refine_hist.pdbx_number_atoms_nucleic_acid   0 
_refine_hist.pdbx_number_atoms_ligand         38 
_refine_hist.number_atoms_solvent             254 
_refine_hist.number_atoms_total               1375 
_refine_hist.d_res_high                       1.09 
_refine_hist.d_res_low                        47.15 
# 
loop_
_refine_ls_restr.type 
_refine_ls_restr.dev_ideal 
_refine_ls_restr.dev_ideal_target 
_refine_ls_restr.weight 
_refine_ls_restr.number 
_refine_ls_restr.pdbx_refine_id 
_refine_ls_restr.pdbx_restraint_function 
r_bond_refined_d             0.012  0.014  ? 1585 'X-RAY DIFFRACTION' ? 
r_bond_other_d               0.002  0.014  ? 1262 'X-RAY DIFFRACTION' ? 
r_angle_refined_deg          1.715  1.621  ? 1890 'X-RAY DIFFRACTION' ? 
r_angle_other_deg            1.514  1.614  ? 2909 'X-RAY DIFFRACTION' ? 
r_dihedral_angle_1_deg       6.784  5.000  ? 184  'X-RAY DIFFRACTION' ? 
r_dihedral_angle_2_deg       31.233 20.811 ? 74   'X-RAY DIFFRACTION' ? 
r_dihedral_angle_3_deg       13.389 15.000 ? 217  'X-RAY DIFFRACTION' ? 
r_dihedral_angle_4_deg       26.284 15.000 ? 12   'X-RAY DIFFRACTION' ? 
r_chiral_restr               0.084  0.200  ? 161  'X-RAY DIFFRACTION' ? 
r_gen_planes_refined         0.011  0.020  ? 1716 'X-RAY DIFFRACTION' ? 
r_gen_planes_other           0.002  0.020  ? 340  'X-RAY DIFFRACTION' ? 
r_nbd_refined                ?      ?      ? ?    'X-RAY DIFFRACTION' ? 
r_nbd_other                  ?      ?      ? ?    'X-RAY DIFFRACTION' ? 
r_nbtor_refined              ?      ?      ? ?    'X-RAY DIFFRACTION' ? 
r_nbtor_other                ?      ?      ? ?    'X-RAY DIFFRACTION' ? 
r_xyhbond_nbd_refined        ?      ?      ? ?    'X-RAY DIFFRACTION' ? 
r_xyhbond_nbd_other          ?      ?      ? ?    'X-RAY DIFFRACTION' ? 
r_metal_ion_refined          ?      ?      ? ?    'X-RAY DIFFRACTION' ? 
r_metal_ion_other            ?      ?      ? ?    'X-RAY DIFFRACTION' ? 
r_symmetry_vdw_refined       ?      ?      ? ?    'X-RAY DIFFRACTION' ? 
r_symmetry_vdw_other         ?      ?      ? ?    'X-RAY DIFFRACTION' ? 
r_symmetry_hbond_refined     ?      ?      ? ?    'X-RAY DIFFRACTION' ? 
r_symmetry_hbond_other       ?      ?      ? ?    'X-RAY DIFFRACTION' ? 
r_symmetry_metal_ion_refined ?      ?      ? ?    'X-RAY DIFFRACTION' ? 
r_symmetry_metal_ion_other   ?      ?      ? ?    'X-RAY DIFFRACTION' ? 
r_mcbond_it                  1.195  1.556  ? 813  'X-RAY DIFFRACTION' ? 
r_mcbond_other               1.247  1.384  ? 747  'X-RAY DIFFRACTION' ? 
r_mcangle_it                 1.985  2.075  ? 884  'X-RAY DIFFRACTION' ? 
r_mcangle_other              1.984  2.075  ? 885  'X-RAY DIFFRACTION' ? 
r_scbond_it                  1.988  1.856  ? 771  'X-RAY DIFFRACTION' ? 
r_scbond_other               1.828  1.802  ? 769  'X-RAY DIFFRACTION' ? 
r_scangle_it                 ?      ?      ? ?    'X-RAY DIFFRACTION' ? 
r_scangle_other              2.734  2.488  ? 1001 'X-RAY DIFFRACTION' ? 
r_long_range_B_refined       9.302  19.728 ? 1681 'X-RAY DIFFRACTION' ? 
r_long_range_B_other         9.299  19.742 ? 1682 'X-RAY DIFFRACTION' ? 
r_rigid_bond_restr           ?      ?      ? ?    'X-RAY DIFFRACTION' ? 
r_sphericity_free            ?      ?      ? ?    'X-RAY DIFFRACTION' ? 
r_sphericity_bonded          ?      ?      ? ?    'X-RAY DIFFRACTION' ? 
# 
_refine_ls_shell.pdbx_refine_id                   'X-RAY DIFFRACTION' 
_refine_ls_shell.pdbx_total_number_of_bins_used   20 
_refine_ls_shell.d_res_high                       1.090 
_refine_ls_shell.d_res_low                        1.118 
_refine_ls_shell.number_reflns_R_work             2084 
_refine_ls_shell.R_factor_R_work                  0.439 
_refine_ls_shell.percent_reflns_obs               46.28 
_refine_ls_shell.R_factor_R_free                  0.427 
_refine_ls_shell.R_factor_R_free_error            ? 
_refine_ls_shell.percent_reflns_R_free            ? 
_refine_ls_shell.number_reflns_R_free             108 
_refine_ls_shell.number_reflns_all                ? 
_refine_ls_shell.R_factor_all                     ? 
# 
_struct.entry_id                  7H4R 
_struct.title                     
;Group deposition for crystallographic fragment screening of Coxsackievirus A16 (G-10) 2A protease -- Crystal structure of Coxsackievirus A16 (G-10) 2A protease in complex with Z1741976468 (A71EV2A-x1081)
;
_struct.pdbx_model_details        ? 
_struct.pdbx_CASP_flag            ? 
_struct.pdbx_model_type_details   ? 
# 
_struct_keywords.entry_id        7H4R 
_struct_keywords.pdbx_keywords   HYDROLASE 
_struct_keywords.text            
;Diamond Light Source, I03, ASAP, Coxsackievirus A16, crystallographic fragment screening, PanDDA, Pandda2, XChemExplorer, viral protein, HYDROLASE
;
# 
loop_
_struct_asym.id 
_struct_asym.pdbx_blank_PDB_chainid_flag 
_struct_asym.pdbx_modified 
_struct_asym.entity_id 
_struct_asym.details 
A N N 1 ? 
B N N 2 ? 
C N N 2 ? 
D N N 3 ? 
E N N 4 ? 
F N N 4 ? 
G N N 4 ? 
H N N 4 ? 
I N N 4 ? 
J N N 5 ? 
K N N 6 ? 
# 
_struct_ref.id                         1 
_struct_ref.db_name                    UNP 
_struct_ref.db_code                    POLG_CX16G 
_struct_ref.pdbx_db_accession          Q65900 
_struct_ref.pdbx_db_isoform            ? 
_struct_ref.entity_id                  1 
_struct_ref.pdbx_seq_one_letter_code   
;SGAIYVGNYRVVNRHLATHNDWANLVWEDSSRDLLVSSTTAQGCDTIARCDCQTGVYYCSSRRKHYPVSFSKPSLIFVEA
SEYYPARYQSHLMLAVGHSEPGDCGGILRCQHGVVGIVSTGGNGLVGFADVRDLLWLDEEAMEQ
;
_struct_ref.pdbx_align_begin           869 
# 
_struct_ref_seq.align_id                      1 
_struct_ref_seq.ref_id                        1 
_struct_ref_seq.pdbx_PDB_id_code              7H4R 
_struct_ref_seq.pdbx_strand_id                A 
_struct_ref_seq.seq_align_beg                 7 
_struct_ref_seq.pdbx_seq_align_beg_ins_code   ? 
_struct_ref_seq.seq_align_end                 150 
_struct_ref_seq.pdbx_seq_align_end_ins_code   ? 
_struct_ref_seq.pdbx_db_accession             Q65900 
_struct_ref_seq.db_align_beg                  869 
_struct_ref_seq.pdbx_db_align_beg_ins_code    ? 
_struct_ref_seq.db_align_end                  1012 
_struct_ref_seq.pdbx_db_align_end_ins_code    ? 
_struct_ref_seq.pdbx_auth_seq_align_beg       7 
_struct_ref_seq.pdbx_auth_seq_align_end       150 
# 
loop_
_struct_ref_seq_dif.align_id 
_struct_ref_seq_dif.pdbx_pdb_id_code 
_struct_ref_seq_dif.mon_id 
_struct_ref_seq_dif.pdbx_pdb_strand_id 
_struct_ref_seq_dif.seq_num 
_struct_ref_seq_dif.pdbx_pdb_ins_code 
_struct_ref_seq_dif.pdbx_seq_db_name 
_struct_ref_seq_dif.pdbx_seq_db_accession_code 
_struct_ref_seq_dif.db_mon_id 
_struct_ref_seq_dif.pdbx_seq_db_seq_num 
_struct_ref_seq_dif.details 
_struct_ref_seq_dif.pdbx_auth_seq_num 
_struct_ref_seq_dif.pdbx_ordinal 
1 7H4R GLN A 1 ? UNP Q65900 ? ? 'expression tag' 1 1 
1 7H4R GLU A 2 ? UNP Q65900 ? ? 'expression tag' 2 2 
1 7H4R GLN A 3 ? UNP Q65900 ? ? 'expression tag' 3 3 
1 7H4R THR A 4 ? UNP Q65900 ? ? 'expression tag' 4 4 
1 7H4R GLY A 5 ? UNP Q65900 ? ? 'expression tag' 5 5 
1 7H4R GLY A 6 ? UNP Q65900 ? ? 'expression tag' 6 6 
# 
_pdbx_struct_assembly.id                   1 
_pdbx_struct_assembly.details              author_and_software_defined_assembly 
_pdbx_struct_assembly.method_details       PISA 
_pdbx_struct_assembly.oligomeric_details   monomeric 
_pdbx_struct_assembly.oligomeric_count     1 
# 
loop_
_pdbx_struct_assembly_prop.biol_id 
_pdbx_struct_assembly_prop.type 
_pdbx_struct_assembly_prop.value 
_pdbx_struct_assembly_prop.details 
1 'ABSA (A^2)' 860  ? 
1 MORE         -7   ? 
1 'SSA (A^2)'  7570 ? 
# 
_pdbx_struct_assembly_gen.assembly_id       1 
_pdbx_struct_assembly_gen.oper_expression   1 
_pdbx_struct_assembly_gen.asym_id_list      A,B,C,D,E,F,G,H,I,J,K 
# 
_pdbx_struct_oper_list.id                   1 
_pdbx_struct_oper_list.type                 'identity operation' 
_pdbx_struct_oper_list.name                 1_555 
_pdbx_struct_oper_list.symmetry_operation   x,y,z 
_pdbx_struct_oper_list.matrix[1][1]         1.0000000000 
_pdbx_struct_oper_list.matrix[1][2]         0.0000000000 
_pdbx_struct_oper_list.matrix[1][3]         0.0000000000 
_pdbx_struct_oper_list.vector[1]            0.0000000000 
_pdbx_struct_oper_list.matrix[2][1]         0.0000000000 
_pdbx_struct_oper_list.matrix[2][2]         1.0000000000 
_pdbx_struct_oper_list.matrix[2][3]         0.0000000000 
_pdbx_struct_oper_list.vector[2]            0.0000000000 
_pdbx_struct_oper_list.matrix[3][1]         0.0000000000 
_pdbx_struct_oper_list.matrix[3][2]         0.0000000000 
_pdbx_struct_oper_list.matrix[3][3]         1.0000000000 
_pdbx_struct_oper_list.vector[3]            0.0000000000 
# 
loop_
_struct_conf.conf_type_id 
_struct_conf.id 
_struct_conf.pdbx_PDB_helix_id 
_struct_conf.beg_label_comp_id 
_struct_conf.beg_label_asym_id 
_struct_conf.beg_label_seq_id 
_struct_conf.pdbx_beg_PDB_ins_code 
_struct_conf.end_label_comp_id 
_struct_conf.end_label_asym_id 
_struct_conf.end_label_seq_id 
_struct_conf.pdbx_end_PDB_ins_code 
_struct_conf.beg_auth_comp_id 
_struct_conf.beg_auth_asym_id 
_struct_conf.beg_auth_seq_id 
_struct_conf.end_auth_comp_id 
_struct_conf.end_auth_asym_id 
_struct_conf.end_auth_seq_id 
_struct_conf.pdbx_PDB_helix_class 
_struct_conf.details 
_struct_conf.pdbx_PDB_helix_length 
HELX_P HELX_P1 AA1 HIS A 21  ? ALA A 23  ? HIS A 21  ALA A 23  5 ? 3 
HELX_P HELX_P2 AA2 THR A 24  ? ASN A 30  ? THR A 24  ASN A 30  1 ? 7 
HELX_P HELX_P3 AA3 SER A 36  ? ARG A 38  ? SER A 36  ARG A 38  5 ? 3 
HELX_P HELX_P4 AA4 SER A 66  ? ARG A 69  ? SER A 66  ARG A 69  5 ? 4 
HELX_P HELX_P5 AA5 GLU A 106 ? CYS A 110 ? GLU A 106 CYS A 110 5 ? 5 
HELX_P HELX_P6 AA6 LEU A 140 ? GLU A 145 ? LEU A 140 GLU A 145 5 ? 6 
# 
_struct_conf_type.id          HELX_P 
_struct_conf_type.criteria    ? 
_struct_conf_type.reference   ? 
# 
loop_
_struct_conn.id 
_struct_conn.conn_type_id 
_struct_conn.pdbx_leaving_atom_flag 
_struct_conn.pdbx_PDB_id 
_struct_conn.ptnr1_label_asym_id 
_struct_conn.ptnr1_label_comp_id 
_struct_conn.ptnr1_label_seq_id 
_struct_conn.ptnr1_label_atom_id 
_struct_conn.pdbx_ptnr1_label_alt_id 
_struct_conn.pdbx_ptnr1_PDB_ins_code 
_struct_conn.pdbx_ptnr1_standard_comp_id 
_struct_conn.ptnr1_symmetry 
_struct_conn.ptnr2_label_asym_id 
_struct_conn.ptnr2_label_comp_id 
_struct_conn.ptnr2_label_seq_id 
_struct_conn.ptnr2_label_atom_id 
_struct_conn.pdbx_ptnr2_label_alt_id 
_struct_conn.pdbx_ptnr2_PDB_ins_code 
_struct_conn.ptnr1_auth_asym_id 
_struct_conn.ptnr1_auth_comp_id 
_struct_conn.ptnr1_auth_seq_id 
_struct_conn.ptnr2_auth_asym_id 
_struct_conn.ptnr2_auth_comp_id 
_struct_conn.ptnr2_auth_seq_id 
_struct_conn.ptnr2_symmetry 
_struct_conn.pdbx_ptnr3_label_atom_id 
_struct_conn.pdbx_ptnr3_label_seq_id 
_struct_conn.pdbx_ptnr3_label_comp_id 
_struct_conn.pdbx_ptnr3_label_asym_id 
_struct_conn.pdbx_ptnr3_label_alt_id 
_struct_conn.pdbx_ptnr3_PDB_ins_code 
_struct_conn.details 
_struct_conn.pdbx_dist_value 
_struct_conn.pdbx_value_order 
_struct_conn.pdbx_role 
metalc1 metalc ? ? A CYS 56  SG  ? ? ? 1_555 D ZN . ZN ? ? A CYS 56  A ZN 203 1_555 ? ? ? ? ? ? ? 2.325 ? ? 
metalc2 metalc ? ? A CYS 58  SG  ? ? ? 1_555 D ZN . ZN ? ? A CYS 58  A ZN 203 1_555 ? ? ? ? ? ? ? 2.326 ? ? 
metalc3 metalc ? ? A CYS 116 SG  ? ? ? 1_555 D ZN . ZN ? ? A CYS 116 A ZN 203 1_555 ? ? ? ? ? ? ? 2.250 ? ? 
metalc4 metalc ? ? A HIS 118 ND1 ? ? ? 1_555 D ZN . ZN ? ? A HIS 118 A ZN 203 1_555 ? ? ? ? ? ? ? 2.059 ? ? 
# 
_struct_conn_type.id          metalc 
_struct_conn_type.criteria    ? 
_struct_conn_type.reference   ? 
# 
loop_
_pdbx_struct_conn_angle.id 
_pdbx_struct_conn_angle.ptnr1_label_atom_id 
_pdbx_struct_conn_angle.ptnr1_label_alt_id 
_pdbx_struct_conn_angle.ptnr1_label_asym_id 
_pdbx_struct_conn_angle.ptnr1_label_comp_id 
_pdbx_struct_conn_angle.ptnr1_label_seq_id 
_pdbx_struct_conn_angle.ptnr1_auth_atom_id 
_pdbx_struct_conn_angle.ptnr1_auth_asym_id 
_pdbx_struct_conn_angle.ptnr1_auth_comp_id 
_pdbx_struct_conn_angle.ptnr1_auth_seq_id 
_pdbx_struct_conn_angle.ptnr1_PDB_ins_code 
_pdbx_struct_conn_angle.ptnr1_symmetry 
_pdbx_struct_conn_angle.ptnr2_label_atom_id 
_pdbx_struct_conn_angle.ptnr2_label_alt_id 
_pdbx_struct_conn_angle.ptnr2_label_asym_id 
_pdbx_struct_conn_angle.ptnr2_label_comp_id 
_pdbx_struct_conn_angle.ptnr2_label_seq_id 
_pdbx_struct_conn_angle.ptnr2_auth_atom_id 
_pdbx_struct_conn_angle.ptnr2_auth_asym_id 
_pdbx_struct_conn_angle.ptnr2_auth_comp_id 
_pdbx_struct_conn_angle.ptnr2_auth_seq_id 
_pdbx_struct_conn_angle.ptnr2_PDB_ins_code 
_pdbx_struct_conn_angle.ptnr2_symmetry 
_pdbx_struct_conn_angle.ptnr3_label_atom_id 
_pdbx_struct_conn_angle.ptnr3_label_alt_id 
_pdbx_struct_conn_angle.ptnr3_label_asym_id 
_pdbx_struct_conn_angle.ptnr3_label_comp_id 
_pdbx_struct_conn_angle.ptnr3_label_seq_id 
_pdbx_struct_conn_angle.ptnr3_auth_atom_id 
_pdbx_struct_conn_angle.ptnr3_auth_asym_id 
_pdbx_struct_conn_angle.ptnr3_auth_comp_id 
_pdbx_struct_conn_angle.ptnr3_auth_seq_id 
_pdbx_struct_conn_angle.ptnr3_PDB_ins_code 
_pdbx_struct_conn_angle.ptnr3_symmetry 
_pdbx_struct_conn_angle.value 
_pdbx_struct_conn_angle.value_esd 
1 SG ? A CYS 56  ? A CYS 56  ? 1_555 ZN ? D ZN . ? A ZN 203 ? 1_555 SG  ? A CYS 58  ? A CYS 58  ? 1_555 108.6 ? 
2 SG ? A CYS 56  ? A CYS 56  ? 1_555 ZN ? D ZN . ? A ZN 203 ? 1_555 SG  ? A CYS 116 ? A CYS 116 ? 1_555 107.3 ? 
3 SG ? A CYS 58  ? A CYS 58  ? 1_555 ZN ? D ZN . ? A ZN 203 ? 1_555 SG  ? A CYS 116 ? A CYS 116 ? 1_555 117.1 ? 
4 SG ? A CYS 56  ? A CYS 56  ? 1_555 ZN ? D ZN . ? A ZN 203 ? 1_555 ND1 ? A HIS 118 ? A HIS 118 ? 1_555 106.6 ? 
5 SG ? A CYS 58  ? A CYS 58  ? 1_555 ZN ? D ZN . ? A ZN 203 ? 1_555 ND1 ? A HIS 118 ? A HIS 118 ? 1_555 101.8 ? 
6 SG ? A CYS 116 ? A CYS 116 ? 1_555 ZN ? D ZN . ? A ZN 203 ? 1_555 ND1 ? A HIS 118 ? A HIS 118 ? 1_555 114.9 ? 
# 
loop_
_struct_sheet.id 
_struct_sheet.type 
_struct_sheet.number_strands 
_struct_sheet.details 
AA1 ? 4 ? 
AA2 ? 7 ? 
# 
loop_
_struct_sheet_order.sheet_id 
_struct_sheet_order.range_id_1 
_struct_sheet_order.range_id_2 
_struct_sheet_order.offset 
_struct_sheet_order.sense 
AA1 1 2 ? anti-parallel 
AA1 2 3 ? anti-parallel 
AA1 3 4 ? anti-parallel 
AA2 1 2 ? anti-parallel 
AA2 2 3 ? anti-parallel 
AA2 3 4 ? anti-parallel 
AA2 4 5 ? anti-parallel 
AA2 5 6 ? anti-parallel 
AA2 6 7 ? anti-parallel 
# 
loop_
_struct_sheet_range.sheet_id 
_struct_sheet_range.id 
_struct_sheet_range.beg_label_comp_id 
_struct_sheet_range.beg_label_asym_id 
_struct_sheet_range.beg_label_seq_id 
_struct_sheet_range.pdbx_beg_PDB_ins_code 
_struct_sheet_range.end_label_comp_id 
_struct_sheet_range.end_label_asym_id 
_struct_sheet_range.end_label_seq_id 
_struct_sheet_range.pdbx_end_PDB_ins_code 
_struct_sheet_range.beg_auth_comp_id 
_struct_sheet_range.beg_auth_asym_id 
_struct_sheet_range.beg_auth_seq_id 
_struct_sheet_range.end_auth_comp_id 
_struct_sheet_range.end_auth_asym_id 
_struct_sheet_range.end_auth_seq_id 
AA1 1 ILE A 10  ? VAL A 12  ? ILE A 10  VAL A 12  
AA1 2 TYR A 15  ? ASN A 19  ? TYR A 15  ASN A 19  
AA1 3 LEU A 40  ? SER A 44  ? LEU A 40  SER A 44  
AA1 4 LEU A 31  ? ASP A 35  ? LEU A 31  ASP A 35  
AA2 1 LYS A 70  ? SER A 75  ? LYS A 70  SER A 75  
AA2 2 THR A 60  ? CYS A 65  ? THR A 60  CYS A 65  
AA2 3 ILE A 113 ? CYS A 116 ? ILE A 113 CYS A 116 
AA2 4 GLY A 119 ? THR A 126 ? GLY A 119 THR A 126 
AA2 5 LEU A 131 ? ASP A 136 ? LEU A 131 ASP A 136 
AA2 6 ARG A 93  ? VAL A 102 ? ARG A 93  VAL A 102 
AA2 7 SER A 80  ? VAL A 84  ? SER A 80  VAL A 84  
# 
loop_
_pdbx_struct_sheet_hbond.sheet_id 
_pdbx_struct_sheet_hbond.range_id_1 
_pdbx_struct_sheet_hbond.range_id_2 
_pdbx_struct_sheet_hbond.range_1_label_atom_id 
_pdbx_struct_sheet_hbond.range_1_label_comp_id 
_pdbx_struct_sheet_hbond.range_1_label_asym_id 
_pdbx_struct_sheet_hbond.range_1_label_seq_id 
_pdbx_struct_sheet_hbond.range_1_PDB_ins_code 
_pdbx_struct_sheet_hbond.range_1_auth_atom_id 
_pdbx_struct_sheet_hbond.range_1_auth_comp_id 
_pdbx_struct_sheet_hbond.range_1_auth_asym_id 
_pdbx_struct_sheet_hbond.range_1_auth_seq_id 
_pdbx_struct_sheet_hbond.range_2_label_atom_id 
_pdbx_struct_sheet_hbond.range_2_label_comp_id 
_pdbx_struct_sheet_hbond.range_2_label_asym_id 
_pdbx_struct_sheet_hbond.range_2_label_seq_id 
_pdbx_struct_sheet_hbond.range_2_PDB_ins_code 
_pdbx_struct_sheet_hbond.range_2_auth_atom_id 
_pdbx_struct_sheet_hbond.range_2_auth_comp_id 
_pdbx_struct_sheet_hbond.range_2_auth_asym_id 
_pdbx_struct_sheet_hbond.range_2_auth_seq_id 
AA1 1 2 N ILE A 10  ? N ILE A 10  O VAL A 17  ? O VAL A 17  
AA1 2 3 N VAL A 18  ? N VAL A 18  O LEU A 41  ? O LEU A 41  
AA1 3 4 O VAL A 42  ? O VAL A 42  N TRP A 33  ? N TRP A 33  
AA2 1 2 O LYS A 70  ? O LYS A 70  N CYS A 65  ? N CYS A 65  
AA2 2 3 N VAL A 62  ? N VAL A 62  O ARG A 115 ? O ARG A 115 
AA2 3 4 N LEU A 114 ? N LEU A 114 O VAL A 121 ? O VAL A 121 
AA2 4 5 N SER A 125 ? N SER A 125 O GLY A 133 ? O GLY A 133 
AA2 5 6 O VAL A 132 ? O VAL A 132 N ALA A 101 ? N ALA A 101 
AA2 6 7 O ARG A 93  ? O ARG A 93  N VAL A 84  ? N VAL A 84  
# 
_pdbx_entry_details.entry_id                   7H4R 
_pdbx_entry_details.compound_details           ? 
_pdbx_entry_details.source_details             ? 
_pdbx_entry_details.nonpolymer_details         ? 
_pdbx_entry_details.sequence_details           ? 
_pdbx_entry_details.has_ligand_of_interest     ? 
_pdbx_entry_details.has_protein_modification   N 
# 
loop_
_pdbx_validate_close_contact.id 
_pdbx_validate_close_contact.PDB_model_num 
_pdbx_validate_close_contact.auth_atom_id_1 
_pdbx_validate_close_contact.auth_asym_id_1 
_pdbx_validate_close_contact.auth_comp_id_1 
_pdbx_validate_close_contact.auth_seq_id_1 
_pdbx_validate_close_contact.PDB_ins_code_1 
_pdbx_validate_close_contact.label_alt_id_1 
_pdbx_validate_close_contact.auth_atom_id_2 
_pdbx_validate_close_contact.auth_asym_id_2 
_pdbx_validate_close_contact.auth_comp_id_2 
_pdbx_validate_close_contact.auth_seq_id_2 
_pdbx_validate_close_contact.PDB_ins_code_2 
_pdbx_validate_close_contact.label_alt_id_2 
_pdbx_validate_close_contact.dist 
1 1 CB A CYS 50  ? ? O A HOH 461 ? ? 1.99 
2 1 O  A HOH 310 ? ? O A HOH 316 ? ? 2.09 
3 1 O  A HOH 337 ? ? O A HOH 473 ? ? 2.09 
4 1 O  A HOH 337 ? ? O A HOH 365 ? ? 2.10 
5 1 O  A HOH 310 ? ? O A HOH 470 ? ? 2.10 
6 1 OH A TYR 94  ? ? O A HOH 301 ? ? 2.13 
7 1 CD A ARG 93  ? ? O A HOH 469 ? ? 2.18 
# 
loop_
_pdbx_validate_symm_contact.id 
_pdbx_validate_symm_contact.PDB_model_num 
_pdbx_validate_symm_contact.auth_atom_id_1 
_pdbx_validate_symm_contact.auth_asym_id_1 
_pdbx_validate_symm_contact.auth_comp_id_1 
_pdbx_validate_symm_contact.auth_seq_id_1 
_pdbx_validate_symm_contact.PDB_ins_code_1 
_pdbx_validate_symm_contact.label_alt_id_1 
_pdbx_validate_symm_contact.site_symmetry_1 
_pdbx_validate_symm_contact.auth_atom_id_2 
_pdbx_validate_symm_contact.auth_asym_id_2 
_pdbx_validate_symm_contact.auth_comp_id_2 
_pdbx_validate_symm_contact.auth_seq_id_2 
_pdbx_validate_symm_contact.PDB_ins_code_2 
_pdbx_validate_symm_contact.label_alt_id_2 
_pdbx_validate_symm_contact.site_symmetry_2 
_pdbx_validate_symm_contact.dist 
1 1 O3 A SO4 209 ? ? 1_555 O3 A SO4 209 ? ? 2_556 1.47 
2 1 SG A CYS 50  ? ? 1_555 O  A HOH 469 ? ? 4_546 1.95 
# 
loop_
_pdbx_validate_rmsd_angle.id 
_pdbx_validate_rmsd_angle.PDB_model_num 
_pdbx_validate_rmsd_angle.auth_atom_id_1 
_pdbx_validate_rmsd_angle.auth_asym_id_1 
_pdbx_validate_rmsd_angle.auth_comp_id_1 
_pdbx_validate_rmsd_angle.auth_seq_id_1 
_pdbx_validate_rmsd_angle.PDB_ins_code_1 
_pdbx_validate_rmsd_angle.label_alt_id_1 
_pdbx_validate_rmsd_angle.auth_atom_id_2 
_pdbx_validate_rmsd_angle.auth_asym_id_2 
_pdbx_validate_rmsd_angle.auth_comp_id_2 
_pdbx_validate_rmsd_angle.auth_seq_id_2 
_pdbx_validate_rmsd_angle.PDB_ins_code_2 
_pdbx_validate_rmsd_angle.label_alt_id_2 
_pdbx_validate_rmsd_angle.auth_atom_id_3 
_pdbx_validate_rmsd_angle.auth_asym_id_3 
_pdbx_validate_rmsd_angle.auth_comp_id_3 
_pdbx_validate_rmsd_angle.auth_seq_id_3 
_pdbx_validate_rmsd_angle.PDB_ins_code_3 
_pdbx_validate_rmsd_angle.label_alt_id_3 
_pdbx_validate_rmsd_angle.angle_value 
_pdbx_validate_rmsd_angle.angle_target_value 
_pdbx_validate_rmsd_angle.angle_deviation 
_pdbx_validate_rmsd_angle.angle_standard_deviation 
_pdbx_validate_rmsd_angle.linker_flag 
1 1 NE A ARG 93 ? ? CZ A ARG 93 ? ? NH1 A ARG 93 ? ? 123.79 120.30 3.49  0.50 N 
2 1 NE A ARG 93 ? ? CZ A ARG 93 ? ? NH2 A ARG 93 ? ? 117.13 120.30 -3.17 0.50 N 
# 
loop_
_pdbx_validate_torsion.id 
_pdbx_validate_torsion.PDB_model_num 
_pdbx_validate_torsion.auth_comp_id 
_pdbx_validate_torsion.auth_asym_id 
_pdbx_validate_torsion.auth_seq_id 
_pdbx_validate_torsion.PDB_ins_code 
_pdbx_validate_torsion.label_alt_id 
_pdbx_validate_torsion.phi 
_pdbx_validate_torsion.psi 
1 1 ARG A 69 ? A 39.05 56.67 
2 1 ARG A 69 ? B 38.89 57.48 
# 
loop_
_pdbx_distant_solvent_atoms.id 
_pdbx_distant_solvent_atoms.PDB_model_num 
_pdbx_distant_solvent_atoms.auth_atom_id 
_pdbx_distant_solvent_atoms.label_alt_id 
_pdbx_distant_solvent_atoms.auth_asym_id 
_pdbx_distant_solvent_atoms.auth_comp_id 
_pdbx_distant_solvent_atoms.auth_seq_id 
_pdbx_distant_solvent_atoms.PDB_ins_code 
_pdbx_distant_solvent_atoms.neighbor_macromolecule_distance 
_pdbx_distant_solvent_atoms.neighbor_ligand_distance 
1 1 O ? A HOH 552 ? 6.07 . 
2 1 O ? A HOH 553 ? 6.34 . 
3 1 O ? A HOH 554 ? 6.50 . 
# 
loop_
_pdbx_unobs_or_zero_occ_residues.id 
_pdbx_unobs_or_zero_occ_residues.PDB_model_num 
_pdbx_unobs_or_zero_occ_residues.polymer_flag 
_pdbx_unobs_or_zero_occ_residues.occupancy_flag 
_pdbx_unobs_or_zero_occ_residues.auth_asym_id 
_pdbx_unobs_or_zero_occ_residues.auth_comp_id 
_pdbx_unobs_or_zero_occ_residues.auth_seq_id 
_pdbx_unobs_or_zero_occ_residues.PDB_ins_code 
_pdbx_unobs_or_zero_occ_residues.label_asym_id 
_pdbx_unobs_or_zero_occ_residues.label_comp_id 
_pdbx_unobs_or_zero_occ_residues.label_seq_id 
1  1 Y 1 A GLN 1   ? A GLN 1   
2  1 Y 1 A GLU 2   ? A GLU 2   
3  1 Y 1 A GLN 3   ? A GLN 3   
4  1 Y 1 A THR 4   ? A THR 4   
5  1 Y 1 A GLY 5   ? A GLY 5   
6  1 Y 1 A GLY 6   ? A GLY 6   
7  1 Y 1 A ALA 147 ? A ALA 147 
8  1 Y 1 A MET 148 ? A MET 148 
9  1 Y 1 A GLU 149 ? A GLU 149 
10 1 Y 1 A GLN 150 ? A GLN 150 
# 
loop_
_chem_comp_atom.comp_id 
_chem_comp_atom.atom_id 
_chem_comp_atom.type_symbol 
_chem_comp_atom.pdbx_aromatic_flag 
_chem_comp_atom.pdbx_stereo_config 
_chem_comp_atom.pdbx_ordinal 
ALA N    N  N N 1   
ALA CA   C  N S 2   
ALA C    C  N N 3   
ALA O    O  N N 4   
ALA CB   C  N N 5   
ALA OXT  O  N N 6   
ALA H    H  N N 7   
ALA H2   H  N N 8   
ALA HA   H  N N 9   
ALA HB1  H  N N 10  
ALA HB2  H  N N 11  
ALA HB3  H  N N 12  
ALA HXT  H  N N 13  
ARG N    N  N N 14  
ARG CA   C  N S 15  
ARG C    C  N N 16  
ARG O    O  N N 17  
ARG CB   C  N N 18  
ARG CG   C  N N 19  
ARG CD   C  N N 20  
ARG NE   N  N N 21  
ARG CZ   C  N N 22  
ARG NH1  N  N N 23  
ARG NH2  N  N N 24  
ARG OXT  O  N N 25  
ARG H    H  N N 26  
ARG H2   H  N N 27  
ARG HA   H  N N 28  
ARG HB2  H  N N 29  
ARG HB3  H  N N 30  
ARG HG2  H  N N 31  
ARG HG3  H  N N 32  
ARG HD2  H  N N 33  
ARG HD3  H  N N 34  
ARG HE   H  N N 35  
ARG HH11 H  N N 36  
ARG HH12 H  N N 37  
ARG HH21 H  N N 38  
ARG HH22 H  N N 39  
ARG HXT  H  N N 40  
ASN N    N  N N 41  
ASN CA   C  N S 42  
ASN C    C  N N 43  
ASN O    O  N N 44  
ASN CB   C  N N 45  
ASN CG   C  N N 46  
ASN OD1  O  N N 47  
ASN ND2  N  N N 48  
ASN OXT  O  N N 49  
ASN H    H  N N 50  
ASN H2   H  N N 51  
ASN HA   H  N N 52  
ASN HB2  H  N N 53  
ASN HB3  H  N N 54  
ASN HD21 H  N N 55  
ASN HD22 H  N N 56  
ASN HXT  H  N N 57  
ASP N    N  N N 58  
ASP CA   C  N S 59  
ASP C    C  N N 60  
ASP O    O  N N 61  
ASP CB   C  N N 62  
ASP CG   C  N N 63  
ASP OD1  O  N N 64  
ASP OD2  O  N N 65  
ASP OXT  O  N N 66  
ASP H    H  N N 67  
ASP H2   H  N N 68  
ASP HA   H  N N 69  
ASP HB2  H  N N 70  
ASP HB3  H  N N 71  
ASP HD2  H  N N 72  
ASP HXT  H  N N 73  
CYS N    N  N N 74  
CYS CA   C  N R 75  
CYS C    C  N N 76  
CYS O    O  N N 77  
CYS CB   C  N N 78  
CYS SG   S  N N 79  
CYS OXT  O  N N 80  
CYS H    H  N N 81  
CYS H2   H  N N 82  
CYS HA   H  N N 83  
CYS HB2  H  N N 84  
CYS HB3  H  N N 85  
CYS HG   H  N N 86  
CYS HXT  H  N N 87  
DMS S    S  N N 88  
DMS O    O  N N 89  
DMS C1   C  N N 90  
DMS C2   C  N N 91  
DMS H11  H  N N 92  
DMS H12  H  N N 93  
DMS H13  H  N N 94  
DMS H21  H  N N 95  
DMS H22  H  N N 96  
DMS H23  H  N N 97  
GLN N    N  N N 98  
GLN CA   C  N S 99  
GLN C    C  N N 100 
GLN O    O  N N 101 
GLN CB   C  N N 102 
GLN CG   C  N N 103 
GLN CD   C  N N 104 
GLN OE1  O  N N 105 
GLN NE2  N  N N 106 
GLN OXT  O  N N 107 
GLN H    H  N N 108 
GLN H2   H  N N 109 
GLN HA   H  N N 110 
GLN HB2  H  N N 111 
GLN HB3  H  N N 112 
GLN HG2  H  N N 113 
GLN HG3  H  N N 114 
GLN HE21 H  N N 115 
GLN HE22 H  N N 116 
GLN HXT  H  N N 117 
GLU N    N  N N 118 
GLU CA   C  N S 119 
GLU C    C  N N 120 
GLU O    O  N N 121 
GLU CB   C  N N 122 
GLU CG   C  N N 123 
GLU CD   C  N N 124 
GLU OE1  O  N N 125 
GLU OE2  O  N N 126 
GLU OXT  O  N N 127 
GLU H    H  N N 128 
GLU H2   H  N N 129 
GLU HA   H  N N 130 
GLU HB2  H  N N 131 
GLU HB3  H  N N 132 
GLU HG2  H  N N 133 
GLU HG3  H  N N 134 
GLU HE2  H  N N 135 
GLU HXT  H  N N 136 
GLY N    N  N N 137 
GLY CA   C  N N 138 
GLY C    C  N N 139 
GLY O    O  N N 140 
GLY OXT  O  N N 141 
GLY H    H  N N 142 
GLY H2   H  N N 143 
GLY HA2  H  N N 144 
GLY HA3  H  N N 145 
GLY HXT  H  N N 146 
HIS N    N  N N 147 
HIS CA   C  N S 148 
HIS C    C  N N 149 
HIS O    O  N N 150 
HIS CB   C  N N 151 
HIS CG   C  Y N 152 
HIS ND1  N  Y N 153 
HIS CD2  C  Y N 154 
HIS CE1  C  Y N 155 
HIS NE2  N  Y N 156 
HIS OXT  O  N N 157 
HIS H    H  N N 158 
HIS H2   H  N N 159 
HIS HA   H  N N 160 
HIS HB2  H  N N 161 
HIS HB3  H  N N 162 
HIS HD1  H  N N 163 
HIS HD2  H  N N 164 
HIS HE1  H  N N 165 
HIS HE2  H  N N 166 
HIS HXT  H  N N 167 
HOH O    O  N N 168 
HOH H1   H  N N 169 
HOH H2   H  N N 170 
ILE N    N  N N 171 
ILE CA   C  N S 172 
ILE C    C  N N 173 
ILE O    O  N N 174 
ILE CB   C  N S 175 
ILE CG1  C  N N 176 
ILE CG2  C  N N 177 
ILE CD1  C  N N 178 
ILE OXT  O  N N 179 
ILE H    H  N N 180 
ILE H2   H  N N 181 
ILE HA   H  N N 182 
ILE HB   H  N N 183 
ILE HG12 H  N N 184 
ILE HG13 H  N N 185 
ILE HG21 H  N N 186 
ILE HG22 H  N N 187 
ILE HG23 H  N N 188 
ILE HD11 H  N N 189 
ILE HD12 H  N N 190 
ILE HD13 H  N N 191 
ILE HXT  H  N N 192 
LEU N    N  N N 193 
LEU CA   C  N S 194 
LEU C    C  N N 195 
LEU O    O  N N 196 
LEU CB   C  N N 197 
LEU CG   C  N N 198 
LEU CD1  C  N N 199 
LEU CD2  C  N N 200 
LEU OXT  O  N N 201 
LEU H    H  N N 202 
LEU H2   H  N N 203 
LEU HA   H  N N 204 
LEU HB2  H  N N 205 
LEU HB3  H  N N 206 
LEU HG   H  N N 207 
LEU HD11 H  N N 208 
LEU HD12 H  N N 209 
LEU HD13 H  N N 210 
LEU HD21 H  N N 211 
LEU HD22 H  N N 212 
LEU HD23 H  N N 213 
LEU HXT  H  N N 214 
LYS N    N  N N 215 
LYS CA   C  N S 216 
LYS C    C  N N 217 
LYS O    O  N N 218 
LYS CB   C  N N 219 
LYS CG   C  N N 220 
LYS CD   C  N N 221 
LYS CE   C  N N 222 
LYS NZ   N  N N 223 
LYS OXT  O  N N 224 
LYS H    H  N N 225 
LYS H2   H  N N 226 
LYS HA   H  N N 227 
LYS HB2  H  N N 228 
LYS HB3  H  N N 229 
LYS HG2  H  N N 230 
LYS HG3  H  N N 231 
LYS HD2  H  N N 232 
LYS HD3  H  N N 233 
LYS HE2  H  N N 234 
LYS HE3  H  N N 235 
LYS HZ1  H  N N 236 
LYS HZ2  H  N N 237 
LYS HZ3  H  N N 238 
LYS HXT  H  N N 239 
MET N    N  N N 240 
MET CA   C  N S 241 
MET C    C  N N 242 
MET O    O  N N 243 
MET CB   C  N N 244 
MET CG   C  N N 245 
MET SD   S  N N 246 
MET CE   C  N N 247 
MET OXT  O  N N 248 
MET H    H  N N 249 
MET H2   H  N N 250 
MET HA   H  N N 251 
MET HB2  H  N N 252 
MET HB3  H  N N 253 
MET HG2  H  N N 254 
MET HG3  H  N N 255 
MET HE1  H  N N 256 
MET HE2  H  N N 257 
MET HE3  H  N N 258 
MET HXT  H  N N 259 
PHE N    N  N N 260 
PHE CA   C  N S 261 
PHE C    C  N N 262 
PHE O    O  N N 263 
PHE CB   C  N N 264 
PHE CG   C  Y N 265 
PHE CD1  C  Y N 266 
PHE CD2  C  Y N 267 
PHE CE1  C  Y N 268 
PHE CE2  C  Y N 269 
PHE CZ   C  Y N 270 
PHE OXT  O  N N 271 
PHE H    H  N N 272 
PHE H2   H  N N 273 
PHE HA   H  N N 274 
PHE HB2  H  N N 275 
PHE HB3  H  N N 276 
PHE HD1  H  N N 277 
PHE HD2  H  N N 278 
PHE HE1  H  N N 279 
PHE HE2  H  N N 280 
PHE HZ   H  N N 281 
PHE HXT  H  N N 282 
PRO N    N  N N 283 
PRO CA   C  N S 284 
PRO C    C  N N 285 
PRO O    O  N N 286 
PRO CB   C  N N 287 
PRO CG   C  N N 288 
PRO CD   C  N N 289 
PRO OXT  O  N N 290 
PRO H    H  N N 291 
PRO HA   H  N N 292 
PRO HB2  H  N N 293 
PRO HB3  H  N N 294 
PRO HG2  H  N N 295 
PRO HG3  H  N N 296 
PRO HD2  H  N N 297 
PRO HD3  H  N N 298 
PRO HXT  H  N N 299 
SER N    N  N N 300 
SER CA   C  N S 301 
SER C    C  N N 302 
SER O    O  N N 303 
SER CB   C  N N 304 
SER OG   O  N N 305 
SER OXT  O  N N 306 
SER H    H  N N 307 
SER H2   H  N N 308 
SER HA   H  N N 309 
SER HB2  H  N N 310 
SER HB3  H  N N 311 
SER HG   H  N N 312 
SER HXT  H  N N 313 
SO4 S    S  N N 314 
SO4 O1   O  N N 315 
SO4 O2   O  N N 316 
SO4 O3   O  N N 317 
SO4 O4   O  N N 318 
THR N    N  N N 319 
THR CA   C  N S 320 
THR C    C  N N 321 
THR O    O  N N 322 
THR CB   C  N R 323 
THR OG1  O  N N 324 
THR CG2  C  N N 325 
THR OXT  O  N N 326 
THR H    H  N N 327 
THR H2   H  N N 328 
THR HA   H  N N 329 
THR HB   H  N N 330 
THR HG1  H  N N 331 
THR HG21 H  N N 332 
THR HG22 H  N N 333 
THR HG23 H  N N 334 
THR HXT  H  N N 335 
TRP N    N  N N 336 
TRP CA   C  N S 337 
TRP C    C  N N 338 
TRP O    O  N N 339 
TRP CB   C  N N 340 
TRP CG   C  Y N 341 
TRP CD1  C  Y N 342 
TRP CD2  C  Y N 343 
TRP NE1  N  Y N 344 
TRP CE2  C  Y N 345 
TRP CE3  C  Y N 346 
TRP CZ2  C  Y N 347 
TRP CZ3  C  Y N 348 
TRP CH2  C  Y N 349 
TRP OXT  O  N N 350 
TRP H    H  N N 351 
TRP H2   H  N N 352 
TRP HA   H  N N 353 
TRP HB2  H  N N 354 
TRP HB3  H  N N 355 
TRP HD1  H  N N 356 
TRP HE1  H  N N 357 
TRP HE3  H  N N 358 
TRP HZ2  H  N N 359 
TRP HZ3  H  N N 360 
TRP HH2  H  N N 361 
TRP HXT  H  N N 362 
TYR N    N  N N 363 
TYR CA   C  N S 364 
TYR C    C  N N 365 
TYR O    O  N N 366 
TYR CB   C  N N 367 
TYR CG   C  Y N 368 
TYR CD1  C  Y N 369 
TYR CD2  C  Y N 370 
TYR CE1  C  Y N 371 
TYR CE2  C  Y N 372 
TYR CZ   C  Y N 373 
TYR OH   O  N N 374 
TYR OXT  O  N N 375 
TYR H    H  N N 376 
TYR H2   H  N N 377 
TYR HA   H  N N 378 
TYR HB2  H  N N 379 
TYR HB3  H  N N 380 
TYR HD1  H  N N 381 
TYR HD2  H  N N 382 
TYR HE1  H  N N 383 
TYR HE2  H  N N 384 
TYR HH   H  N N 385 
TYR HXT  H  N N 386 
VAL N    N  N N 387 
VAL CA   C  N S 388 
VAL C    C  N N 389 
VAL O    O  N N 390 
VAL CB   C  N N 391 
VAL CG1  C  N N 392 
VAL CG2  C  N N 393 
VAL OXT  O  N N 394 
VAL H    H  N N 395 
VAL H2   H  N N 396 
VAL HA   H  N N 397 
VAL HB   H  N N 398 
VAL HG11 H  N N 399 
VAL HG12 H  N N 400 
VAL HG13 H  N N 401 
VAL HG21 H  N N 402 
VAL HG22 H  N N 403 
VAL HG23 H  N N 404 
VAL HXT  H  N N 405 
XJV O01  O  N N 406 
XJV C02  C  N N 407 
XJV N03  N  N N 408 
XJV C04  C  N N 409 
XJV C05  C  N N 410 
XJV N06  N  N N 411 
XJV H031 H  N N 412 
XJV H041 H  N N 413 
XJV H042 H  N N 414 
XJV H051 H  N N 415 
XJV H052 H  N N 416 
XJV H061 H  N N 417 
ZN  ZN   ZN N N 418 
# 
loop_
_chem_comp_bond.comp_id 
_chem_comp_bond.atom_id_1 
_chem_comp_bond.atom_id_2 
_chem_comp_bond.value_order 
_chem_comp_bond.pdbx_aromatic_flag 
_chem_comp_bond.pdbx_stereo_config 
_chem_comp_bond.pdbx_ordinal 
ALA N   CA   sing N N 1   
ALA N   H    sing N N 2   
ALA N   H2   sing N N 3   
ALA CA  C    sing N N 4   
ALA CA  CB   sing N N 5   
ALA CA  HA   sing N N 6   
ALA C   O    doub N N 7   
ALA C   OXT  sing N N 8   
ALA CB  HB1  sing N N 9   
ALA CB  HB2  sing N N 10  
ALA CB  HB3  sing N N 11  
ALA OXT HXT  sing N N 12  
ARG N   CA   sing N N 13  
ARG N   H    sing N N 14  
ARG N   H2   sing N N 15  
ARG CA  C    sing N N 16  
ARG CA  CB   sing N N 17  
ARG CA  HA   sing N N 18  
ARG C   O    doub N N 19  
ARG C   OXT  sing N N 20  
ARG CB  CG   sing N N 21  
ARG CB  HB2  sing N N 22  
ARG CB  HB3  sing N N 23  
ARG CG  CD   sing N N 24  
ARG CG  HG2  sing N N 25  
ARG CG  HG3  sing N N 26  
ARG CD  NE   sing N N 27  
ARG CD  HD2  sing N N 28  
ARG CD  HD3  sing N N 29  
ARG NE  CZ   sing N N 30  
ARG NE  HE   sing N N 31  
ARG CZ  NH1  sing N N 32  
ARG CZ  NH2  doub N N 33  
ARG NH1 HH11 sing N N 34  
ARG NH1 HH12 sing N N 35  
ARG NH2 HH21 sing N N 36  
ARG NH2 HH22 sing N N 37  
ARG OXT HXT  sing N N 38  
ASN N   CA   sing N N 39  
ASN N   H    sing N N 40  
ASN N   H2   sing N N 41  
ASN CA  C    sing N N 42  
ASN CA  CB   sing N N 43  
ASN CA  HA   sing N N 44  
ASN C   O    doub N N 45  
ASN C   OXT  sing N N 46  
ASN CB  CG   sing N N 47  
ASN CB  HB2  sing N N 48  
ASN CB  HB3  sing N N 49  
ASN CG  OD1  doub N N 50  
ASN CG  ND2  sing N N 51  
ASN ND2 HD21 sing N N 52  
ASN ND2 HD22 sing N N 53  
ASN OXT HXT  sing N N 54  
ASP N   CA   sing N N 55  
ASP N   H    sing N N 56  
ASP N   H2   sing N N 57  
ASP CA  C    sing N N 58  
ASP CA  CB   sing N N 59  
ASP CA  HA   sing N N 60  
ASP C   O    doub N N 61  
ASP C   OXT  sing N N 62  
ASP CB  CG   sing N N 63  
ASP CB  HB2  sing N N 64  
ASP CB  HB3  sing N N 65  
ASP CG  OD1  doub N N 66  
ASP CG  OD2  sing N N 67  
ASP OD2 HD2  sing N N 68  
ASP OXT HXT  sing N N 69  
CYS N   CA   sing N N 70  
CYS N   H    sing N N 71  
CYS N   H2   sing N N 72  
CYS CA  C    sing N N 73  
CYS CA  CB   sing N N 74  
CYS CA  HA   sing N N 75  
CYS C   O    doub N N 76  
CYS C   OXT  sing N N 77  
CYS CB  SG   sing N N 78  
CYS CB  HB2  sing N N 79  
CYS CB  HB3  sing N N 80  
CYS SG  HG   sing N N 81  
CYS OXT HXT  sing N N 82  
DMS S   O    doub N N 83  
DMS S   C1   sing N N 84  
DMS S   C2   sing N N 85  
DMS C1  H11  sing N N 86  
DMS C1  H12  sing N N 87  
DMS C1  H13  sing N N 88  
DMS C2  H21  sing N N 89  
DMS C2  H22  sing N N 90  
DMS C2  H23  sing N N 91  
GLN N   CA   sing N N 92  
GLN N   H    sing N N 93  
GLN N   H2   sing N N 94  
GLN CA  C    sing N N 95  
GLN CA  CB   sing N N 96  
GLN CA  HA   sing N N 97  
GLN C   O    doub N N 98  
GLN C   OXT  sing N N 99  
GLN CB  CG   sing N N 100 
GLN CB  HB2  sing N N 101 
GLN CB  HB3  sing N N 102 
GLN CG  CD   sing N N 103 
GLN CG  HG2  sing N N 104 
GLN CG  HG3  sing N N 105 
GLN CD  OE1  doub N N 106 
GLN CD  NE2  sing N N 107 
GLN NE2 HE21 sing N N 108 
GLN NE2 HE22 sing N N 109 
GLN OXT HXT  sing N N 110 
GLU N   CA   sing N N 111 
GLU N   H    sing N N 112 
GLU N   H2   sing N N 113 
GLU CA  C    sing N N 114 
GLU CA  CB   sing N N 115 
GLU CA  HA   sing N N 116 
GLU C   O    doub N N 117 
GLU C   OXT  sing N N 118 
GLU CB  CG   sing N N 119 
GLU CB  HB2  sing N N 120 
GLU CB  HB3  sing N N 121 
GLU CG  CD   sing N N 122 
GLU CG  HG2  sing N N 123 
GLU CG  HG3  sing N N 124 
GLU CD  OE1  doub N N 125 
GLU CD  OE2  sing N N 126 
GLU OE2 HE2  sing N N 127 
GLU OXT HXT  sing N N 128 
GLY N   CA   sing N N 129 
GLY N   H    sing N N 130 
GLY N   H2   sing N N 131 
GLY CA  C    sing N N 132 
GLY CA  HA2  sing N N 133 
GLY CA  HA3  sing N N 134 
GLY C   O    doub N N 135 
GLY C   OXT  sing N N 136 
GLY OXT HXT  sing N N 137 
HIS N   CA   sing N N 138 
HIS N   H    sing N N 139 
HIS N   H2   sing N N 140 
HIS CA  C    sing N N 141 
HIS CA  CB   sing N N 142 
HIS CA  HA   sing N N 143 
HIS C   O    doub N N 144 
HIS C   OXT  sing N N 145 
HIS CB  CG   sing N N 146 
HIS CB  HB2  sing N N 147 
HIS CB  HB3  sing N N 148 
HIS CG  ND1  sing Y N 149 
HIS CG  CD2  doub Y N 150 
HIS ND1 CE1  doub Y N 151 
HIS ND1 HD1  sing N N 152 
HIS CD2 NE2  sing Y N 153 
HIS CD2 HD2  sing N N 154 
HIS CE1 NE2  sing Y N 155 
HIS CE1 HE1  sing N N 156 
HIS NE2 HE2  sing N N 157 
HIS OXT HXT  sing N N 158 
HOH O   H1   sing N N 159 
HOH O   H2   sing N N 160 
ILE N   CA   sing N N 161 
ILE N   H    sing N N 162 
ILE N   H2   sing N N 163 
ILE CA  C    sing N N 164 
ILE CA  CB   sing N N 165 
ILE CA  HA   sing N N 166 
ILE C   O    doub N N 167 
ILE C   OXT  sing N N 168 
ILE CB  CG1  sing N N 169 
ILE CB  CG2  sing N N 170 
ILE CB  HB   sing N N 171 
ILE CG1 CD1  sing N N 172 
ILE CG1 HG12 sing N N 173 
ILE CG1 HG13 sing N N 174 
ILE CG2 HG21 sing N N 175 
ILE CG2 HG22 sing N N 176 
ILE CG2 HG23 sing N N 177 
ILE CD1 HD11 sing N N 178 
ILE CD1 HD12 sing N N 179 
ILE CD1 HD13 sing N N 180 
ILE OXT HXT  sing N N 181 
LEU N   CA   sing N N 182 
LEU N   H    sing N N 183 
LEU N   H2   sing N N 184 
LEU CA  C    sing N N 185 
LEU CA  CB   sing N N 186 
LEU CA  HA   sing N N 187 
LEU C   O    doub N N 188 
LEU C   OXT  sing N N 189 
LEU CB  CG   sing N N 190 
LEU CB  HB2  sing N N 191 
LEU CB  HB3  sing N N 192 
LEU CG  CD1  sing N N 193 
LEU CG  CD2  sing N N 194 
LEU CG  HG   sing N N 195 
LEU CD1 HD11 sing N N 196 
LEU CD1 HD12 sing N N 197 
LEU CD1 HD13 sing N N 198 
LEU CD2 HD21 sing N N 199 
LEU CD2 HD22 sing N N 200 
LEU CD2 HD23 sing N N 201 
LEU OXT HXT  sing N N 202 
LYS N   CA   sing N N 203 
LYS N   H    sing N N 204 
LYS N   H2   sing N N 205 
LYS CA  C    sing N N 206 
LYS CA  CB   sing N N 207 
LYS CA  HA   sing N N 208 
LYS C   O    doub N N 209 
LYS C   OXT  sing N N 210 
LYS CB  CG   sing N N 211 
LYS CB  HB2  sing N N 212 
LYS CB  HB3  sing N N 213 
LYS CG  CD   sing N N 214 
LYS CG  HG2  sing N N 215 
LYS CG  HG3  sing N N 216 
LYS CD  CE   sing N N 217 
LYS CD  HD2  sing N N 218 
LYS CD  HD3  sing N N 219 
LYS CE  NZ   sing N N 220 
LYS CE  HE2  sing N N 221 
LYS CE  HE3  sing N N 222 
LYS NZ  HZ1  sing N N 223 
LYS NZ  HZ2  sing N N 224 
LYS NZ  HZ3  sing N N 225 
LYS OXT HXT  sing N N 226 
MET N   CA   sing N N 227 
MET N   H    sing N N 228 
MET N   H2   sing N N 229 
MET CA  C    sing N N 230 
MET CA  CB   sing N N 231 
MET CA  HA   sing N N 232 
MET C   O    doub N N 233 
MET C   OXT  sing N N 234 
MET CB  CG   sing N N 235 
MET CB  HB2  sing N N 236 
MET CB  HB3  sing N N 237 
MET CG  SD   sing N N 238 
MET CG  HG2  sing N N 239 
MET CG  HG3  sing N N 240 
MET SD  CE   sing N N 241 
MET CE  HE1  sing N N 242 
MET CE  HE2  sing N N 243 
MET CE  HE3  sing N N 244 
MET OXT HXT  sing N N 245 
PHE N   CA   sing N N 246 
PHE N   H    sing N N 247 
PHE N   H2   sing N N 248 
PHE CA  C    sing N N 249 
PHE CA  CB   sing N N 250 
PHE CA  HA   sing N N 251 
PHE C   O    doub N N 252 
PHE C   OXT  sing N N 253 
PHE CB  CG   sing N N 254 
PHE CB  HB2  sing N N 255 
PHE CB  HB3  sing N N 256 
PHE CG  CD1  doub Y N 257 
PHE CG  CD2  sing Y N 258 
PHE CD1 CE1  sing Y N 259 
PHE CD1 HD1  sing N N 260 
PHE CD2 CE2  doub Y N 261 
PHE CD2 HD2  sing N N 262 
PHE CE1 CZ   doub Y N 263 
PHE CE1 HE1  sing N N 264 
PHE CE2 CZ   sing Y N 265 
PHE CE2 HE2  sing N N 266 
PHE CZ  HZ   sing N N 267 
PHE OXT HXT  sing N N 268 
PRO N   CA   sing N N 269 
PRO N   CD   sing N N 270 
PRO N   H    sing N N 271 
PRO CA  C    sing N N 272 
PRO CA  CB   sing N N 273 
PRO CA  HA   sing N N 274 
PRO C   O    doub N N 275 
PRO C   OXT  sing N N 276 
PRO CB  CG   sing N N 277 
PRO CB  HB2  sing N N 278 
PRO CB  HB3  sing N N 279 
PRO CG  CD   sing N N 280 
PRO CG  HG2  sing N N 281 
PRO CG  HG3  sing N N 282 
PRO CD  HD2  sing N N 283 
PRO CD  HD3  sing N N 284 
PRO OXT HXT  sing N N 285 
SER N   CA   sing N N 286 
SER N   H    sing N N 287 
SER N   H2   sing N N 288 
SER CA  C    sing N N 289 
SER CA  CB   sing N N 290 
SER CA  HA   sing N N 291 
SER C   O    doub N N 292 
SER C   OXT  sing N N 293 
SER CB  OG   sing N N 294 
SER CB  HB2  sing N N 295 
SER CB  HB3  sing N N 296 
SER OG  HG   sing N N 297 
SER OXT HXT  sing N N 298 
SO4 S   O1   doub N N 299 
SO4 S   O2   doub N N 300 
SO4 S   O3   sing N N 301 
SO4 S   O4   sing N N 302 
THR N   CA   sing N N 303 
THR N   H    sing N N 304 
THR N   H2   sing N N 305 
THR CA  C    sing N N 306 
THR CA  CB   sing N N 307 
THR CA  HA   sing N N 308 
THR C   O    doub N N 309 
THR C   OXT  sing N N 310 
THR CB  OG1  sing N N 311 
THR CB  CG2  sing N N 312 
THR CB  HB   sing N N 313 
THR OG1 HG1  sing N N 314 
THR CG2 HG21 sing N N 315 
THR CG2 HG22 sing N N 316 
THR CG2 HG23 sing N N 317 
THR OXT HXT  sing N N 318 
TRP N   CA   sing N N 319 
TRP N   H    sing N N 320 
TRP N   H2   sing N N 321 
TRP CA  C    sing N N 322 
TRP CA  CB   sing N N 323 
TRP CA  HA   sing N N 324 
TRP C   O    doub N N 325 
TRP C   OXT  sing N N 326 
TRP CB  CG   sing N N 327 
TRP CB  HB2  sing N N 328 
TRP CB  HB3  sing N N 329 
TRP CG  CD1  doub Y N 330 
TRP CG  CD2  sing Y N 331 
TRP CD1 NE1  sing Y N 332 
TRP CD1 HD1  sing N N 333 
TRP CD2 CE2  doub Y N 334 
TRP CD2 CE3  sing Y N 335 
TRP NE1 CE2  sing Y N 336 
TRP NE1 HE1  sing N N 337 
TRP CE2 CZ2  sing Y N 338 
TRP CE3 CZ3  doub Y N 339 
TRP CE3 HE3  sing N N 340 
TRP CZ2 CH2  doub Y N 341 
TRP CZ2 HZ2  sing N N 342 
TRP CZ3 CH2  sing Y N 343 
TRP CZ3 HZ3  sing N N 344 
TRP CH2 HH2  sing N N 345 
TRP OXT HXT  sing N N 346 
TYR N   CA   sing N N 347 
TYR N   H    sing N N 348 
TYR N   H2   sing N N 349 
TYR CA  C    sing N N 350 
TYR CA  CB   sing N N 351 
TYR CA  HA   sing N N 352 
TYR C   O    doub N N 353 
TYR C   OXT  sing N N 354 
TYR CB  CG   sing N N 355 
TYR CB  HB2  sing N N 356 
TYR CB  HB3  sing N N 357 
TYR CG  CD1  doub Y N 358 
TYR CG  CD2  sing Y N 359 
TYR CD1 CE1  sing Y N 360 
TYR CD1 HD1  sing N N 361 
TYR CD2 CE2  doub Y N 362 
TYR CD2 HD2  sing N N 363 
TYR CE1 CZ   doub Y N 364 
TYR CE1 HE1  sing N N 365 
TYR CE2 CZ   sing Y N 366 
TYR CE2 HE2  sing N N 367 
TYR CZ  OH   sing N N 368 
TYR OH  HH   sing N N 369 
TYR OXT HXT  sing N N 370 
VAL N   CA   sing N N 371 
VAL N   H    sing N N 372 
VAL N   H2   sing N N 373 
VAL CA  C    sing N N 374 
VAL CA  CB   sing N N 375 
VAL CA  HA   sing N N 376 
VAL C   O    doub N N 377 
VAL C   OXT  sing N N 378 
VAL CB  CG1  sing N N 379 
VAL CB  CG2  sing N N 380 
VAL CB  HB   sing N N 381 
VAL CG1 HG11 sing N N 382 
VAL CG1 HG12 sing N N 383 
VAL CG1 HG13 sing N N 384 
VAL CG2 HG21 sing N N 385 
VAL CG2 HG22 sing N N 386 
VAL CG2 HG23 sing N N 387 
VAL OXT HXT  sing N N 388 
XJV C02 O01  doub N N 389 
XJV N03 C02  sing N N 390 
XJV C04 N03  sing N N 391 
XJV C05 C04  sing N N 392 
XJV N06 C05  sing N N 393 
XJV C02 N06  sing N N 394 
XJV N03 H031 sing N N 395 
XJV C04 H041 sing N N 396 
XJV C04 H042 sing N N 397 
XJV C05 H051 sing N N 398 
XJV C05 H052 sing N N 399 
XJV N06 H061 sing N N 400 
# 
_pdbx_audit_support.funding_organization   
'National Institutes of Health/National Institute Of Allergy and Infectious Diseases (NIH/NIAID)' 
_pdbx_audit_support.country                'United States' 
_pdbx_audit_support.grant_number           U19AI171399 
_pdbx_audit_support.ordinal                1 
# 
_pdbx_deposit_group.group_id            G_1002288 
_pdbx_deposit_group.group_description   'Crystallographic fragment screening of Coxsackievirus A16 (G-10) 2A protease' 
_pdbx_deposit_group.group_title         
'Group deposition for crystallographic fragment screening of Coxsackievirus A16 (G-10) 2A protease' 
_pdbx_deposit_group.group_type          'changed state' 
# 
_atom_sites.entry_id                    7H4R 
_atom_sites.fract_transf_matrix[1][1]   0.00547752 
_atom_sites.fract_transf_matrix[1][2]   0.00237215 
_atom_sites.fract_transf_matrix[1][3]   0.01007093 
_atom_sites.fract_transf_matrix[2][1]   -0.01261168 
_atom_sites.fract_transf_matrix[2][2]   0.01169722 
_atom_sites.fract_transf_matrix[2][3]   0.00410420 
_atom_sites.fract_transf_matrix[3][1]   -0.01481594 
_atom_sites.fract_transf_matrix[3][2]   -0.02172916 
_atom_sites.fract_transf_matrix[3][3]   0.01640188 
_atom_sites.fract_transf_vector[1]      0.184381 
_atom_sites.fract_transf_vector[2]      0.122945 
_atom_sites.fract_transf_vector[3]      0.446949 
# 
loop_
_atom_type.symbol 
C  
N  
O  
S  
ZN 
# 
loop_
_atom_site.group_PDB 
_atom_site.id 
_atom_site.type_symbol 
_atom_site.label_atom_id 
_atom_site.label_alt_id 
_atom_site.label_comp_id 
_atom_site.label_asym_id 
_atom_site.label_entity_id 
_atom_site.label_seq_id 
_atom_site.pdbx_PDB_ins_code 
_atom_site.Cartn_x 
_atom_site.Cartn_y 
_atom_site.Cartn_z 
_atom_site.occupancy 
_atom_site.B_iso_or_equiv 
_atom_site.pdbx_formal_charge 
_atom_site.auth_seq_id 
_atom_site.auth_comp_id 
_atom_site.auth_asym_id 
_atom_site.auth_atom_id 
_atom_site.pdbx_PDB_model_num 
ATOM   1    N  N   . SER A 1 7   ? -2.769  -6.440  8.168   1.00 13.81  ? 7   SER A N   1 
ATOM   2    C  CA  . SER A 1 7   ? -1.834  -5.515  8.772   1.00 14.30  ? 7   SER A CA  1 
ATOM   3    C  C   . SER A 1 7   ? -0.498  -5.526  8.024   1.00 14.04  ? 7   SER A C   1 
ATOM   4    O  O   . SER A 1 7   ? -0.210  -6.468  7.296   1.00 15.50  ? 7   SER A O   1 
ATOM   5    C  CB  . SER A 1 7   ? -1.679  -5.861  10.230  1.00 17.91  ? 7   SER A CB  1 
ATOM   6    O  OG  . SER A 1 7   ? -0.971  -7.070  10.348  1.00 21.05  ? 7   SER A OG  1 
ATOM   7    N  N   . GLY A 1 8   ? 0.304   -4.504  8.228   1.00 13.55  ? 8   GLY A N   1 
ATOM   8    C  CA  . GLY A 1 8   ? 1.670   -4.432  7.698   1.00 13.73  ? 8   GLY A CA  1 
ATOM   9    C  C   . GLY A 1 8   ? 2.029   -2.994  7.355   1.00 12.40  ? 8   GLY A C   1 
ATOM   10   O  O   . GLY A 1 8   ? 1.164   -2.139  7.180   1.00 14.61  ? 8   GLY A O   1 
ATOM   11   N  N   . ALA A 1 9   ? 3.326   -2.770  7.279   1.00 12.86  ? 9   ALA A N   1 
ATOM   12   C  CA  . ALA A 1 9   ? 3.848   -1.427  7.020   1.00 13.79  ? 9   ALA A CA  1 
ATOM   13   C  C   . ALA A 1 9   ? 5.106   -1.515  6.171   1.00 14.39  ? 9   ALA A C   1 
ATOM   14   O  O   . ALA A 1 9   ? 5.726   -2.603  6.061   1.00 14.12  ? 9   ALA A O   1 
ATOM   15   C  CB  . ALA A 1 9   ? 4.121   -0.707  8.304   1.00 15.36  ? 9   ALA A CB  1 
ATOM   16   N  N   . ILE A 1 10  ? 5.440   -0.390  5.561   1.00 13.32  ? 10  ILE A N   1 
ATOM   17   C  CA  . ILE A 1 10  ? 6.770   -0.220  4.911   1.00 14.05  ? 10  ILE A CA  1 
ATOM   18   C  C   . ILE A 1 10  ? 7.639   0.617   5.837   1.00 13.86  ? 10  ILE A C   1 
ATOM   19   O  O   . ILE A 1 10  ? 7.174   1.637   6.366   1.00 14.03  ? 10  ILE A O   1 
ATOM   20   C  CB  . ILE A 1 10  ? 6.643   0.494   3.545   1.00 12.54  ? 10  ILE A CB  1 
ATOM   21   C  CG1 . ILE A 1 10  ? 5.570   -0.158  2.668   1.00 12.90  ? 10  ILE A CG1 1 
ATOM   22   C  CG2 . ILE A 1 10  ? 7.984   0.518   2.822   1.00 13.40  ? 10  ILE A CG2 1 
ATOM   23   C  CD1 . ILE A 1 10  ? 5.149   0.690   1.464   1.00 13.22  ? 10  ILE A CD1 1 
ATOM   24   N  N   . TYR A 1 11  ? 8.896   0.247   5.976   1.00 15.52  ? 11  TYR A N   1 
ATOM   25   C  CA  . TYR A 1 11  ? 9.880   0.990   6.803   1.00 17.02  ? 11  TYR A CA  1 
ATOM   26   C  C   . TYR A 1 11  ? 10.997  1.431   5.872   1.00 16.24  ? 11  TYR A C   1 
ATOM   27   O  O   . TYR A 1 11  ? 11.805  0.544   5.507   1.00 18.92  ? 11  TYR A O   1 
ATOM   28   C  CB  . TYR A 1 11  ? 10.372  0.135   7.970   1.00 17.24  ? 11  TYR A CB  1 
ATOM   29   C  CG  . TYR A 1 11  ? 9.254   -0.208  8.934   1.00 16.63  ? 11  TYR A CG  1 
ATOM   30   C  CD1 . TYR A 1 11  ? 8.875   0.666   9.927   1.00 17.99  ? 11  TYR A CD1 1 
ATOM   31   C  CD2 . TYR A 1 11  ? 8.531   -1.373  8.805   1.00 17.63  ? 11  TYR A CD2 1 
ATOM   32   C  CE1 . TYR A 1 11  ? 7.826   0.388   10.786  1.00 17.04  ? 11  TYR A CE1 1 
ATOM   33   C  CE2 . TYR A 1 11  ? 7.485   -1.692  9.683   1.00 18.52  ? 11  TYR A CE2 1 
ATOM   34   C  CZ  . TYR A 1 11  ? 7.119   -0.789  10.658  1.00 17.49  ? 11  TYR A CZ  1 
ATOM   35   O  OH  . TYR A 1 11  ? 6.068   -1.138  11.499  1.00 17.80  ? 11  TYR A OH  1 
ATOM   36   N  N   . VAL A 1 12  ? 11.057  2.714   5.606   1.00 16.70  ? 12  VAL A N   1 
ATOM   37   C  CA  . VAL A 1 12  ? 12.116  3.299   4.733   1.00 16.86  ? 12  VAL A CA  1 
ATOM   38   C  C   . VAL A 1 12  ? 12.702  4.509   5.455   1.00 16.56  ? 12  VAL A C   1 
ATOM   39   O  O   . VAL A 1 12  ? 11.954  5.385   5.899   1.00 17.18  ? 12  VAL A O   1 
ATOM   40   C  CB  . VAL A 1 12  ? 11.543  3.621   3.334   1.00 16.88  ? 12  VAL A CB  1 
ATOM   41   C  CG1 . VAL A 1 12  ? 10.288  4.464   3.327   1.00 15.82  ? 12  VAL A CG1 1 
ATOM   42   C  CG2 . VAL A 1 12  ? 12.605  4.219   2.438   1.00 18.05  ? 12  VAL A CG2 1 
ATOM   43   N  N   . GLY A 1 13  ? 14.040  4.628   5.560   1.00 18.61  ? 13  GLY A N   1 
ATOM   44   C  CA  . GLY A 1 13  ? 14.606  5.776   6.285   1.00 19.32  ? 13  GLY A CA  1 
ATOM   45   C  C   . GLY A 1 13  ? 14.019  5.831   7.694   1.00 17.21  ? 13  GLY A C   1 
ATOM   46   O  O   . GLY A 1 13  ? 13.956  4.794   8.313   1.00 19.16  ? 13  GLY A O   1 
ATOM   47   N  N   . ASN A 1 14  ? 13.593  7.015   8.097   1.00 19.81  ? 14  ASN A N   1 
ATOM   48   C  CA  . ASN A 1 14  ? 12.978  7.225   9.427   1.00 20.66  ? 14  ASN A CA  1 
ATOM   49   C  C   . ASN A 1 14  ? 11.473  7.417   9.201   1.00 20.54  ? 14  ASN A C   1 
ATOM   50   O  O   . ASN A 1 14  ? 10.854  8.263   9.855   1.00 19.34  ? 14  ASN A O   1 
ATOM   51   C  CB  . ASN A 1 14  ? 13.752  8.269   10.234  1.00 24.83  ? 14  ASN A CB  1 
ATOM   52   C  CG  . ASN A 1 14  ? 15.074  7.676   10.702  1.00 27.55  ? 14  ASN A CG  1 
ATOM   53   O  OD1 . ASN A 1 14  ? 15.182  7.081   11.768  1.00 30.39  ? 14  ASN A OD1 1 
ATOM   54   N  ND2 . ASN A 1 14  ? 16.059  7.678   9.830   1.00 30.12  ? 14  ASN A ND2 1 
ATOM   55   N  N   . TYR A 1 15  ? 10.908  6.634   8.267   1.00 17.35  ? 15  TYR A N   1 
ATOM   56   C  CA  . TYR A 1 15  ? 9.464   6.697   7.950   1.00 15.38  ? 15  TYR A CA  1 
ATOM   57   C  C   . TYR A 1 15  ? 8.863   5.307   8.088   1.00 14.70  ? 15  TYR A C   1 
ATOM   58   O  O   . TYR A 1 15  ? 9.439   4.269   7.806   1.00 14.22  ? 15  TYR A O   1 
ATOM   59   C  CB  . TYR A 1 15  ? 9.266   7.212   6.525   1.00 17.17  ? 15  TYR A CB  1 
ATOM   60   C  CG  . TYR A 1 15  ? 9.780   8.604   6.287   1.00 17.66  ? 15  TYR A CG  1 
ATOM   61   C  CD1 . TYR A 1 15  ? 9.326   9.669   7.046   1.00 19.18  ? 15  TYR A CD1 1 
ATOM   62   C  CD2 . TYR A 1 15  ? 10.695  8.878   5.273   1.00 20.40  ? 15  TYR A CD2 1 
ATOM   63   C  CE1 . TYR A 1 15  ? 9.783   10.959  6.843   1.00 20.67  ? 15  TYR A CE1 1 
ATOM   64   C  CE2 . TYR A 1 15  ? 11.144  10.169  5.058   1.00 20.69  ? 15  TYR A CE2 1 
ATOM   65   C  CZ  . TYR A 1 15  ? 10.669  11.222  5.819   1.00 21.67  ? 15  TYR A CZ  1 
ATOM   66   O  OH  . TYR A 1 15  ? 11.124  12.500  5.579   1.00 26.36  ? 15  TYR A OH  1 
ATOM   67   N  N   . ARG A 1 16  ? 7.596   5.317   8.526   1.00 14.35  ? 16  ARG A N   1 
ATOM   68   C  CA  . ARG A 1 16  ? 6.721   4.134   8.593   1.00 14.05  ? 16  ARG A CA  1 
ATOM   69   C  C   . ARG A 1 16  ? 5.510   4.462   7.734   1.00 13.37  ? 16  ARG A C   1 
ATOM   70   O  O   . ARG A 1 16  ? 4.834   5.472   8.000   1.00 13.95  ? 16  ARG A O   1 
ATOM   71   C  CB  . ARG A 1 16  ? 6.332   3.816   10.049  1.00 13.99  ? 16  ARG A CB  1 
ATOM   72   C  CG  . ARG A 1 16  ? 5.137   2.895   10.231  1.00 14.55  ? 16  ARG A CG  1 
ATOM   73   C  CD  . ARG A 1 16  ? 4.927   2.522   11.703  1.00 14.22  ? 16  ARG A CD  1 
ATOM   74   N  NE  . ARG A 1 16  ? 3.539   2.420   12.090  1.00 14.61  ? 16  ARG A NE  1 
ATOM   75   C  CZ  . ARG A 1 16  ? 2.829   1.317   12.103  1.00 13.54  ? 16  ARG A CZ  1 
ATOM   76   N  NH1 . ARG A 1 16  ? 3.345   0.168   11.714  1.00 16.21  ? 16  ARG A NH1 1 
ATOM   77   N  NH2 . ARG A 1 16  ? 1.566   1.361   12.481  1.00 15.09  ? 16  ARG A NH2 1 
ATOM   78   N  N   . VAL A 1 17  ? 5.245   3.618   6.740   1.00 12.59  ? 17  VAL A N   1 
ATOM   79   C  CA  . VAL A 1 17  ? 4.129   3.834   5.808   1.00 11.84  ? 17  VAL A CA  1 
ATOM   80   C  C   . VAL A 1 17  ? 3.082   2.772   6.120   1.00 11.63  ? 17  VAL A C   1 
ATOM   81   O  O   . VAL A 1 17  ? 3.368   1.561   5.966   1.00 11.93  ? 17  VAL A O   1 
ATOM   82   C  CB  . VAL A 1 17  ? 4.561   3.754   4.336   1.00 12.23  ? 17  VAL A CB  1 
ATOM   83   C  CG1 . VAL A 1 17  ? 3.393   4.145   3.451   1.00 12.75  ? 17  VAL A CG1 1 
ATOM   84   C  CG2 . VAL A 1 17  ? 5.836   4.543   4.098   1.00 13.04  ? 17  VAL A CG2 1 
ATOM   85   N  N   . VAL A 1 18  ? 1.897   3.231   6.445   1.00 11.63  ? 18  VAL A N   1 
ATOM   86   C  CA  . VAL A 1 18  ? 0.797   2.338   6.843   1.00 11.97  ? 18  VAL A CA  1 
ATOM   87   C  C   . VAL A 1 18  ? -0.462  2.716   6.101   1.00 11.50  ? 18  VAL A C   1 
ATOM   88   O  O   . VAL A 1 18  ? -0.604  3.850   5.625   1.00 12.12  ? 18  VAL A O   1 
ATOM   89   C  CB  . VAL A 1 18  ? 0.536   2.315   8.360   1.00 13.13  ? 18  VAL A CB  1 
ATOM   90   C  CG1 . VAL A 1 18  ? 1.661   1.551   9.056   1.00 16.91  ? 18  VAL A CG1 1 
ATOM   91   C  CG2 . VAL A 1 18  ? 0.228   3.690   8.946   1.00 12.88  ? 18  VAL A CG2 1 
ATOM   92   N  N   . ASN A 1 19  ? -1.391  1.762   5.998   1.00 10.82  ? 19  ASN A N   1 
ATOM   93   C  CA  . ASN A 1 19  ? -2.753  2.144   5.603   1.00 11.18  ? 19  ASN A CA  1 
ATOM   94   C  C   . ASN A 1 19  ? -3.256  3.230   6.551   1.00 11.21  ? 19  ASN A C   1 
ATOM   95   O  O   . ASN A 1 19  ? -3.246  2.994   7.767   1.00 11.65  ? 19  ASN A O   1 
ATOM   96   C  CB  . ASN A 1 19  ? -3.712  0.967   5.604   1.00 11.38  ? 19  ASN A CB  1 
ATOM   97   C  CG  . ASN A 1 19  ? -3.323  -0.126  4.637   1.00 10.46  ? 19  ASN A CG  1 
ATOM   98   O  OD1 . ASN A 1 19  ? -2.602  -1.043  4.994   1.00 11.96  ? 19  ASN A OD1 1 
ATOM   99   N  ND2 . ASN A 1 19  ? -3.725  0.005   3.381   1.00 11.53  ? 19  ASN A ND2 1 
ATOM   100  N  N   . ARG A 1 20  ? -3.828  4.294   6.029   1.00 11.23  ? 20  ARG A N   1 
ATOM   101  C  CA  . ARG A 1 20  ? -4.349  5.372   6.896   1.00 11.28  ? 20  ARG A CA  1 
ATOM   102  C  C   . ARG A 1 20  ? -5.382  4.794   7.882   1.00 11.62  ? 20  ARG A C   1 
ATOM   103  O  O   . ARG A 1 20  ? -5.420  5.160   9.070   1.00 12.03  ? 20  ARG A O   1 
ATOM   104  C  CB  . ARG A 1 20  ? -4.967  6.497   6.073   1.00 10.59  ? 20  ARG A CB  1 
ATOM   105  C  CG  . ARG A 1 20  ? -5.303  7.754   6.862   1.00 11.40  ? 20  ARG A CG  1 
ATOM   106  C  CD  . ARG A 1 20  ? -5.895  8.775   5.952   1.00 12.55  ? 20  ARG A CD  1 
ATOM   107  N  NE  . ARG A 1 20  ? -6.221  10.066  6.576   1.00 13.87  ? 20  ARG A NE  1 
ATOM   108  C  CZ  . ARG A 1 20  ? -7.326  10.297  7.248   1.00 14.12  ? 20  ARG A CZ  1 
ATOM   109  N  NH1 . ARG A 1 20  ? -8.206  9.342   7.464   1.00 16.75  ? 20  ARG A NH1 1 
ATOM   110  N  NH2 . ARG A 1 20  ? -7.581  11.523  7.704   1.00 16.93  ? 20  ARG A NH2 1 
ATOM   111  N  N   . HIS A 1 21  ? -6.240  3.898   7.416   1.00 11.78  ? 21  HIS A N   1 
ATOM   112  C  CA  . HIS A 1 21  ? -7.345  3.359   8.241   1.00 12.39  ? 21  HIS A CA  1 
ATOM   113  C  C   . HIS A 1 21  ? -6.792  2.453   9.326   1.00 12.04  ? 21  HIS A C   1 
ATOM   114  O  O   . HIS A 1 21  ? -7.582  2.147   10.255  1.00 13.76  ? 21  HIS A O   1 
ATOM   115  C  CB  . HIS A 1 21  ? -8.436  2.702   7.380   1.00 12.39  ? 21  HIS A CB  1 
ATOM   116  C  CG  . HIS A 1 21  ? -8.074  1.377   6.803   1.00 13.18  ? 21  HIS A CG  1 
ATOM   117  N  ND1 . HIS A 1 21  ? -7.432  1.235   5.588   1.00 12.71  ? 21  HIS A ND1 1 
ATOM   118  C  CD2 . HIS A 1 21  ? -8.275  0.124   7.270   1.00 13.21  ? 21  HIS A CD2 1 
ATOM   119  C  CE1 . HIS A 1 21  ? -7.259  -0.060  5.336   1.00 12.70  ? 21  HIS A CE1 1 
ATOM   120  N  NE2 . HIS A 1 21  ? -7.781  -0.769  6.347   1.00 13.76  ? 21  HIS A NE2 1 
ATOM   121  N  N   . LEU A 1 22  ? -5.532  2.046   9.321   1.00 11.53  ? 22  LEU A N   1 
ATOM   122  C  CA  . LEU A 1 22  ? -4.933  1.181   10.352  1.00 11.60  ? 22  LEU A CA  1 
ATOM   123  C  C   . LEU A 1 22  ? -3.904  1.970   11.152  1.00 11.80  ? 22  LEU A C   1 
ATOM   124  O  O   . LEU A 1 22  ? -3.286  1.381   12.037  1.00 13.07  ? 22  LEU A O   1 
ATOM   125  C  CB  . LEU A 1 22  ? -4.277  -0.038  9.696   1.00 12.88  ? 22  LEU A CB  1 
ATOM   126  C  CG  . LEU A 1 22  ? -5.240  -0.979  8.989   1.00 12.62  ? 22  LEU A CG  1 
ATOM   127  C  CD1 . LEU A 1 22  ? -4.504  -2.186  8.429   1.00 13.53  ? 22  LEU A CD1 1 
ATOM   128  C  CD2 . LEU A 1 22  ? -6.337  -1.450  9.963   1.00 13.90  ? 22  LEU A CD2 1 
ATOM   129  N  N   . ALA A 1 23  ? -3.767  3.268   10.927  1.00 11.02  ? 23  ALA A N   1 
ATOM   130  C  CA  . ALA A 1 23  ? -2.788  4.057   11.693  1.00 11.78  ? 23  ALA A CA  1 
ATOM   131  C  C   . ALA A 1 23  ? -3.157  4.072   13.182  1.00 12.43  ? 23  ALA A C   1 
ATOM   132  O  O   . ALA A 1 23  ? -4.377  4.178   13.485  1.00 13.99  ? 23  ALA A O   1 
ATOM   133  C  CB  . ALA A 1 23  ? -2.725  5.450   11.098  1.00 12.89  ? 23  ALA A CB  1 
ATOM   134  N  N   . THR A 1 24  ? -2.146  4.041   14.025  1.00 12.25  ? 24  THR A N   1 
ATOM   135  C  CA  . THR A 1 24  ? -2.391  4.027   15.487  1.00 13.59  ? 24  THR A CA  1 
ATOM   136  C  C   . THR A 1 24  ? -2.381  5.445   16.034  1.00 13.43  ? 24  THR A C   1 
ATOM   137  O  O   . THR A 1 24  ? -2.033  6.408   15.339  1.00 13.38  ? 24  THR A O   1 
ATOM   138  C  CB  . THR A 1 24  ? -1.276  3.225   16.142  1.00 13.33  ? 24  THR A CB  1 
ATOM   139  O  OG1 . THR A 1 24  ? -0.035  3.895   15.948  1.00 14.69  ? 24  THR A OG1 1 
ATOM   140  C  CG2 . THR A 1 24  ? -1.227  1.799   15.640  1.00 14.46  ? 24  THR A CG2 1 
ATOM   141  N  N   . HIS A 1 25  ? -2.717  5.597   17.321  1.00 13.87  ? 25  HIS A N   1 
ATOM   142  C  CA  . HIS A 1 25  ? -2.533  6.906   17.971  1.00 13.96  ? 25  HIS A CA  1 
ATOM   143  C  C   . HIS A 1 25  ? -1.074  7.352   17.844  1.00 14.87  ? 25  HIS A C   1 
ATOM   144  O  O   . HIS A 1 25  ? -0.853  8.539   17.598  1.00 13.41  ? 25  HIS A O   1 
ATOM   145  C  CB  . HIS A 1 25  ? -2.971  6.849   19.454  1.00 15.87  ? 25  HIS A CB  1 
ATOM   146  C  CG  . HIS A 1 25  ? -2.488  8.041   20.218  1.00 16.84  ? 25  HIS A CG  1 
ATOM   147  N  ND1 . HIS A 1 25  ? -3.059  9.272   20.101  1.00 17.46  ? 25  HIS A ND1 1 
ATOM   148  C  CD2 . HIS A 1 25  ? -1.368  8.220   20.983  1.00 18.32  ? 25  HIS A CD2 1 
ATOM   149  C  CE1 . HIS A 1 25  ? -2.431  10.136  20.864  1.00 19.36  ? 25  HIS A CE1 1 
ATOM   150  N  NE2 . HIS A 1 25  ? -1.341  9.529   21.372  1.00 19.68  ? 25  HIS A NE2 1 
ATOM   151  N  N   . ASN A 1 26  ? -0.125  6.454   18.075  1.00 13.40  ? 26  ASN A N   1 
ATOM   152  C  CA  . ASN A 1 26  ? 1.310   6.790   17.994  1.00 14.42  ? 26  ASN A CA  1 
ATOM   153  C  C   . ASN A 1 26  ? 1.636   7.299   16.577  1.00 13.84  ? 26  ASN A C   1 
ATOM   154  O  O   . ASN A 1 26  ? 2.413   8.244   16.428  1.00 14.43  ? 26  ASN A O   1 
ATOM   155  C  CB  . ASN A 1 26  ? 2.210   5.606   18.325  1.00 16.87  ? 26  ASN A CB  1 
ATOM   156  C  CG  . ASN A 1 26  ? 3.655   6.033   18.424  1.00 22.99  ? 26  ASN A CG  1 
ATOM   157  O  OD1 . ASN A 1 26  ? 4.029   6.724   19.366  1.00 28.23  ? 26  ASN A OD1 1 
ATOM   158  N  ND2 . ASN A 1 26  ? 4.440   5.734   17.409  1.00 26.03  ? 26  ASN A ND2 1 
ATOM   159  N  N   . ASP A 1 27  ? 1.080   6.634   15.554  1.00 13.28  ? 27  ASP A N   1 
ATOM   160  C  CA  . ASP A 1 27  ? 1.304   7.149   14.175  1.00 12.55  ? 27  ASP A CA  1 
ATOM   161  C  C   . ASP A 1 27  ? 0.833   8.587   14.093  1.00 12.20  ? 27  ASP A C   1 
ATOM   162  O  O   . ASP A 1 27  ? 1.515   9.420   13.496  1.00 12.84  ? 27  ASP A O   1 
ATOM   163  C  CB  . ASP A 1 27  ? 0.605   6.321   13.102  1.00 12.64  ? 27  ASP A CB  1 
ATOM   164  C  CG  . ASP A 1 27  ? 1.217   4.954   12.899  1.00 12.60  ? 27  ASP A CG  1 
ATOM   165  O  OD1 . ASP A 1 27  ? 2.461   4.860   12.915  1.00 14.24  ? 27  ASP A OD1 1 
ATOM   166  O  OD2 . ASP A 1 27  ? 0.446   3.963   12.759  1.00 13.20  ? 27  ASP A OD2 1 
ATOM   167  N  N   . TRP A 1 28  ? -0.408  8.872   14.479  1.00 12.00  ? 28  TRP A N   1 
ATOM   168  C  CA  . TRP A 1 28  ? -0.996  10.219  14.378  1.00 11.70  ? 28  TRP A CA  1 
ATOM   169  C  C   . TRP A 1 28  ? -0.208  11.232  15.209  1.00 12.59  ? 28  TRP A C   1 
ATOM   170  O  O   . TRP A 1 28  ? -0.107  12.357  14.801  1.00 13.40  ? 28  TRP A O   1 
ATOM   171  C  CB  . TRP A 1 28  ? -2.478  10.179  14.769  1.00 12.17  ? 28  TRP A CB  1 
ATOM   172  C  CG  . TRP A 1 28  ? -3.373  9.659   13.685  1.00 12.45  ? 28  TRP A CG  1 
ATOM   173  C  CD1 . TRP A 1 28  ? -3.931  8.422   13.580  1.00 13.09  ? 28  TRP A CD1 1 
ATOM   174  C  CD2 . TRP A 1 28  ? -3.803  10.392  12.533  1.00 12.11  ? 28  TRP A CD2 1 
ATOM   175  N  NE1 . TRP A 1 28  ? -4.717  8.381   12.466  1.00 12.80  ? 28  TRP A NE1 1 
ATOM   176  C  CE2 . TRP A 1 28  ? -4.657  9.565   11.792  1.00 12.03  ? 28  TRP A CE2 1 
ATOM   177  C  CE3 . TRP A 1 28  ? -3.571  11.685  12.058  1.00 12.71  ? 28  TRP A CE3 1 
ATOM   178  C  CZ2 . TRP A 1 28  ? -5.263  9.989   10.608  1.00 13.01  ? 28  TRP A CZ2 1 
ATOM   179  C  CZ3 . TRP A 1 28  ? -4.178  12.105  10.900  1.00 12.56  ? 28  TRP A CZ3 1 
ATOM   180  C  CH2 . TRP A 1 28  ? -5.023  11.274  10.187  1.00 13.50  ? 28  TRP A CH2 1 
ATOM   181  N  N   . ALA A 1 29  ? 0.360   10.810  16.321  1.00 12.82  ? 29  ALA A N   1 
ATOM   182  C  CA  . ALA A 1 29  ? 1.123   11.711  17.218  1.00 12.83  ? 29  ALA A CA  1 
ATOM   183  C  C   . ALA A 1 29  ? 2.511   11.995  16.670  1.00 14.59  ? 29  ALA A C   1 
ATOM   184  O  O   . ALA A 1 29  ? 3.182   12.857  17.234  1.00 16.56  ? 29  ALA A O   1 
ATOM   185  C  CB  . ALA A 1 29  ? 1.208   11.091  18.592  1.00 14.18  ? 29  ALA A CB  1 
ATOM   186  N  N   . ASN A 1 30  ? 2.930   11.254  15.650  1.00 15.13  ? 30  ASN A N   1 
ATOM   187  C  CA  . ASN A 1 30  ? 4.264   11.392  15.018  1.00 15.22  ? 30  ASN A CA  1 
ATOM   188  C  C   . ASN A 1 30  ? 4.038   11.528  13.509  1.00 15.52  ? 30  ASN A C   1 
ATOM   189  O  O   . ASN A 1 30  ? 4.818   10.980  12.707  1.00 16.26  ? 30  ASN A O   1 
ATOM   190  C  CB  . ASN A 1 30  ? 5.140   10.210  15.391  1.00 16.24  ? 30  ASN A CB  1 
ATOM   191  C  CG  . ASN A 1 30  ? 5.501   10.234  16.860  1.00 17.78  ? 30  ASN A CG  1 
ATOM   192  O  OD1 . ASN A 1 30  ? 6.371   11.002  17.271  1.00 20.50  ? 30  ASN A OD1 1 
ATOM   193  N  ND2 . ASN A 1 30  ? 4.801   9.446   17.635  1.00 19.63  ? 30  ASN A ND2 1 
ATOM   194  N  N   . LEU A 1 31  ? 3.031   12.279  13.119  1.00 15.71  ? 31  LEU A N   1 
ATOM   195  C  CA  . LEU A 1 31  ? 2.581   12.302  11.719  1.00 15.33  ? 31  LEU A CA  1 
ATOM   196  C  C   . LEU A 1 31  ? 3.585   13.041  10.840  1.00 16.90  ? 31  LEU A C   1 
ATOM   197  O  O   . LEU A 1 31  ? 4.002   14.145  11.196  1.00 17.17  ? 31  LEU A O   1 
ATOM   198  C  CB  . LEU A 1 31  ? 1.243   13.016  11.629  1.00 15.27  ? 31  LEU A CB  1 
ATOM   199  C  CG  . LEU A 1 31  ? 0.615   13.126  10.247  1.00 14.53  ? 31  LEU A CG  1 
ATOM   200  C  CD1 . LEU A 1 31  ? 0.311   11.743  9.704   1.00 15.79  ? 31  LEU A CD1 1 
ATOM   201  C  CD2 . LEU A 1 31  ? -0.620  13.985  10.261  1.00 15.27  ? 31  LEU A CD2 1 
ATOM   202  N  N   . VAL A 1 32  ? 3.911   12.475  9.689   1.00 15.30  ? 32  VAL A N   1 
ATOM   203  C  CA  . VAL A 1 32  ? 4.669   13.181  8.621   1.00 15.77  ? 32  VAL A CA  1 
ATOM   204  C  C   . VAL A 1 32  ? 3.713   13.648  7.534   1.00 15.93  ? 32  VAL A C   1 
ATOM   205  O  O   . VAL A 1 32  ? 3.776   14.822  7.103   1.00 17.47  ? 32  VAL A O   1 
ATOM   206  C  CB  . VAL A 1 32  ? 5.774   12.259  8.090   1.00 16.30  ? 32  VAL A CB  1 
ATOM   207  C  CG1 . VAL A 1 32  ? 6.474   12.845  6.866   1.00 18.12  ? 32  VAL A CG1 1 
ATOM   208  C  CG2 . VAL A 1 32  ? 6.765   11.909  9.180   1.00 17.35  ? 32  VAL A CG2 1 
ATOM   209  N  N   . TRP A 1 33  ? 2.848   12.758  7.060   1.00 14.28  ? 33  TRP A N   1 
ATOM   210  C  CA  . TRP A 1 33  ? 2.006   13.024  5.879   1.00 15.12  ? 33  TRP A CA  1 
ATOM   211  C  C   . TRP A 1 33  ? 0.858   12.014  5.878   1.00 13.74  ? 33  TRP A C   1 
ATOM   212  O  O   . TRP A 1 33  ? 1.087   10.866  6.286   1.00 14.23  ? 33  TRP A O   1 
ATOM   213  C  CB  . TRP A 1 33  ? 2.882   12.932  4.608   1.00 15.56  ? 33  TRP A CB  1 
ATOM   214  C  CG  . TRP A 1 33  ? 2.132   12.945  3.319   1.00 14.97  ? 33  TRP A CG  1 
ATOM   215  C  CD1 . TRP A 1 33  ? 1.729   14.033  2.613   1.00 17.38  ? 33  TRP A CD1 1 
ATOM   216  C  CD2 . TRP A 1 33  ? 1.666   11.797  2.570   1.00 14.56  ? 33  TRP A CD2 1 
ATOM   217  N  NE1 . TRP A 1 33  ? 1.055   13.645  1.478   1.00 18.51  ? 33  TRP A NE1 1 
ATOM   218  C  CE2 . TRP A 1 33  ? 1.028   12.279  1.411   1.00 16.41  ? 33  TRP A CE2 1 
ATOM   219  C  CE3 . TRP A 1 33  ? 1.812   10.429  2.719   1.00 14.09  ? 33  TRP A CE3 1 
ATOM   220  C  CZ2 . TRP A 1 33  ? 0.511   11.432  0.431   1.00 15.05  ? 33  TRP A CZ2 1 
ATOM   221  C  CZ3 . TRP A 1 33  ? 1.286   9.584   1.751   1.00 15.85  ? 33  TRP A CZ3 1 
ATOM   222  C  CH2 . TRP A 1 33  ? 0.631   10.098  0.637   1.00 15.56  ? 33  TRP A CH2 1 
ATOM   223  N  N   . GLU A 1 34  ? -0.322  12.451  5.507   1.00 13.53  ? 34  GLU A N   1 
ATOM   224  C  CA  . GLU A 1 34  ? -1.446  11.516  5.304   1.00 13.84  ? 34  GLU A CA  1 
ATOM   225  C  C   . GLU A 1 34  ? -2.338  12.031  4.215   1.00 15.06  ? 34  GLU A C   1 
ATOM   226  O  O   . GLU A 1 34  ? -2.399  13.242  3.970   1.00 15.08  ? 34  GLU A O   1 
ATOM   227  C  CB  . GLU A 1 34  ? -2.224  11.284  6.599   1.00 14.16  ? 34  GLU A CB  1 
ATOM   228  C  CG  . GLU A 1 34  ? -2.716  12.575  7.233   1.00 13.41  ? 34  GLU A CG  1 
ATOM   229  C  CD  . GLU A 1 34  ? -4.031  13.143  6.741   1.00 14.67  ? 34  GLU A CD  1 
ATOM   230  O  OE1 . GLU A 1 34  ? -4.250  14.374  6.926   1.00 16.78  ? 34  GLU A OE1 1 
ATOM   231  O  OE2 . GLU A 1 34  ? -4.813  12.405  6.157   1.00 15.21  ? 34  GLU A OE2 1 
ATOM   232  N  N   . ASP A 1 35  ? -3.014  11.099  3.583   1.00 14.07  ? 35  ASP A N   1 
ATOM   233  C  CA  . ASP A 1 35  ? -3.899  11.391  2.443   1.00 14.02  ? 35  ASP A CA  1 
ATOM   234  C  C   . ASP A 1 35  ? -5.005  10.342  2.467   1.00 14.85  ? 35  ASP A C   1 
ATOM   235  O  O   . ASP A 1 35  ? -4.745  9.166   2.145   1.00 14.09  ? 35  ASP A O   1 
ATOM   236  C  CB  . ASP A 1 35  ? -3.074  11.411  1.148   1.00 15.05  ? 35  ASP A CB  1 
ATOM   237  C  CG  . ASP A 1 35  ? -3.864  11.743  -0.082  1.00 16.32  ? 35  ASP A CG  1 
ATOM   238  O  OD1 . ASP A 1 35  ? -5.013  11.317  -0.195  1.00 17.89  ? 35  ASP A OD1 1 
ATOM   239  O  OD2 . ASP A 1 35  ? -3.275  12.458  -0.932  1.00 19.94  ? 35  ASP A OD2 1 
ATOM   240  N  N   A SER A 1 36  ? -6.215  10.756  2.840   0.25 14.90  ? 36  SER A N   1 
ATOM   241  N  N   B SER A 1 36  ? -6.217  10.775  2.814   0.25 15.40  ? 36  SER A N   1 
ATOM   242  C  CA  A SER A 1 36  ? -7.408  9.876   2.911   0.25 15.68  ? 36  SER A CA  1 
ATOM   243  C  CA  B SER A 1 36  ? -7.426  9.919   2.928   0.25 16.57  ? 36  SER A CA  1 
ATOM   244  C  C   A SER A 1 36  ? -7.717  9.302   1.529   0.25 15.10  ? 36  SER A C   1 
ATOM   245  C  C   B SER A 1 36  ? -7.803  9.347   1.559   0.25 15.54  ? 36  SER A C   1 
ATOM   246  O  O   A SER A 1 36  ? -7.930  8.083   1.419   0.25 15.72  ? 36  SER A O   1 
ATOM   247  O  O   B SER A 1 36  ? -8.171  8.166   1.497   0.25 17.01  ? 36  SER A O   1 
ATOM   248  C  CB  A SER A 1 36  ? -8.605  10.593  3.435   0.25 15.70  ? 36  SER A CB  1 
ATOM   249  C  CB  B SER A 1 36  ? -8.578  10.670  3.534   0.25 17.20  ? 36  SER A CB  1 
ATOM   250  O  OG  A SER A 1 36  ? -9.725  9.724   3.427   0.25 16.65  ? 36  SER A OG  1 
ATOM   251  O  OG  B SER A 1 36  ? -8.655  11.997  3.037   0.25 18.97  ? 36  SER A OG  1 
ATOM   252  N  N   . SER A 1 37  ? -7.653  10.134  0.492   1.00 15.59  ? 37  SER A N   1 
ATOM   253  C  CA  . SER A 1 37  ? -7.962  9.671   -0.884  1.00 15.46  ? 37  SER A CA  1 
ATOM   254  C  C   . SER A 1 37  ? -7.077  8.477   -1.261  1.00 14.86  ? 37  SER A C   1 
ATOM   255  O  O   . SER A 1 37  ? -7.510  7.649   -2.060  1.00 16.94  ? 37  SER A O   1 
ATOM   256  C  CB  . SER A 1 37  ? -7.869  10.772  -1.891  1.00 17.04  ? 37  SER A CB  1 
ATOM   257  O  OG  . SER A 1 37  ? -6.532  11.084  -2.191  1.00 21.22  ? 37  SER A OG  1 
ATOM   258  N  N   . ARG A 1 38  ? -5.878  8.378   -0.711  1.00 13.33  ? 38  ARG A N   1 
ATOM   259  C  CA  . ARG A 1 38  ? -4.911  7.304   -1.068  1.00 13.18  ? 38  ARG A CA  1 
ATOM   260  C  C   . ARG A 1 38  ? -4.920  6.164   -0.045  1.00 12.58  ? 38  ARG A C   1 
ATOM   261  O  O   . ARG A 1 38  ? -4.209  5.167   -0.257  1.00 12.67  ? 38  ARG A O   1 
ATOM   262  C  CB  . ARG A 1 38  ? -3.496  7.896   -1.131  1.00 13.60  ? 38  ARG A CB  1 
ATOM   263  C  CG  . ARG A 1 38  ? -3.336  8.917   -2.249  1.00 13.29  ? 38  ARG A CG  1 
ATOM   264  C  CD  . ARG A 1 38  ? -1.933  9.426   -2.300  1.00 13.96  ? 38  ARG A CD  1 
ATOM   265  N  NE  . ARG A 1 38  ? -0.962  8.415   -2.690  1.00 12.68  ? 38  ARG A NE  1 
ATOM   266  C  CZ  . ARG A 1 38  ? 0.153   8.655   -3.417  1.00 13.26  ? 38  ARG A CZ  1 
ATOM   267  N  NH1 . ARG A 1 38  ? 0.455   9.894   -3.801  1.00 13.99  ? 38  ARG A NH1 1 
ATOM   268  N  NH2 . ARG A 1 38  ? 0.905   7.660   -3.820  1.00 12.52  ? 38  ARG A NH2 1 
ATOM   269  N  N   . ASP A 1 39  ? -5.626  6.344   1.065   1.00 12.22  ? 39  ASP A N   1 
ATOM   270  C  CA  . ASP A 1 39  ? -5.544  5.411   2.222   1.00 11.89  ? 39  ASP A CA  1 
ATOM   271  C  C   . ASP A 1 39  ? -4.105  5.263   2.722   1.00 12.56  ? 39  ASP A C   1 
ATOM   272  O  O   . ASP A 1 39  ? -3.704  4.150   3.114   1.00 12.62  ? 39  ASP A O   1 
ATOM   273  C  CB  . ASP A 1 39  ? -6.112  4.015   1.888   1.00 12.90  ? 39  ASP A CB  1 
ATOM   274  C  CG  . ASP A 1 39  ? -6.171  3.062   3.074   1.00 13.05  ? 39  ASP A CG  1 
ATOM   275  O  OD1 . ASP A 1 39  ? -6.493  3.536   4.183   1.00 13.26  ? 39  ASP A OD1 1 
ATOM   276  O  OD2 . ASP A 1 39  ? -5.937  1.844   2.866   1.00 13.16  ? 39  ASP A OD2 1 
ATOM   277  N  N   . LEU A 1 40  ? -3.307  6.344   2.763   1.00 11.37  ? 40  LEU A N   1 
ATOM   278  C  CA  . LEU A 1 40  ? -1.919  6.243   3.245   1.00 10.99  ? 40  LEU A CA  1 
ATOM   279  C  C   . LEU A 1 40  ? -1.683  7.224   4.390   1.00 10.86  ? 40  LEU A C   1 
ATOM   280  O  O   . LEU A 1 40  ? -2.216  8.369   4.409   1.00 11.50  ? 40  LEU A O   1 
ATOM   281  C  CB  . LEU A 1 40  ? -0.929  6.560   2.124   1.00 11.17  ? 40  LEU A CB  1 
ATOM   282  C  CG  . LEU A 1 40  ? -0.753  5.511   1.037   1.00 11.82  ? 40  LEU A CG  1 
ATOM   283  C  CD1 . LEU A 1 40  ? 0.340   5.958   0.039   1.00 12.29  ? 40  LEU A CD1 1 
ATOM   284  C  CD2 . LEU A 1 40  ? -0.344  4.171   1.595   1.00 11.13  ? 40  LEU A CD2 1 
ATOM   285  N  N   . LEU A 1 41  ? -0.832  6.795   5.294   1.00 10.61  ? 41  LEU A N   1 
ATOM   286  C  CA  . LEU A 1 41  ? -0.291  7.646   6.358   1.00 10.76  ? 41  LEU A CA  1 
ATOM   287  C  C   . LEU A 1 41  ? 1.163   7.257   6.579   1.00 10.94  ? 41  LEU A C   1 
ATOM   288  O  O   . LEU A 1 41  ? 1.499   6.080   6.555   1.00 10.92  ? 41  LEU A O   1 
ATOM   289  C  CB  . LEU A 1 41  ? -1.137  7.485   7.619   1.00 11.95  ? 41  LEU A CB  1 
ATOM   290  C  CG  . LEU A 1 41  ? -0.746  8.387   8.797   1.00 12.23  ? 41  LEU A CG  1 
ATOM   291  C  CD1 . LEU A 1 41  ? -1.959  8.789   9.642   1.00 12.03  ? 41  LEU A CD1 1 
ATOM   292  C  CD2 . LEU A 1 41  ? 0.291   7.728   9.657   1.00 12.10  ? 41  LEU A CD2 1 
ATOM   293  N  N   . VAL A 1 42  ? 1.973   8.273   6.805   1.00 10.96  ? 42  VAL A N   1 
ATOM   294  C  CA  . VAL A 1 42  ? 3.406   8.114   7.076   1.00 11.76  ? 42  VAL A CA  1 
ATOM   295  C  C   . VAL A 1 42  ? 3.688   8.792   8.414   1.00 12.85  ? 42  VAL A C   1 
ATOM   296  O  O   . VAL A 1 42  ? 3.284   9.958   8.581   1.00 13.25  ? 42  VAL A O   1 
ATOM   297  C  CB  . VAL A 1 42  ? 4.267   8.710   5.964   1.00 12.34  ? 42  VAL A CB  1 
ATOM   298  C  CG1 . VAL A 1 42  ? 5.723   8.523   6.301   1.00 13.73  ? 42  VAL A CG1 1 
ATOM   299  C  CG2 . VAL A 1 42  ? 3.970   8.028   4.637   1.00 13.13  ? 42  VAL A CG2 1 
ATOM   300  N  N   . SER A 1 43  ? 4.342   8.057   9.280   1.00 12.47  ? 43  SER A N   1 
ATOM   301  C  CA  . SER A 1 43  ? 4.784   8.566   10.606  1.00 12.97  ? 43  SER A CA  1 
ATOM   302  C  C   . SER A 1 43  ? 6.306   8.473   10.693  1.00 15.48  ? 43  SER A C   1 
ATOM   303  O  O   . SER A 1 43  ? 6.931   7.690   9.908   1.00 15.48  ? 43  SER A O   1 
ATOM   304  C  CB  . SER A 1 43  ? 4.079   7.837   11.746  1.00 13.57  ? 43  SER A CB  1 
ATOM   305  O  OG  . SER A 1 43  ? 4.341   6.458   11.708  1.00 13.87  ? 43  SER A OG  1 
ATOM   306  N  N   . SER A 1 44  ? 6.876   9.194   11.656  1.00 16.20  ? 44  SER A N   1 
ATOM   307  C  CA  . SER A 1 44  ? 8.342   9.174   11.881  1.00 17.50  ? 44  SER A CA  1 
ATOM   308  C  C   . SER A 1 44  ? 8.737   8.006   12.775  1.00 18.33  ? 44  SER A C   1 
ATOM   309  O  O   . SER A 1 44  ? 7.955   7.640   13.690  1.00 19.90  ? 44  SER A O   1 
ATOM   310  C  CB  . SER A 1 44  ? 8.776   10.454  12.481  1.00 19.17  ? 44  SER A CB  1 
ATOM   311  O  OG  . SER A 1 44  ? 8.151   10.603  13.738  1.00 23.05  ? 44  SER A OG  1 
ATOM   312  N  N   . THR A 1 45  ? 9.929   7.442   12.554  1.00 19.39  ? 45  THR A N   1 
ATOM   313  C  CA  . THR A 1 45  ? 10.484  6.325   13.353  1.00 20.84  ? 45  THR A CA  1 
ATOM   314  C  C   . THR A 1 45  ? 11.806  6.782   14.006  1.00 24.23  ? 45  THR A C   1 
ATOM   315  O  O   . THR A 1 45  ? 12.449  7.704   13.492  1.00 25.12  ? 45  THR A O   1 
ATOM   316  C  CB  . THR A 1 45  ? 10.694  5.062   12.516  1.00 22.12  ? 45  THR A CB  1 
ATOM   317  O  OG1 . THR A 1 45  ? 11.697  5.379   11.554  1.00 22.93  ? 45  THR A OG1 1 
ATOM   318  C  CG2 . THR A 1 45  ? 9.452   4.625   11.766  1.00 20.41  ? 45  THR A CG2 1 
ATOM   319  N  N   . THR A 1 46  ? 12.220  6.108   15.074  1.00 26.96  ? 46  THR A N   1 
ATOM   320  C  CA  . THR A 1 46  ? 13.547  6.379   15.696  1.00 27.56  ? 46  THR A CA  1 
ATOM   321  C  C   . THR A 1 46  ? 14.622  5.552   14.965  1.00 27.69  ? 46  THR A C   1 
ATOM   322  O  O   . THR A 1 46  ? 15.711  6.082   14.699  1.00 33.25  ? 46  THR A O   1 
ATOM   323  C  CB  . THR A 1 46  ? 13.456  6.207   17.215  1.00 30.27  ? 46  THR A CB  1 
ATOM   324  O  OG1 . THR A 1 46  ? 12.881  4.940   17.507  1.00 32.47  ? 46  THR A OG1 1 
ATOM   325  C  CG2 . THR A 1 46  ? 12.583  7.260   17.859  1.00 36.29  ? 46  THR A CG2 1 
ATOM   326  N  N   . ALA A 1 47  ? 14.315  4.312   14.604  1.00 28.84  ? 47  ALA A N   1 
ATOM   327  C  CA  . ALA A 1 47  ? 15.251  3.402   13.900  1.00 28.05  ? 47  ALA A CA  1 
ATOM   328  C  C   . ALA A 1 47  ? 15.116  3.530   12.378  1.00 28.72  ? 47  ALA A C   1 
ATOM   329  O  O   . ALA A 1 47  ? 14.019  3.839   11.881  1.00 26.81  ? 47  ALA A O   1 
ATOM   330  C  CB  . ALA A 1 47  ? 14.998  1.991   14.330  1.00 27.22  ? 47  ALA A CB  1 
ATOM   331  N  N   . GLN A 1 48  ? 16.194  3.232   11.655  1.00 25.99  ? 48  GLN A N   1 
ATOM   332  C  CA  . GLN A 1 48  ? 16.189  3.188   10.172  1.00 24.97  ? 48  GLN A CA  1 
ATOM   333  C  C   . GLN A 1 48  ? 15.459  1.958   9.628   1.00 22.57  ? 48  GLN A C   1 
ATOM   334  O  O   . GLN A 1 48  ? 15.596  0.872   10.155  1.00 22.26  ? 48  GLN A O   1 
ATOM   335  C  CB  . GLN A 1 48  ? 17.613  3.242   9.641   1.00 26.36  ? 48  GLN A CB  1 
ATOM   336  C  CG  . GLN A 1 48  ? 18.290  4.553   9.998   1.00 33.08  ? 48  GLN A CG  1 
ATOM   337  C  CD  . GLN A 1 48  ? 18.755  5.272   8.767   1.00 41.68  ? 48  GLN A CD  1 
ATOM   338  O  OE1 . GLN A 1 48  ? 19.944  5.283   8.464   1.00 52.59  ? 48  GLN A OE1 1 
ATOM   339  N  NE2 . GLN A 1 48  ? 17.807  5.841   8.029   1.00 40.70  ? 48  GLN A NE2 1 
ATOM   340  N  N   . GLY A 1 49  ? 14.764  2.142   8.506   1.00 23.14  ? 49  GLY A N   1 
ATOM   341  C  CA  . GLY A 1 49  ? 13.965  1.076   7.874   1.00 22.71  ? 49  GLY A CA  1 
ATOM   342  C  C   . GLY A 1 49  ? 14.750  0.098   6.985   1.00 22.08  ? 49  GLY A C   1 
ATOM   343  O  O   . GLY A 1 49  ? 15.746  0.504   6.399   1.00 22.86  ? 49  GLY A O   1 
ATOM   344  N  N   . CYS A 1 50  ? 14.229  -1.120  6.804   1.00 19.89  ? 50  CYS A N   1 
ATOM   345  C  CA  . CYS A 1 50  ? 14.836  -2.209  5.989   1.00 21.24  ? 50  CYS A CA  1 
ATOM   346  C  C   . CYS A 1 50  ? 14.417  -2.140  4.516   1.00 19.25  ? 50  CYS A C   1 
ATOM   347  O  O   . CYS A 1 50  ? 15.040  -2.853  3.718   1.00 19.81  ? 50  CYS A O   1 
ATOM   348  C  CB  . CYS A 1 50  ? 14.409  -3.601  6.467   1.00 25.98  ? 50  CYS A CB  1 
ATOM   349  S  SG  . CYS A 1 50  ? 15.505  -4.440  7.644   1.00 45.35  ? 50  CYS A SG  1 
ATOM   350  N  N   . ASP A 1 51  ? 13.373  -1.391  4.186   1.00 17.20  ? 51  ASP A N   1 
ATOM   351  C  CA  . ASP A 1 51  ? 12.778  -1.480  2.825   1.00 14.74  ? 51  ASP A CA  1 
ATOM   352  C  C   . ASP A 1 51  ? 13.356  -0.423  1.893   1.00 14.94  ? 51  ASP A C   1 
ATOM   353  O  O   . ASP A 1 51  ? 13.668  0.660   2.322   1.00 16.37  ? 51  ASP A O   1 
ATOM   354  C  CB  . ASP A 1 51  ? 11.251  -1.387  2.858   1.00 15.15  ? 51  ASP A CB  1 
ATOM   355  C  CG  . ASP A 1 51  ? 10.591  -2.444  3.710   1.00 16.03  ? 51  ASP A CG  1 
ATOM   356  O  OD1 . ASP A 1 51  ? 10.990  -3.590  3.608   1.00 18.96  ? 51  ASP A OD1 1 
ATOM   357  O  OD2 . ASP A 1 51  ? 9.682   -2.096  4.477   1.00 17.54  ? 51  ASP A OD2 1 
ATOM   358  N  N   . THR A 1 52  ? 13.396  -0.807  0.619   1.00 13.43  ? 52  THR A N   1 
ATOM   359  C  CA  . THR A 1 52  ? 13.757  0.042   -0.530  1.00 13.51  ? 52  THR A CA  1 
ATOM   360  C  C   . THR A 1 52  ? 12.500  0.265   -1.357  1.00 12.42  ? 52  THR A C   1 
ATOM   361  O  O   . THR A 1 52  ? 11.820  -0.715  -1.686  1.00 13.70  ? 52  THR A O   1 
ATOM   362  C  CB  . THR A 1 52  ? 14.835  -0.627  -1.374  1.00 14.05  ? 52  THR A CB  1 
ATOM   363  O  OG1 . THR A 1 52  ? 16.001  -0.790  -0.554  1.00 16.37  ? 52  THR A OG1 1 
ATOM   364  C  CG2 . THR A 1 52  ? 15.216  0.178   -2.609  1.00 15.62  ? 52  THR A CG2 1 
ATOM   365  N  N   . ILE A 1 53  ? 12.241  1.519   -1.694  1.00 12.25  ? 53  ILE A N   1 
ATOM   366  C  CA  . ILE A 1 53  ? 11.062  1.848   -2.516  1.00 11.43  ? 53  ILE A CA  1 
ATOM   367  C  C   . ILE A 1 53  ? 11.462  1.748   -3.978  1.00 11.49  ? 53  ILE A C   1 
ATOM   368  O  O   . ILE A 1 53  ? 12.518  2.268   -4.383  1.00 12.38  ? 53  ILE A O   1 
ATOM   369  C  CB  . ILE A 1 53  ? 10.521  3.242   -2.186  1.00 11.48  ? 53  ILE A CB  1 
ATOM   370  C  CG1 . ILE A 1 53  ? 10.285  3.442   -0.682  1.00 12.93  ? 53  ILE A CG1 1 
ATOM   371  C  CG2 . ILE A 1 53  ? 9.258   3.496   -2.990  1.00 11.12  ? 53  ILE A CG2 1 
ATOM   372  C  CD1 . ILE A 1 53  ? 9.319   2.461   -0.082  1.00 14.12  ? 53  ILE A CD1 1 
ATOM   373  N  N   . ALA A 1 54  ? 10.687  1.017   -4.758  1.00 11.37  ? 54  ALA A N   1 
ATOM   374  C  CA  . ALA A 1 54  ? 10.845  0.966   -6.218  1.00 11.26  ? 54  ALA A CA  1 
ATOM   375  C  C   . ALA A 1 54  ? 10.607  2.356   -6.824  1.00 10.29  ? 54  ALA A C   1 
ATOM   376  O  O   . ALA A 1 54  ? 9.675   3.076   -6.410  1.00 10.93  ? 54  ALA A O   1 
ATOM   377  C  CB  . ALA A 1 54  ? 9.815   0.012   -6.757  1.00 10.70  ? 54  ALA A CB  1 
ATOM   378  N  N   . ARG A 1 55  ? 11.407  2.674   -7.853  1.00 11.06  ? 55  ARG A N   1 
ATOM   379  C  CA  . ARG A 1 55  ? 11.246  3.914   -8.641  1.00 11.03  ? 55  ARG A CA  1 
ATOM   380  C  C   . ARG A 1 55  ? 11.181  3.500   -10.097 1.00 10.34  ? 55  ARG A C   1 
ATOM   381  O  O   . ARG A 1 55  ? 12.231  3.322   -10.724 1.00 12.18  ? 55  ARG A O   1 
ATOM   382  C  CB  . ARG A 1 55  ? 12.394  4.882   -8.356  1.00 11.66  ? 55  ARG A CB  1 
ATOM   383  C  CG  . ARG A 1 55  ? 12.518  5.319   -6.896  1.00 12.27  ? 55  ARG A CG  1 
ATOM   384  C  CD  . ARG A 1 55  ? 11.322  5.990   -6.270  1.00 12.52  ? 55  ARG A CD  1 
ATOM   385  N  NE  . ARG A 1 55  ? 11.556  6.248   -4.845  1.00 13.75  ? 55  ARG A NE  1 
ATOM   386  C  CZ  . ARG A 1 55  ? 10.613  6.646   -4.003  1.00 14.10  ? 55  ARG A CZ  1 
ATOM   387  N  NH1 . ARG A 1 55  ? 9.368   6.805   -4.397  1.00 13.13  ? 55  ARG A NH1 1 
ATOM   388  N  NH2 . ARG A 1 55  ? 10.887  6.800   -2.708  1.00 16.79  ? 55  ARG A NH2 1 
ATOM   389  N  N   . CYS A 1 56  ? 9.981   3.303   -10.592 1.00 10.21  ? 56  CYS A N   1 
ATOM   390  C  CA  . CYS A 1 56  ? 9.775   2.536   -11.847 1.00 10.65  ? 56  CYS A CA  1 
ATOM   391  C  C   . CYS A 1 56  ? 8.322   2.564   -12.247 1.00 10.65  ? 56  CYS A C   1 
ATOM   392  O  O   . CYS A 1 56  ? 7.463   3.060   -11.491 1.00 11.01  ? 56  CYS A O   1 
ATOM   393  C  CB  . CYS A 1 56  ? 10.150  1.071   -11.683 1.00 9.97   ? 56  CYS A CB  1 
ATOM   394  S  SG  . CYS A 1 56  ? 9.024   0.187   -10.540 1.00 11.15  ? 56  CYS A SG  1 
ATOM   395  N  N   A ASP A 1 57  ? 8.014   2.061   -13.446 0.27 10.68  ? 57  ASP A N   1 
ATOM   396  N  N   B ASP A 1 57  ? 8.099   1.975   -13.423 0.24 11.20  ? 57  ASP A N   1 
ATOM   397  C  CA  A ASP A 1 57  ? 6.615   1.833   -13.900 0.27 11.25  ? 57  ASP A CA  1 
ATOM   398  C  CA  B ASP A 1 57  ? 6.811   1.846   -14.135 0.24 12.08  ? 57  ASP A CA  1 
ATOM   399  C  C   A ASP A 1 57  ? 6.408   0.342   -14.170 0.27 11.28  ? 57  ASP A C   1 
ATOM   400  C  C   B ASP A 1 57  ? 6.370   0.371   -14.148 0.24 11.65  ? 57  ASP A C   1 
ATOM   401  O  O   A ASP A 1 57  ? 5.679   -0.011  -15.109 0.27 11.74  ? 57  ASP A O   1 
ATOM   402  O  O   B ASP A 1 57  ? 5.410   0.075   -14.890 0.24 11.57  ? 57  ASP A O   1 
ATOM   403  C  CB  A ASP A 1 57  ? 6.275   2.660   -15.144 0.27 12.45  ? 57  ASP A CB  1 
ATOM   404  C  CB  B ASP A 1 57  ? 7.007   2.411   -15.553 0.24 13.67  ? 57  ASP A CB  1 
ATOM   405  C  CG  A ASP A 1 57  ? 7.084   2.278   -16.370 0.27 13.53  ? 57  ASP A CG  1 
ATOM   406  C  CG  B ASP A 1 57  ? 5.754   2.886   -16.266 0.24 15.29  ? 57  ASP A CG  1 
ATOM   407  O  OD1 A ASP A 1 57  ? 7.932   1.387   -16.269 0.27 14.02  ? 57  ASP A OD1 1 
ATOM   408  O  OD1 B ASP A 1 57  ? 4.867   3.454   -15.594 0.24 17.56  ? 57  ASP A OD1 1 
ATOM   409  O  OD2 A ASP A 1 57  ? 6.875   2.914   -17.423 0.27 16.30  ? 57  ASP A OD2 1 
ATOM   410  O  OD2 B ASP A 1 57  ? 5.676   2.681   -17.501 0.24 16.64  ? 57  ASP A OD2 1 
ATOM   411  N  N   . CYS A 1 58  ? 6.970   -0.508  -13.319 1.00 11.05  ? 58  CYS A N   1 
ATOM   412  C  CA  . CYS A 1 58  ? 6.663   -1.953  -13.429 1.00 10.08  ? 58  CYS A CA  1 
ATOM   413  C  C   . CYS A 1 58  ? 5.145   -2.157  -13.247 1.00 9.61   ? 58  CYS A C   1 
ATOM   414  O  O   . CYS A 1 58  ? 4.480   -1.438  -12.490 1.00 11.13  ? 58  CYS A O   1 
ATOM   415  C  CB  . CYS A 1 58  ? 7.337   -2.788  -12.369 1.00 10.74  ? 58  CYS A CB  1 
ATOM   416  S  SG  . CYS A 1 58  ? 9.104   -2.968  -12.614 1.00 12.00  ? 58  CYS A SG  1 
ATOM   417  N  N   . GLN A 1 59  ? 4.665   -3.183  -13.940 1.00 11.02  ? 59  GLN A N   1 
ATOM   418  C  CA  . GLN A 1 59  ? 3.268   -3.680  -13.846 1.00 11.48  ? 59  GLN A CA  1 
ATOM   419  C  C   . GLN A 1 59  ? 3.267   -5.162  -13.564 1.00 11.10  ? 59  GLN A C   1 
ATOM   420  O  O   . GLN A 1 59  ? 2.216   -5.777  -13.674 1.00 11.56  ? 59  GLN A O   1 
ATOM   421  C  CB  . GLN A 1 59  ? 2.448   -3.368  -15.118 1.00 12.73  ? 59  GLN A CB  1 
ATOM   422  C  CG  . GLN A 1 59  ? 2.065   -1.913  -15.203 1.00 13.67  ? 59  GLN A CG  1 
ATOM   423  C  CD  . GLN A 1 59  ? 1.123   -1.685  -16.357 1.00 13.68  ? 59  GLN A CD  1 
ATOM   424  O  OE1 . GLN A 1 59  ? 1.557   -1.236  -17.427 1.00 16.61  ? 59  GLN A OE1 1 
ATOM   425  N  NE2 . GLN A 1 59  ? -0.135  -2.039  -16.240 1.00 15.10  ? 59  GLN A NE2 1 
ATOM   426  N  N   . THR A 1 60  ? 4.392   -5.702  -13.145 1.00 10.98  ? 60  THR A N   1 
ATOM   427  C  CA  . THR A 1 60  ? 4.442   -7.102  -12.666 1.00 11.72  ? 60  THR A CA  1 
ATOM   428  C  C   . THR A 1 60  ? 5.201   -7.131  -11.354 1.00 11.08  ? 60  THR A C   1 
ATOM   429  O  O   . THR A 1 60  ? 6.176   -6.400  -11.183 1.00 11.92  ? 60  THR A O   1 
ATOM   430  C  CB  . THR A 1 60  ? 5.010   -8.094  -13.651 1.00 13.66  ? 60  THR A CB  1 
ATOM   431  O  OG1 . THR A 1 60  ? 6.388   -7.844  -13.793 1.00 19.36  ? 60  THR A OG1 1 
ATOM   432  C  CG2 . THR A 1 60  ? 4.229   -8.089  -14.927 1.00 15.54  ? 60  THR A CG2 1 
ATOM   433  N  N   . GLY A 1 61  ? 4.725   -7.960  -10.428 1.00 9.90   ? 61  GLY A N   1 
ATOM   434  C  CA  . GLY A 1 61  ? 5.362   -8.094  -9.129  1.00 10.52  ? 61  GLY A CA  1 
ATOM   435  C  C   . GLY A 1 61  ? 4.763   -9.225  -8.340  1.00 9.48   ? 61  GLY A C   1 
ATOM   436  O  O   . GLY A 1 61  ? 4.155   -10.120 -8.924  1.00 10.51  ? 61  GLY A O   1 
ATOM   437  N  N   . VAL A 1 62  ? 5.001   -9.171  -7.062  1.00 9.41   ? 62  VAL A N   1 
ATOM   438  C  CA  . VAL A 1 62  ? 4.590   -10.248 -6.132  1.00 9.61   ? 62  VAL A CA  1 
ATOM   439  C  C   . VAL A 1 62  ? 4.022   -9.567  -4.923  1.00 9.62   ? 62  VAL A C   1 
ATOM   440  O  O   . VAL A 1 62  ? 4.653   -8.652  -4.365  1.00 10.41  ? 62  VAL A O   1 
ATOM   441  C  CB  . VAL A 1 62  ? 5.766   -11.151 -5.766  1.00 10.12  ? 62  VAL A CB  1 
ATOM   442  C  CG1 . VAL A 1 62  ? 5.376   -12.139 -4.671  1.00 10.68  ? 62  VAL A CG1 1 
ATOM   443  C  CG2 . VAL A 1 62  ? 6.268   -11.898 -6.972  1.00 10.52  ? 62  VAL A CG2 1 
ATOM   444  N  N   . TYR A 1 63  ? 2.863   -10.033 -4.414  1.00 9.74   ? 63  TYR A N   1 
ATOM   445  C  CA  . TYR A 1 63  ? 2.302   -9.463  -3.177  1.00 9.06   ? 63  TYR A CA  1 
ATOM   446  C  C   . TYR A 1 63  ? 2.044   -10.512 -2.108  1.00 9.71   ? 63  TYR A C   1 
ATOM   447  O  O   . TYR A 1 63  ? 1.842   -11.681 -2.437  1.00 10.08  ? 63  TYR A O   1 
ATOM   448  C  CB  . TYR A 1 63  ? 1.008   -8.689  -3.420  1.00 9.78   ? 63  TYR A CB  1 
ATOM   449  C  CG  . TYR A 1 63  ? -0.281  -9.486  -3.479  1.00 10.12  ? 63  TYR A CG  1 
ATOM   450  C  CD1 . TYR A 1 63  ? -0.597  -10.255 -4.584  1.00 10.16  ? 63  TYR A CD1 1 
ATOM   451  C  CD2 . TYR A 1 63  ? -1.130  -9.516  -2.400  1.00 10.82  ? 63  TYR A CD2 1 
ATOM   452  C  CE1 . TYR A 1 63  ? -1.808  -10.930 -4.675  1.00 10.68  ? 63  TYR A CE1 1 
ATOM   453  C  CE2 . TYR A 1 63  ? -2.323  -10.196 -2.459  1.00 10.60  ? 63  TYR A CE2 1 
ATOM   454  C  CZ  . TYR A 1 63  ? -2.632  -10.961 -3.572  1.00 11.37  ? 63  TYR A CZ  1 
ATOM   455  O  OH  . TYR A 1 63  ? -3.820  -11.651 -3.657  1.00 12.46  ? 63  TYR A OH  1 
ATOM   456  N  N   . TYR A 1 64  ? 2.091   -10.090 -0.871  1.00 9.87   ? 64  TYR A N   1 
ATOM   457  C  CA  . TYR A 1 64  ? 1.786   -10.964 0.279   1.00 9.57   ? 64  TYR A CA  1 
ATOM   458  C  C   . TYR A 1 64  ? 0.312   -10.858 0.612   1.00 9.58   ? 64  TYR A C   1 
ATOM   459  O  O   . TYR A 1 64  ? -0.219  -9.798  0.914   1.00 10.02  ? 64  TYR A O   1 
ATOM   460  C  CB  . TYR A 1 64  ? 2.659   -10.642 1.469   1.00 10.68  ? 64  TYR A CB  1 
ATOM   461  C  CG  . TYR A 1 64  ? 2.338   -11.572 2.596   1.00 11.89  ? 64  TYR A CG  1 
ATOM   462  C  CD1 . TYR A 1 64  ? 2.552   -12.935 2.433   1.00 12.86  ? 64  TYR A CD1 1 
ATOM   463  C  CD2 . TYR A 1 64  ? 1.817   -11.114 3.777   1.00 11.84  ? 64  TYR A CD2 1 
ATOM   464  C  CE1 . TYR A 1 64  ? 2.234   -13.820 3.461   1.00 13.19  ? 64  TYR A CE1 1 
ATOM   465  C  CE2 . TYR A 1 64  ? 1.530   -11.985 4.832   1.00 12.98  ? 64  TYR A CE2 1 
ATOM   466  C  CZ  . TYR A 1 64  ? 1.693   -13.339 4.639   1.00 13.26  ? 64  TYR A CZ  1 
ATOM   467  O  OH  . TYR A 1 64  ? 1.418   -14.233 5.664   1.00 14.45  ? 64  TYR A OH  1 
ATOM   468  N  N   . CYS A 1 65  ? -0.299  -12.041 0.685   1.00 9.96   ? 65  CYS A N   1 
ATOM   469  C  CA  . CYS A 1 65  ? -1.717  -12.210 1.083   1.00 9.94   ? 65  CYS A CA  1 
ATOM   470  C  C   . CYS A 1 65  ? -1.816  -12.935 2.451   1.00 10.40  ? 65  CYS A C   1 
ATOM   471  O  O   . CYS A 1 65  ? -1.688  -14.179 2.488   1.00 11.51  ? 65  CYS A O   1 
ATOM   472  C  CB  . CYS A 1 65  ? -2.429  -13.018 0.033   1.00 10.02  ? 65  CYS A CB  1 
ATOM   473  S  SG  . CYS A 1 65  ? -4.163  -13.337 0.418   1.00 11.49  ? 65  CYS A SG  1 
ATOM   474  N  N   . SER A 1 66  ? -2.020  -12.202 3.524   1.00 10.64  ? 66  SER A N   1 
ATOM   475  C  CA  . SER A 1 66  ? -2.028  -12.811 4.884   1.00 11.96  ? 66  SER A CA  1 
ATOM   476  C  C   . SER A 1 66  ? -3.155  -13.844 5.018   1.00 11.02  ? 66  SER A C   1 
ATOM   477  O  O   . SER A 1 66  ? -2.929  -14.873 5.745   1.00 12.30  ? 66  SER A O   1 
ATOM   478  C  CB  . SER A 1 66  ? -2.079  -11.745 5.919   1.00 12.79  ? 66  SER A CB  1 
ATOM   479  O  OG  . SER A 1 66  ? -3.281  -11.044 5.950   1.00 16.74  ? 66  SER A OG  1 
ATOM   480  N  N   . SER A 1 67  ? -4.277  -13.661 4.345   1.00 10.17  ? 67  SER A N   1 
ATOM   481  C  CA  . SER A 1 67  ? -5.466  -14.561 4.506   1.00 10.52  ? 67  SER A CA  1 
ATOM   482  C  C   . SER A 1 67  ? -5.196  -15.859 3.744   1.00 11.26  ? 67  SER A C   1 
ATOM   483  O  O   . SER A 1 67  ? -6.085  -16.766 3.763   1.00 11.63  ? 67  SER A O   1 
ATOM   484  C  CB  . SER A 1 67  ? -6.730  -13.927 4.087   1.00 10.55  ? 67  SER A CB  1 
ATOM   485  O  OG  . SER A 1 67  ? -6.702  -13.594 2.679   1.00 11.23  ? 67  SER A OG  1 
ATOM   486  N  N   . ARG A 1 68  ? -4.042  -16.003 3.069   1.00 10.81  ? 68  ARG A N   1 
ATOM   487  C  CA  . ARG A 1 68  ? -3.624  -17.231 2.375   1.00 10.23  ? 68  ARG A CA  1 
ATOM   488  C  C   . ARG A 1 68  ? -2.256  -17.698 2.851   1.00 10.91  ? 68  ARG A C   1 
ATOM   489  O  O   . ARG A 1 68  ? -1.810  -18.758 2.389   1.00 12.75  ? 68  ARG A O   1 
ATOM   490  C  CB  . ARG A 1 68  ? -3.666  -17.017 0.849   1.00 11.16  ? 68  ARG A CB  1 
ATOM   491  C  CG  . ARG A 1 68  ? -5.055  -16.801 0.306   1.00 11.87  ? 68  ARG A CG  1 
ATOM   492  C  CD  . ARG A 1 68  ? -5.857  -18.110 0.272   1.00 12.53  ? 68  ARG A CD  1 
ATOM   493  N  NE  . ARG A 1 68  ? -7.192  -17.924 -0.242  1.00 13.91  ? 68  ARG A NE  1 
ATOM   494  C  CZ  . ARG A 1 68  ? -8.256  -17.564 0.455   1.00 12.74  ? 68  ARG A CZ  1 
ATOM   495  N  NH1 . ARG A 1 68  ? -8.154  -17.374 1.775   1.00 13.68  ? 68  ARG A NH1 1 
ATOM   496  N  NH2 . ARG A 1 68  ? -9.424  -17.411 -0.158  1.00 13.53  ? 68  ARG A NH2 1 
ATOM   497  N  N   A ARG A 1 69  ? -1.622  -16.942 3.746   0.26 10.99  ? 69  ARG A N   1 
ATOM   498  N  N   B ARG A 1 69  ? -1.616  -16.929 3.727   0.29 10.34  ? 69  ARG A N   1 
ATOM   499  C  CA  A ARG A 1 69  ? -0.190  -17.143 4.089   0.26 11.93  ? 69  ARG A CA  1 
ATOM   500  C  CA  B ARG A 1 69  ? -0.184  -17.122 4.054   0.29 10.86  ? 69  ARG A CA  1 
ATOM   501  C  C   A ARG A 1 69  ? 0.557   -17.480 2.791   0.26 11.85  ? 69  ARG A C   1 
ATOM   502  C  C   B ARG A 1 69  ? 0.564   -17.479 2.770   0.29 11.12  ? 69  ARG A C   1 
ATOM   503  O  O   A ARG A 1 69  ? 1.207   -18.547 2.705   0.26 11.99  ? 69  ARG A O   1 
ATOM   504  O  O   B ARG A 1 69  ? 1.233   -18.538 2.698   0.29 11.27  ? 69  ARG A O   1 
ATOM   505  C  CB  A ARG A 1 69  ? -0.025  -18.215 5.174   0.26 12.88  ? 69  ARG A CB  1 
ATOM   506  C  CB  B ARG A 1 69  ? -0.024  -18.166 5.156   0.29 11.12  ? 69  ARG A CB  1 
ATOM   507  C  CG  A ARG A 1 69  ? -0.552  -17.804 6.543   0.26 13.72  ? 69  ARG A CG  1 
ATOM   508  C  CG  B ARG A 1 69  ? -0.619  -17.687 6.465   0.29 11.13  ? 69  ARG A CG  1 
ATOM   509  C  CD  A ARG A 1 69  ? -0.383  -18.893 7.603   0.26 14.40  ? 69  ARG A CD  1 
ATOM   510  C  CD  B ARG A 1 69  ? -0.280  -18.636 7.592   0.29 11.48  ? 69  ARG A CD  1 
ATOM   511  N  NE  A ARG A 1 69  ? -1.119  -18.607 8.847   0.26 15.01  ? 69  ARG A NE  1 
ATOM   512  N  NE  B ARG A 1 69  ? -0.696  -18.071 8.864   0.29 11.43  ? 69  ARG A NE  1 
ATOM   513  C  CZ  A ARG A 1 69  ? -1.979  -19.427 9.484   0.26 14.65  ? 69  ARG A CZ  1 
ATOM   514  C  CZ  B ARG A 1 69  ? -0.003  -17.187 9.567   0.29 11.68  ? 69  ARG A CZ  1 
ATOM   515  N  NH1 A ARG A 1 69  ? -2.214  -20.651 9.018   0.26 14.16  ? 69  ARG A NH1 1 
ATOM   516  N  NH1 B ARG A 1 69  ? 1.180   -16.777 9.140   0.29 12.37  ? 69  ARG A NH1 1 
ATOM   517  N  NH2 A ARG A 1 69  ? -2.601  -19.006 10.592  0.26 13.89  ? 69  ARG A NH2 1 
ATOM   518  N  NH2 B ARG A 1 69  ? -0.494  -16.723 10.704  0.29 11.29  ? 69  ARG A NH2 1 
ATOM   519  N  N   . LYS A 1 70  ? 0.467   -16.598 1.786   0.54 12.30  ? 70  LYS A N   1 
ATOM   520  C  CA  . LYS A 1 70  ? 1.048   -16.874 0.451   0.54 12.95  ? 70  LYS A CA  1 
ATOM   521  C  C   . LYS A 1 70  ? 1.477   -15.554 -0.178  0.54 11.80  ? 70  LYS A C   1 
ATOM   522  O  O   . LYS A 1 70  ? 0.822   -14.533 0.073   0.54 10.47  ? 70  LYS A O   1 
ATOM   523  C  CB  . LYS A 1 70  ? 0.056   -17.606 -0.460  0.54 14.62  ? 70  LYS A CB  1 
ATOM   524  C  CG  . LYS A 1 70  ? 0.641   -18.175 -1.749  0.54 16.66  ? 70  LYS A CG  1 
ATOM   525  C  CD  . LYS A 1 70  ? -0.076  -19.429 -2.214  0.54 18.87  ? 70  LYS A CD  1 
ATOM   526  C  CE  . LYS A 1 70  ? 0.649   -20.201 -3.294  0.54 21.36  ? 70  LYS A CE  1 
ATOM   527  N  NZ  . LYS A 1 70  ? -0.240  -21.236 -3.873  0.54 23.21  ? 70  LYS A NZ  1 
ATOM   528  N  N   . HIS A 1 71  ? 2.574   -15.618 -0.919  1.00 12.12  ? 71  HIS A N   1 
ATOM   529  C  CA  . HIS A 1 71  ? 2.970   -14.553 -1.865  1.00 11.93  ? 71  HIS A CA  1 
ATOM   530  C  C   . HIS A 1 71  ? 2.538   -15.001 -3.239  1.00 12.12  ? 71  HIS A C   1 
ATOM   531  O  O   . HIS A 1 71  ? 2.807   -16.157 -3.637  1.00 13.20  ? 71  HIS A O   1 
ATOM   532  C  CB  . HIS A 1 71  ? 4.454   -14.339 -1.799  1.00 11.84  ? 71  HIS A CB  1 
ATOM   533  C  CG  . HIS A 1 71  ? 4.975   -13.763 -0.540  1.00 12.57  ? 71  HIS A CG  1 
ATOM   534  N  ND1 . HIS A 1 71  ? 5.294   -12.433 -0.330  1.00 13.82  ? 71  HIS A ND1 1 
ATOM   535  C  CD2 . HIS A 1 71  ? 5.176   -14.357 0.645   1.00 12.30  ? 71  HIS A CD2 1 
ATOM   536  C  CE1 . HIS A 1 71  ? 5.704   -12.258 0.892   1.00 12.59  ? 71  HIS A CE1 1 
ATOM   537  N  NE2 . HIS A 1 71  ? 5.685   -13.431 1.504   1.00 16.20  ? 71  HIS A NE2 1 
ATOM   538  N  N   . TYR A 1 72  ? 1.896   -14.118 -3.988  1.00 10.57  ? 72  TYR A N   1 
ATOM   539  C  CA  . TYR A 1 72  ? 1.382   -14.413 -5.345  1.00 10.58  ? 72  TYR A CA  1 
ATOM   540  C  C   . TYR A 1 72  ? 2.022   -13.486 -6.367  1.00 10.10  ? 72  TYR A C   1 
ATOM   541  O  O   . TYR A 1 72  ? 2.011   -12.269 -6.187  1.00 10.92  ? 72  TYR A O   1 
ATOM   542  C  CB  . TYR A 1 72  ? -0.129  -14.177 -5.424  1.00 11.43  ? 72  TYR A CB  1 
ATOM   543  C  CG  . TYR A 1 72  ? -0.975  -15.119 -4.615  1.00 11.81  ? 72  TYR A CG  1 
ATOM   544  C  CD1 . TYR A 1 72  ? -1.215  -16.398 -5.087  1.00 13.53  ? 72  TYR A CD1 1 
ATOM   545  C  CD2 . TYR A 1 72  ? -1.492  -14.758 -3.395  1.00 12.57  ? 72  TYR A CD2 1 
ATOM   546  C  CE1 . TYR A 1 72  ? -1.991  -17.288 -4.347  1.00 13.66  ? 72  TYR A CE1 1 
ATOM   547  C  CE2 . TYR A 1 72  ? -2.244  -15.638 -2.622  1.00 13.43  ? 72  TYR A CE2 1 
ATOM   548  C  CZ  . TYR A 1 72  ? -2.539  -16.890 -3.149  1.00 14.12  ? 72  TYR A CZ  1 
ATOM   549  O  OH  . TYR A 1 72  ? -3.332  -17.767 -2.433  1.00 15.83  ? 72  TYR A OH  1 
ATOM   550  N  N   . PRO A 1 73  ? 2.430   -14.009 -7.524  1.00 10.83  ? 73  PRO A N   1 
ATOM   551  C  CA  . PRO A 1 73  ? 2.901   -13.170 -8.630  1.00 10.58  ? 73  PRO A CA  1 
ATOM   552  C  C   . PRO A 1 73  ? 1.646   -12.628 -9.328  1.00 11.62  ? 73  PRO A C   1 
ATOM   553  O  O   . PRO A 1 73  ? 0.695   -13.356 -9.641  1.00 13.20  ? 73  PRO A O   1 
ATOM   554  C  CB  . PRO A 1 73  ? 3.694   -14.142 -9.508  1.00 11.93  ? 73  PRO A CB  1 
ATOM   555  C  CG  . PRO A 1 73  ? 3.049   -15.473 -9.254  1.00 13.93  ? 73  PRO A CG  1 
ATOM   556  C  CD  . PRO A 1 73  ? 2.594   -15.453 -7.814  1.00 12.21  ? 73  PRO A CD  1 
ATOM   557  N  N   . VAL A 1 74  ? 1.659   -11.320 -9.597  1.00 10.72  ? 74  VAL A N   1 
ATOM   558  C  CA  . VAL A 1 74  ? 0.525   -10.636 -10.247 1.00 10.91  ? 74  VAL A CA  1 
ATOM   559  C  C   . VAL A 1 74  ? 1.001   -9.614  -11.262 1.00 11.17  ? 74  VAL A C   1 
ATOM   560  O  O   . VAL A 1 74  ? 2.091   -9.041  -11.137 1.00 12.17  ? 74  VAL A O   1 
ATOM   561  C  CB  . VAL A 1 74  ? -0.352  -9.893  -9.232  1.00 11.83  ? 74  VAL A CB  1 
ATOM   562  C  CG1 . VAL A 1 74  ? -1.159  -10.885 -8.410  1.00 12.57  ? 74  VAL A CG1 1 
ATOM   563  C  CG2 . VAL A 1 74  ? 0.415   -8.957  -8.319  1.00 13.39  ? 74  VAL A CG2 1 
ATOM   564  N  N   A SER A 1 75  ? 0.145   -9.398  -12.253 0.25 11.37  ? 75  SER A N   1 
ATOM   565  N  N   B SER A 1 75  ? 0.154   -9.398  -12.256 0.25 10.40  ? 75  SER A N   1 
ATOM   566  C  CA  A SER A 1 75  ? 0.154   -8.213  -13.142 0.25 11.61  ? 75  SER A CA  1 
ATOM   567  C  CA  B SER A 1 75  ? 0.188   -8.205  -13.127 0.25 10.07  ? 75  SER A CA  1 
ATOM   568  C  C   A SER A 1 75  ? -0.815  -7.190  -12.542 0.25 11.13  ? 75  SER A C   1 
ATOM   569  C  C   B SER A 1 75  ? -0.794  -7.194  -12.527 0.25 10.23  ? 75  SER A C   1 
ATOM   570  O  O   A SER A 1 75  ? -1.872  -7.596  -12.031 0.25 11.23  ? 75  SER A O   1 
ATOM   571  O  O   B SER A 1 75  ? -1.818  -7.610  -11.960 0.25 10.29  ? 75  SER A O   1 
ATOM   572  C  CB  A SER A 1 75  ? -0.237  -8.591  -14.540 0.25 13.06  ? 75  SER A CB  1 
ATOM   573  C  CB  B SER A 1 75  ? -0.148  -8.580  -14.540 0.25 10.38  ? 75  SER A CB  1 
ATOM   574  O  OG  A SER A 1 75  ? 0.709   -9.477  -15.108 0.25 15.29  ? 75  SER A OG  1 
ATOM   575  O  OG  B SER A 1 75  ? -1.535  -8.854  -14.671 0.25 10.06  ? 75  SER A OG  1 
ATOM   576  N  N   . PHE A 1 76  ? -0.460  -5.907  -12.547 1.00 10.64  ? 76  PHE A N   1 
ATOM   577  C  CA  . PHE A 1 76  ? -1.312  -4.871  -11.957 1.00 10.50  ? 76  PHE A CA  1 
ATOM   578  C  C   . PHE A 1 76  ? -1.352  -3.657  -12.868 1.00 10.56  ? 76  PHE A C   1 
ATOM   579  O  O   . PHE A 1 76  ? -0.444  -3.383  -13.666 1.00 11.82  ? 76  PHE A O   1 
ATOM   580  C  CB  . PHE A 1 76  ? -0.847  -4.526  -10.533 1.00 10.48  ? 76  PHE A CB  1 
ATOM   581  C  CG  . PHE A 1 76  ? 0.616   -4.168  -10.357 1.00 10.06  ? 76  PHE A CG  1 
ATOM   582  C  CD1 . PHE A 1 76  ? 1.601   -5.129  -10.175 1.00 10.59  ? 76  PHE A CD1 1 
ATOM   583  C  CD2 . PHE A 1 76  ? 1.023   -2.833  -10.444 1.00 10.80  ? 76  PHE A CD2 1 
ATOM   584  C  CE1 . PHE A 1 76  ? 2.931   -4.800  -10.026 1.00 11.18  ? 76  PHE A CE1 1 
ATOM   585  C  CE2 . PHE A 1 76  ? 2.359   -2.517  -10.264 1.00 10.28  ? 76  PHE A CE2 1 
ATOM   586  C  CZ  . PHE A 1 76  ? 3.298   -3.492  -10.092 1.00 11.38  ? 76  PHE A CZ  1 
ATOM   587  N  N   . SER A 1 77  ? -2.468  -2.992  -12.760 1.00 10.35  ? 77  SER A N   1 
ATOM   588  C  CA  . SER A 1 77  ? -2.700  -1.713  -13.483 1.00 10.73  ? 77  SER A CA  1 
ATOM   589  C  C   . SER A 1 77  ? -1.850  -0.590  -12.916 1.00 11.58  ? 77  SER A C   1 
ATOM   590  O  O   . SER A 1 77  ? -1.430  -0.640  -11.798 1.00 12.54  ? 77  SER A O   1 
ATOM   591  C  CB  . SER A 1 77  ? -4.141  -1.358  -13.429 1.00 11.49  ? 77  SER A CB  1 
ATOM   592  O  OG  . SER A 1 77  ? -4.611  -1.127  -12.099 1.00 13.50  ? 77  SER A OG  1 
ATOM   593  N  N   . LYS A 1 78  ? -1.599  0.433   -13.737 0.52 11.23  ? 78  LYS A N   1 
ATOM   594  C  CA  . LYS A 1 78  ? -0.889  1.656   -13.274 0.52 12.10  ? 78  LYS A CA  1 
ATOM   595  C  C   . LYS A 1 78  ? -1.779  2.437   -12.308 0.52 12.08  ? 78  LYS A C   1 
ATOM   596  O  O   . LYS A 1 78  ? -3.012  2.423   -12.399 0.52 12.75  ? 78  LYS A O   1 
ATOM   597  C  CB  . LYS A 1 78  ? -0.462  2.518   -14.463 0.52 13.02  ? 78  LYS A CB  1 
ATOM   598  C  CG  . LYS A 1 78  ? 0.412   1.800   -15.479 0.52 14.88  ? 78  LYS A CG  1 
ATOM   599  C  CD  . LYS A 1 78  ? 0.936   2.690   -16.587 0.52 17.07  ? 78  LYS A CD  1 
ATOM   600  C  CE  . LYS A 1 78  ? 2.079   2.046   -17.339 0.52 19.93  ? 78  LYS A CE  1 
ATOM   601  N  NZ  . LYS A 1 78  ? 2.675   2.978   -18.324 0.52 23.64  ? 78  LYS A NZ  1 
ATOM   602  N  N   . PRO A 1 79  ? -1.177  3.170   -11.346 1.00 12.05  ? 79  PRO A N   1 
ATOM   603  C  CA  . PRO A 1 79  ? -1.950  3.893   -10.334 1.00 12.53  ? 79  PRO A CA  1 
ATOM   604  C  C   . PRO A 1 79  ? -2.940  4.839   -10.986 1.00 12.62  ? 79  PRO A C   1 
ATOM   605  O  O   . PRO A 1 79  ? -2.566  5.576   -11.934 1.00 14.92  ? 79  PRO A O   1 
ATOM   606  C  CB  . PRO A 1 79  ? -0.859  4.613   -9.548  1.00 12.63  ? 79  PRO A CB  1 
ATOM   607  C  CG  . PRO A 1 79  ? 0.391   3.873   -9.796  1.00 14.43  ? 79  PRO A CG  1 
ATOM   608  C  CD  . PRO A 1 79  ? 0.268   3.288   -11.175 1.00 12.13  ? 79  PRO A CD  1 
ATOM   609  N  N   A SER A 1 80  ? -4.182  4.814   -10.523 0.27 12.37  ? 80  SER A N   1 
ATOM   610  N  N   B SER A 1 80  ? -4.175  4.827   -10.503 0.24 13.44  ? 80  SER A N   1 
ATOM   611  C  CA  A SER A 1 80  ? -5.244  5.714   -11.039 0.27 12.47  ? 80  SER A CA  1 
ATOM   612  C  CA  B SER A 1 80  ? -5.235  5.722   -11.024 0.24 14.18  ? 80  SER A CA  1 
ATOM   613  C  C   A SER A 1 80  ? -6.343  5.932   -10.001 0.27 12.98  ? 80  SER A C   1 
ATOM   614  C  C   B SER A 1 80  ? -6.350  5.923   -10.000 0.24 14.09  ? 80  SER A C   1 
ATOM   615  O  O   A SER A 1 80  ? -6.290  5.383   -8.866  0.27 11.58  ? 80  SER A O   1 
ATOM   616  O  O   B SER A 1 80  ? -6.308  5.357   -8.875  0.24 12.67  ? 80  SER A O   1 
ATOM   617  C  CB  A SER A 1 80  ? -5.813  5.170   -12.326 0.27 11.48  ? 80  SER A CB  1 
ATOM   618  C  CB  B SER A 1 80  ? -5.771  5.183   -12.325 0.24 14.23  ? 80  SER A CB  1 
ATOM   619  O  OG  A SER A 1 80  ? -6.453  6.197   -13.085 0.27 10.51  ? 80  SER A OG  1 
ATOM   620  O  OG  B SER A 1 80  ? -6.491  3.982   -12.119 0.24 15.64  ? 80  SER A OG  1 
ATOM   621  N  N   . LEU A 1 81  ? -7.324  6.743   -10.389 1.00 14.54  ? 81  LEU A N   1 
ATOM   622  C  CA  . LEU A 1 81  ? -8.462  7.122   -9.543  1.00 15.86  ? 81  LEU A CA  1 
ATOM   623  C  C   . LEU A 1 81  ? -9.555  6.115   -9.820  1.00 16.41  ? 81  LEU A C   1 
ATOM   624  O  O   . LEU A 1 81  ? -10.051 6.085   -10.976 1.00 17.53  ? 81  LEU A O   1 
ATOM   625  C  CB  . LEU A 1 81  ? -8.880  8.543   -9.905  1.00 17.34  ? 81  LEU A CB  1 
ATOM   626  C  CG  . LEU A 1 81  ? -10.066 9.079   -9.117  1.00 18.45  ? 81  LEU A CG  1 
ATOM   627  C  CD1 . LEU A 1 81  ? -9.799  9.073   -7.614  1.00 19.84  ? 81  LEU A CD1 1 
ATOM   628  C  CD2 . LEU A 1 81  ? -10.390 10.501  -9.588  1.00 19.79  ? 81  LEU A CD2 1 
ATOM   629  N  N   . ILE A 1 82  ? -9.873  5.285   -8.840  1.00 14.86  ? 82  ILE A N   1 
ATOM   630  C  CA  . ILE A 1 82  ? -10.712 4.092   -9.050  1.00 15.80  ? 82  ILE A CA  1 
ATOM   631  C  C   . ILE A 1 82  ? -11.855 4.107   -8.056  1.00 15.90  ? 82  ILE A C   1 
ATOM   632  O  O   . ILE A 1 82  ? -11.629 4.344   -6.871  1.00 15.38  ? 82  ILE A O   1 
ATOM   633  C  CB  . ILE A 1 82  ? -9.880  2.801   -8.873  1.00 17.72  ? 82  ILE A CB  1 
ATOM   634  C  CG1 . ILE A 1 82  ? -8.643  2.825   -9.767  1.00 17.85  ? 82  ILE A CG1 1 
ATOM   635  C  CG2 . ILE A 1 82  ? -10.743 1.561   -9.062  1.00 20.40  ? 82  ILE A CG2 1 
ATOM   636  C  CD1 . ILE A 1 82  ? -8.932  2.641   -11.225 1.00 21.62  ? 82  ILE A CD1 1 
ATOM   637  N  N   . PHE A 1 83  ? -13.043 3.761   -8.511  1.00 13.73  ? 83  PHE A N   1 
ATOM   638  C  CA  . PHE A 1 83  ? -14.179 3.555   -7.621  1.00 15.53  ? 83  PHE A CA  1 
ATOM   639  C  C   . PHE A 1 83  ? -14.022 2.230   -6.894  1.00 14.16  ? 83  PHE A C   1 
ATOM   640  O  O   . PHE A 1 83  ? -13.739 1.181   -7.537  1.00 15.33  ? 83  PHE A O   1 
ATOM   641  C  CB  . PHE A 1 83  ? -15.505 3.602   -8.368  1.00 16.63  ? 83  PHE A CB  1 
ATOM   642  C  CG  . PHE A 1 83  ? -16.674 3.498   -7.429  1.00 16.58  ? 83  PHE A CG  1 
ATOM   643  C  CD1 . PHE A 1 83  ? -17.009 4.568   -6.622  1.00 17.85  ? 83  PHE A CD1 1 
ATOM   644  C  CD2 . PHE A 1 83  ? -17.424 2.343   -7.353  1.00 19.42  ? 83  PHE A CD2 1 
ATOM   645  C  CE1 . PHE A 1 83  ? -18.081 4.480   -5.737  1.00 18.68  ? 83  PHE A CE1 1 
ATOM   646  C  CE2 . PHE A 1 83  ? -18.490 2.245   -6.480  1.00 20.53  ? 83  PHE A CE2 1 
ATOM   647  C  CZ  . PHE A 1 83  ? -18.820 3.320   -5.688  1.00 20.19  ? 83  PHE A CZ  1 
ATOM   648  N  N   . VAL A 1 84  ? -14.145 2.261   -5.577  1.00 14.32  ? 84  VAL A N   1 
ATOM   649  C  CA  . VAL A 1 84  ? -14.007 1.081   -4.701  1.00 14.50  ? 84  VAL A CA  1 
ATOM   650  C  C   . VAL A 1 84  ? -15.339 0.840   -3.994  1.00 14.73  ? 84  VAL A C   1 
ATOM   651  O  O   . VAL A 1 84  ? -15.821 1.773   -3.314  1.00 15.55  ? 84  VAL A O   1 
ATOM   652  C  CB  . VAL A 1 84  ? -12.845 1.284   -3.709  1.00 14.44  ? 84  VAL A CB  1 
ATOM   653  C  CG1 . VAL A 1 84  ? -12.644 0.068   -2.824  1.00 15.39  ? 84  VAL A CG1 1 
ATOM   654  C  CG2 . VAL A 1 84  ? -11.589 1.604   -4.483  1.00 14.57  ? 84  VAL A CG2 1 
ATOM   655  N  N   . GLU A 1 85  ? -15.881 -0.361  -4.082  1.00 14.71  ? 85  GLU A N   1 
ATOM   656  C  CA  . GLU A 1 85  ? -17.137 -0.663  -3.367  1.00 15.34  ? 85  GLU A CA  1 
ATOM   657  C  C   . GLU A 1 85  ? -16.875 -0.628  -1.864  1.00 15.56  ? 85  GLU A C   1 
ATOM   658  O  O   . GLU A 1 85  ? -15.691 -0.658  -1.390  1.00 15.61  ? 85  GLU A O   1 
ATOM   659  C  CB  . GLU A 1 85  ? -17.691 -2.019  -3.785  1.00 15.31  ? 85  GLU A CB  1 
ATOM   660  C  CG  . GLU A 1 85  ? -18.027 -2.077  -5.240  1.00 17.22  ? 85  GLU A CG  1 
ATOM   661  C  CD  . GLU A 1 85  ? -19.216 -1.242  -5.657  1.00 20.02  ? 85  GLU A CD  1 
ATOM   662  O  OE1 . GLU A 1 85  ? -20.001 -0.742  -4.797  1.00 20.84  ? 85  GLU A OE1 1 
ATOM   663  O  OE2 . GLU A 1 85  ? -19.345 -1.093  -6.865  1.00 19.84  ? 85  GLU A OE2 1 
ATOM   664  N  N   . ALA A 1 86  ? -17.932 -0.485  -1.095  1.00 17.43  ? 86  ALA A N   1 
ATOM   665  C  CA  . ALA A 1 86  ? -17.821 -0.389  0.376   1.00 18.41  ? 86  ALA A CA  1 
ATOM   666  C  C   . ALA A 1 86  ? -17.098 -1.619  0.917   1.00 18.43  ? 86  ALA A C   1 
ATOM   667  O  O   . ALA A 1 86  ? -17.354 -2.760  0.438   1.00 18.91  ? 86  ALA A O   1 
ATOM   668  C  CB  . ALA A 1 86  ? -19.193 -0.244  0.981   1.00 19.08  ? 86  ALA A CB  1 
ATOM   669  N  N   . SER A 1 87  ? -16.215 -1.384  1.897   1.00 19.12  ? 87  SER A N   1 
ATOM   670  C  CA  . SER A 1 87  ? -15.518 -2.435  2.666   1.00 19.06  ? 87  SER A CA  1 
ATOM   671  C  C   . SER A 1 87  ? -15.863 -2.272  4.143   1.00 19.95  ? 87  SER A C   1 
ATOM   672  O  O   . SER A 1 87  ? -16.628 -1.359  4.512   1.00 21.44  ? 87  SER A O   1 
ATOM   673  C  CB  . SER A 1 87  ? -14.025 -2.328  2.467   1.00 17.43  ? 87  SER A CB  1 
ATOM   674  O  OG  . SER A 1 87  ? -13.569 -1.140  3.095   1.00 17.52  ? 87  SER A OG  1 
ATOM   675  N  N   . GLU A 1 88  ? -15.309 -3.140  4.987   0.50 20.97  ? 88  GLU A N   1 
ATOM   676  C  CA  . GLU A 1 88  ? -15.532 -3.062  6.454   0.50 21.04  ? 88  GLU A CA  1 
ATOM   677  C  C   . GLU A 1 88  ? -15.001 -1.722  6.979   0.50 21.13  ? 88  GLU A C   1 
ATOM   678  O  O   . GLU A 1 88  ? -15.596 -1.213  7.951   0.50 21.43  ? 88  GLU A O   1 
ATOM   679  C  CB  . GLU A 1 88  ? -14.915 -4.276  7.150   0.50 22.14  ? 88  GLU A CB  1 
ATOM   680  C  CG  . GLU A 1 88  ? -15.749 -5.535  6.984   0.50 23.03  ? 88  GLU A CG  1 
ATOM   681  C  CD  . GLU A 1 88  ? -15.073 -6.819  7.426   0.50 24.68  ? 88  GLU A CD  1 
ATOM   682  O  OE1 . GLU A 1 88  ? -15.665 -7.893  7.221   0.50 27.28  ? 88  GLU A OE1 1 
ATOM   683  O  OE2 . GLU A 1 88  ? -13.965 -6.741  7.983   0.50 26.63  ? 88  GLU A OE2 1 
ATOM   684  N  N   . TYR A 1 89  ? -13.983 -1.142  6.324   1.00 19.43  ? 89  TYR A N   1 
ATOM   685  C  CA  . TYR A 1 89  ? -13.261 0.056   6.839   1.00 18.38  ? 89  TYR A CA  1 
ATOM   686  C  C   . TYR A 1 89  ? -13.483 1.347   6.057   1.00 18.79  ? 89  TYR A C   1 
ATOM   687  O  O   . TYR A 1 89  ? -13.088 2.418   6.560   1.00 18.78  ? 89  TYR A O   1 
ATOM   688  C  CB  . TYR A 1 89  ? -11.772 -0.264  6.956   1.00 17.93  ? 89  TYR A CB  1 
ATOM   689  C  CG  . TYR A 1 89  ? -11.150 -0.850  5.714   1.00 16.59  ? 89  TYR A CG  1 
ATOM   690  C  CD1 . TYR A 1 89  ? -11.188 -2.216  5.492   1.00 17.08  ? 89  TYR A CD1 1 
ATOM   691  C  CD2 . TYR A 1 89  ? -10.598 -0.053  4.720   1.00 16.12  ? 89  TYR A CD2 1 
ATOM   692  C  CE1 . TYR A 1 89  ? -10.618 -2.773  4.358   1.00 16.47  ? 89  TYR A CE1 1 
ATOM   693  C  CE2 . TYR A 1 89  ? -10.071 -0.589  3.560   1.00 15.88  ? 89  TYR A CE2 1 
ATOM   694  C  CZ  . TYR A 1 89  ? -10.057 -1.960  3.385   1.00 15.64  ? 89  TYR A CZ  1 
ATOM   695  O  OH  . TYR A 1 89  ? -9.560  -2.561  2.278   1.00 16.48  ? 89  TYR A OH  1 
ATOM   696  N  N   . TYR A 1 90  ? -14.077 1.309   4.866   1.00 17.79  ? 90  TYR A N   1 
ATOM   697  C  CA  . TYR A 1 90  ? -14.463 2.543   4.158   1.00 17.42  ? 90  TYR A CA  1 
ATOM   698  C  C   . TYR A 1 90  ? -15.797 2.343   3.465   1.00 15.88  ? 90  TYR A C   1 
ATOM   699  O  O   . TYR A 1 90  ? -16.140 1.251   3.019   1.00 17.59  ? 90  TYR A O   1 
ATOM   700  C  CB  . TYR A 1 90  ? -13.469 2.914   3.062   1.00 18.14  ? 90  TYR A CB  1 
ATOM   701  C  CG  . TYR A 1 90  ? -12.145 3.490   3.503   1.00 18.61  ? 90  TYR A CG  1 
ATOM   702  C  CD1 . TYR A 1 90  ? -12.062 4.658   4.241   1.00 19.63  ? 90  TYR A CD1 1 
ATOM   703  C  CD2 . TYR A 1 90  ? -10.958 2.934   3.070   1.00 17.14  ? 90  TYR A CD2 1 
ATOM   704  C  CE1 . TYR A 1 90  ? -10.833 5.222   4.559   1.00 20.32  ? 90  TYR A CE1 1 
ATOM   705  C  CE2 . TYR A 1 90  ? -9.719  3.467   3.407   1.00 16.61  ? 90  TYR A CE2 1 
ATOM   706  C  CZ  . TYR A 1 90  ? -9.650  4.624   4.150   1.00 16.88  ? 90  TYR A CZ  1 
ATOM   707  O  OH  . TYR A 1 90  ? -8.443  5.219   4.491   1.00 16.60  ? 90  TYR A OH  1 
ATOM   708  N  N   . PRO A 1 91  ? -16.566 3.432   3.280   1.00 16.34  ? 91  PRO A N   1 
ATOM   709  C  CA  . PRO A 1 91  ? -17.751 3.398   2.423   1.00 17.66  ? 91  PRO A CA  1 
ATOM   710  C  C   . PRO A 1 91  ? -17.290 3.225   0.969   1.00 17.97  ? 91  PRO A C   1 
ATOM   711  O  O   . PRO A 1 91  ? -16.089 3.365   0.670   1.00 17.32  ? 91  PRO A O   1 
ATOM   712  C  CB  . PRO A 1 91  ? -18.402 4.764   2.686   1.00 16.50  ? 91  PRO A CB  1 
ATOM   713  C  CG  . PRO A 1 91  ? -17.223 5.671   2.998   1.00 18.26  ? 91  PRO A CG  1 
ATOM   714  C  CD  . PRO A 1 91  ? -16.267 4.785   3.775   1.00 17.62  ? 91  PRO A CD  1 
ATOM   715  N  N   . ALA A 1 92  ? -18.231 3.000   0.065   1.00 20.75  ? 92  ALA A N   1 
ATOM   716  C  CA  . ALA A 1 92  ? -17.957 3.119   -1.380  1.00 21.05  ? 92  ALA A CA  1 
ATOM   717  C  C   . ALA A 1 92  ? -17.368 4.498   -1.664  1.00 21.03  ? 92  ALA A C   1 
ATOM   718  O  O   . ALA A 1 92  ? -17.885 5.515   -1.155  1.00 23.68  ? 92  ALA A O   1 
ATOM   719  C  CB  . ALA A 1 92  ? -19.224 2.870   -2.148  1.00 21.84  ? 92  ALA A CB  1 
ATOM   720  N  N   . ARG A 1 93  ? -16.248 4.563   -2.360  1.00 19.24  ? 93  ARG A N   1 
ATOM   721  C  CA  . ARG A 1 93  ? -15.648 5.873   -2.677  1.00 22.10  ? 93  ARG A CA  1 
ATOM   722  C  C   . ARG A 1 93  ? -14.607 5.764   -3.782  1.00 19.72  ? 93  ARG A C   1 
ATOM   723  O  O   . ARG A 1 93  ? -14.284 4.642   -4.267  1.00 17.37  ? 93  ARG A O   1 
ATOM   724  C  CB  . ARG A 1 93  ? -15.054 6.403   -1.384  1.00 24.82  ? 93  ARG A CB  1 
ATOM   725  C  CG  . ARG A 1 93  ? -13.827 5.601   -1.028  1.00 21.83  ? 93  ARG A CG  1 
ATOM   726  C  CD  . ARG A 1 93  ? -13.296 5.917   0.348   1.00 24.16  ? 93  ARG A CD  1 
ATOM   727  N  NE  . ARG A 1 93  ? -11.906 5.529   0.326   1.00 21.91  ? 93  ARG A NE  1 
ATOM   728  C  CZ  . ARG A 1 93  ? -10.835 6.231   0.710   1.00 19.39  ? 93  ARG A CZ  1 
ATOM   729  N  NH1 . ARG A 1 93  ? -10.905 7.389   1.356   1.00 21.44  ? 93  ARG A NH1 1 
ATOM   730  N  NH2 . ARG A 1 93  ? -9.663  5.736   0.418   1.00 21.53  ? 93  ARG A NH2 1 
ATOM   731  N  N   . TYR A 1 94  ? -14.137 6.903   -4.203  1.00 18.31  ? 94  TYR A N   1 
ATOM   732  C  CA  . TYR A 1 94  ? -13.039 7.026   -5.170  1.00 18.41  ? 94  TYR A CA  1 
ATOM   733  C  C   . TYR A 1 94  ? -11.733 7.058   -4.422  1.00 18.24  ? 94  TYR A C   1 
ATOM   734  O  O   . TYR A 1 94  ? -11.575 7.838   -3.488  1.00 22.59  ? 94  TYR A O   1 
ATOM   735  C  CB  . TYR A 1 94  ? -13.231 8.258   -6.023  1.00 20.22  ? 94  TYR A CB  1 
ATOM   736  C  CG  . TYR A 1 94  ? -14.261 8.001   -7.086  1.00 22.37  ? 94  TYR A CG  1 
ATOM   737  C  CD1 . TYR A 1 94  ? -13.896 7.303   -8.213  1.00 25.04  ? 94  TYR A CD1 1 
ATOM   738  C  CD2 . TYR A 1 94  ? -15.583 8.375   -6.921  1.00 27.04  ? 94  TYR A CD2 1 
ATOM   739  C  CE1 . TYR A 1 94  ? -14.808 7.022   -9.207  1.00 29.34  ? 94  TYR A CE1 1 
ATOM   740  C  CE2 . TYR A 1 94  ? -16.514 8.106   -7.916  1.00 28.24  ? 94  TYR A CE2 1 
ATOM   741  C  CZ  . TYR A 1 94  ? -16.114 7.432   -9.055  1.00 30.37  ? 94  TYR A CZ  1 
ATOM   742  O  OH  . TYR A 1 94  ? -16.986 7.150   -10.064 1.00 40.28  ? 94  TYR A OH  1 
ATOM   743  N  N   . GLN A 1 95  ? -10.860 6.125   -4.733  1.00 14.73  ? 95  GLN A N   1 
ATOM   744  C  CA  . GLN A 1 95  ? -9.506  6.080   -4.130  1.00 14.21  ? 95  GLN A CA  1 
ATOM   745  C  C   . GLN A 1 95  ? -8.487  6.415   -5.205  1.00 13.73  ? 95  GLN A C   1 
ATOM   746  O  O   . GLN A 1 95  ? -8.537  5.797   -6.327  1.00 14.78  ? 95  GLN A O   1 
ATOM   747  C  CB  . GLN A 1 95  ? -9.257  4.711   -3.508  1.00 14.65  ? 95  GLN A CB  1 
ATOM   748  C  CG  . GLN A 1 95  ? -7.917  4.601   -2.821  1.00 15.13  ? 95  GLN A CG  1 
ATOM   749  C  CD  . GLN A 1 95  ? -7.829  3.517   -1.778  1.00 14.58  ? 95  GLN A CD  1 
ATOM   750  O  OE1 . GLN A 1 95  ? -8.798  3.211   -1.097  1.00 15.21  ? 95  GLN A OE1 1 
ATOM   751  N  NE2 . GLN A 1 95  ? -6.652  2.958   -1.662  1.00 13.75  ? 95  GLN A NE2 1 
ATOM   752  N  N   . SER A 1 96  ? -7.556  7.323   -4.916  1.00 12.55  ? 96  SER A N   1 
ATOM   753  C  CA  . SER A 1 96  ? -6.523  7.737   -5.862  1.00 13.86  ? 96  SER A CA  1 
ATOM   754  C  C   . SER A 1 96  ? -5.268  6.875   -5.707  1.00 11.96  ? 96  SER A C   1 
ATOM   755  O  O   . SER A 1 96  ? -5.088  6.253   -4.671  1.00 12.47  ? 96  SER A O   1 
ATOM   756  C  CB  . SER A 1 96  ? -6.208  9.186   -5.717  1.00 14.12  ? 96  SER A CB  1 
ATOM   757  O  OG  . SER A 1 96  ? -5.615  9.439   -4.437  1.00 16.05  ? 96  SER A OG  1 
ATOM   758  N  N   . HIS A 1 97  ? -4.424  6.922   -6.716  1.00 12.12  ? 97  HIS A N   1 
ATOM   759  C  CA  . HIS A 1 97  ? -3.114  6.251   -6.696  1.00 12.81  ? 97  HIS A CA  1 
ATOM   760  C  C   . HIS A 1 97  ? -3.286  4.741   -6.433  1.00 12.56  ? 97  HIS A C   1 
ATOM   761  O  O   . HIS A 1 97  ? -2.395  4.153   -5.787  1.00 12.88  ? 97  HIS A O   1 
ATOM   762  C  CB  . HIS A 1 97  ? -2.193  6.961   -5.700  1.00 13.77  ? 97  HIS A CB  1 
ATOM   763  C  CG  . HIS A 1 97  ? -1.923  8.379   -6.085  1.00 13.94  ? 97  HIS A CG  1 
ATOM   764  N  ND1 . HIS A 1 97  ? -0.833  8.732   -6.837  1.00 14.61  ? 97  HIS A ND1 1 
ATOM   765  C  CD2 . HIS A 1 97  ? -2.594  9.513   -5.777  1.00 14.03  ? 97  HIS A CD2 1 
ATOM   766  C  CE1 . HIS A 1 97  ? -0.831  10.063  -6.974  1.00 14.89  ? 97  HIS A CE1 1 
ATOM   767  N  NE2 . HIS A 1 97  ? -1.914  10.538  -6.412  1.00 15.64  ? 97  HIS A NE2 1 
ATOM   768  N  N   . LEU A 1 98  ? -4.342  4.150   -6.945  1.00 11.95  ? 98  LEU A N   1 
ATOM   769  C  CA  . LEU A 1 98  ? -4.661  2.734   -6.668  1.00 11.92  ? 98  LEU A CA  1 
ATOM   770  C  C   . LEU A 1 98  ? -4.347  1.872   -7.892  1.00 11.41  ? 98  LEU A C   1 
ATOM   771  O  O   . LEU A 1 98  ? -4.724  2.253   -9.004  1.00 12.07  ? 98  LEU A O   1 
ATOM   772  C  CB  . LEU A 1 98  ? -6.140  2.604   -6.307  1.00 12.47  ? 98  LEU A CB  1 
ATOM   773  C  CG  . LEU A 1 98  ? -6.593  1.210   -5.881  1.00 12.73  ? 98  LEU A CG  1 
ATOM   774  C  CD1 . LEU A 1 98  ? -6.055  0.852   -4.532  1.00 13.26  ? 98  LEU A CD1 1 
ATOM   775  C  CD2 . LEU A 1 98  ? -8.114  1.073   -5.898  1.00 13.46  ? 98  LEU A CD2 1 
ATOM   776  N  N   . MET A 1 99  ? -3.723  0.743   -7.670  1.00 10.21  ? 99  MET A N   1 
ATOM   777  C  CA  . MET A 1 99  ? -3.404  -0.274  -8.677  1.00 10.88  ? 99  MET A CA  1 
ATOM   778  C  C   . MET A 1 99  ? -4.280  -1.482  -8.401  1.00 10.61  ? 99  MET A C   1 
ATOM   779  O  O   . MET A 1 99  ? -4.418  -1.822  -7.232  1.00 10.92  ? 99  MET A O   1 
ATOM   780  C  CB  . MET A 1 99  ? -1.932  -0.647  -8.591  1.00 10.45  ? 99  MET A CB  1 
ATOM   781  C  CG  . MET A 1 99  ? -1.006  0.565   -8.804  1.00 11.88  ? 99  MET A CG  1 
ATOM   782  S  SD  . MET A 1 99  ? 0.696   0.287   -8.477  1.00 12.65  ? 99  MET A SD  1 
ATOM   783  C  CE  . MET A 1 99  ? 0.656   0.091   -6.697  1.00 11.82  ? 99  MET A CE  1 
ATOM   784  N  N   . LEU A 1 100 ? -4.766  -2.165  -9.437  1.00 10.25  ? 100 LEU A N   1 
ATOM   785  C  CA  . LEU A 1 100 ? -5.572  -3.400  -9.265  1.00 10.10  ? 100 LEU A CA  1 
ATOM   786  C  C   . LEU A 1 100 ? -4.877  -4.577  -9.905  1.00 10.19  ? 100 LEU A C   1 
ATOM   787  O  O   . LEU A 1 100 ? -4.274  -4.450  -10.975 1.00 10.69  ? 100 LEU A O   1 
ATOM   788  C  CB  . LEU A 1 100 ? -6.951  -3.220  -9.883  1.00 10.95  ? 100 LEU A CB  1 
ATOM   789  C  CG  . LEU A 1 100 ? -7.853  -2.214  -9.197  1.00 12.23  ? 100 LEU A CG  1 
ATOM   790  C  CD1 . LEU A 1 100 ? -9.103  -1.937  -10.029 1.00 13.76  ? 100 LEU A CD1 1 
ATOM   791  C  CD2 . LEU A 1 100 ? -8.228  -2.694  -7.803  1.00 13.36  ? 100 LEU A CD2 1 
ATOM   792  N  N   . ALA A 1 101 ? -5.049  -5.719  -9.278  1.00 9.67   ? 101 ALA A N   1 
ATOM   793  C  CA  . ALA A 1 101 ? -4.651  -7.020  -9.819  1.00 9.78   ? 101 ALA A CA  1 
ATOM   794  C  C   . ALA A 1 101 ? -5.748  -8.035  -9.536  1.00 10.15  ? 101 ALA A C   1 
ATOM   795  O  O   . ALA A 1 101 ? -6.598  -7.803  -8.631  1.00 10.86  ? 101 ALA A O   1 
ATOM   796  C  CB  . ALA A 1 101 ? -3.345  -7.478  -9.244  1.00 9.60   ? 101 ALA A CB  1 
ATOM   797  N  N   . VAL A 1 102 ? -5.713  -9.113  -10.285 1.00 10.46  ? 102 VAL A N   1 
ATOM   798  C  CA  . VAL A 1 102 ? -6.614  -10.266 -10.011 1.00 11.00  ? 102 VAL A CA  1 
ATOM   799  C  C   . VAL A 1 102 ? -5.977  -11.112 -8.917  1.00 10.43  ? 102 VAL A C   1 
ATOM   800  O  O   . VAL A 1 102 ? -4.854  -11.598 -9.084  1.00 11.13  ? 102 VAL A O   1 
ATOM   801  C  CB  . VAL A 1 102 ? -6.902  -11.071 -11.284 1.00 10.36  ? 102 VAL A CB  1 
ATOM   802  C  CG1 . VAL A 1 102 ? -7.756  -12.300 -10.946 1.00 11.22  ? 102 VAL A CG1 1 
ATOM   803  C  CG2 . VAL A 1 102 ? -7.562  -10.178 -12.325 1.00 10.50  ? 102 VAL A CG2 1 
ATOM   804  N  N   . GLY A 1 103 ? -6.655  -11.200 -7.778  1.00 11.05  ? 103 GLY A N   1 
ATOM   805  C  CA  . GLY A 1 103 ? -6.132  -11.984 -6.686  1.00 11.38  ? 103 GLY A CA  1 
ATOM   806  C  C   . GLY A 1 103 ? -6.994  -11.797 -5.463  1.00 11.10  ? 103 GLY A C   1 
ATOM   807  O  O   . GLY A 1 103 ? -8.002  -11.089 -5.481  1.00 12.66  ? 103 GLY A O   1 
ATOM   808  N  N   . HIS A 1 104 ? -6.659  -12.555 -4.431  1.00 11.43  ? 104 HIS A N   1 
ATOM   809  C  CA  . HIS A 1 104 ? -7.442  -12.581 -3.200  1.00 11.75  ? 104 HIS A CA  1 
ATOM   810  C  C   . HIS A 1 104 ? -7.035  -11.470 -2.241  1.00 10.10  ? 104 HIS A C   1 
ATOM   811  O  O   . HIS A 1 104 ? -5.837  -11.333 -1.912  1.00 10.42  ? 104 HIS A O   1 
ATOM   812  C  CB  . HIS A 1 104 ? -7.289  -13.953 -2.542  1.00 12.25  ? 104 HIS A CB  1 
ATOM   813  C  CG  . HIS A 1 104 ? -8.208  -14.084 -1.376  1.00 13.29  ? 104 HIS A CG  1 
ATOM   814  N  ND1 . HIS A 1 104 ? -9.580  -14.128 -1.572  1.00 14.07  ? 104 HIS A ND1 1 
ATOM   815  C  CD2 . HIS A 1 104 ? -7.972  -14.066 -0.037  1.00 15.12  ? 104 HIS A CD2 1 
ATOM   816  C  CE1 . HIS A 1 104 ? -10.136 -14.209 -0.342  1.00 14.46  ? 104 HIS A CE1 1 
ATOM   817  N  NE2 . HIS A 1 104 ? -9.176  -14.136 0.566   1.00 15.73  ? 104 HIS A NE2 1 
ATOM   818  N  N   . SER A 1 105 ? -8.019  -10.787 -1.672  1.00 11.16  ? 105 SER A N   1 
ATOM   819  C  CA  . SER A 1 105 ? -7.776  -9.734  -0.669  1.00 11.56  ? 105 SER A CA  1 
ATOM   820  C  C   . SER A 1 105 ? -9.016  -9.556  0.188   1.00 12.21  ? 105 SER A C   1 
ATOM   821  O  O   . SER A 1 105 ? -10.115 -9.237  -0.353  1.00 15.41  ? 105 SER A O   1 
ATOM   822  C  CB  . SER A 1 105 ? -7.429  -8.447  -1.380  1.00 11.62  ? 105 SER A CB  1 
ATOM   823  O  OG  . SER A 1 105 ? -7.279  -7.381  -0.448  1.00 12.96  ? 105 SER A OG  1 
ATOM   824  N  N   . GLU A 1 106 ? -8.836  -9.763  1.460   1.00 11.93  ? 106 GLU A N   1 
ATOM   825  C  CA  . GLU A 1 106 ? -9.814  -9.468  2.546   1.00 13.42  ? 106 GLU A CA  1 
ATOM   826  C  C   . GLU A 1 106 ? -9.320  -8.295  3.368   1.00 14.65  ? 106 GLU A C   1 
ATOM   827  O  O   . GLU A 1 106 ? -8.140  -7.926  3.278   1.00 14.50  ? 106 GLU A O   1 
ATOM   828  C  CB  . GLU A 1 106 ? -9.960  -10.666 3.478   1.00 16.09  ? 106 GLU A CB  1 
ATOM   829  C  CG  . GLU A 1 106 ? -10.430 -11.898 2.762   1.00 18.57  ? 106 GLU A CG  1 
ATOM   830  C  CD  . GLU A 1 106 ? -10.440 -13.195 3.589   1.00 18.75  ? 106 GLU A CD  1 
ATOM   831  O  OE1 . GLU A 1 106 ? -10.558 -13.151 4.821   1.00 25.12  ? 106 GLU A OE1 1 
ATOM   832  O  OE2 . GLU A 1 106 ? -10.263 -14.225 3.024   1.00 18.38  ? 106 GLU A OE2 1 
ATOM   833  N  N   . PRO A 1 107 ? -10.167 -7.641  4.188   1.00 15.83  ? 107 PRO A N   1 
ATOM   834  C  CA  . PRO A 1 107 ? -9.744  -6.435  4.906   1.00 15.26  ? 107 PRO A CA  1 
ATOM   835  C  C   . PRO A 1 107 ? -8.422  -6.588  5.655   1.00 14.60  ? 107 PRO A C   1 
ATOM   836  O  O   . PRO A 1 107 ? -7.570  -5.649  5.633   1.00 16.96  ? 107 PRO A O   1 
ATOM   837  C  CB  . PRO A 1 107 ? -10.942 -6.227  5.829   1.00 16.83  ? 107 PRO A CB  1 
ATOM   838  C  CG  . PRO A 1 107 ? -12.110 -6.625  4.972   1.00 16.85  ? 107 PRO A CG  1 
ATOM   839  C  CD  . PRO A 1 107 ? -11.610 -7.919  4.357   1.00 17.15  ? 107 PRO A CD  1 
ATOM   840  N  N   . GLY A 1 108 ? -8.245  -7.698  6.380   1.00 14.50  ? 108 GLY A N   1 
ATOM   841  C  CA  . GLY A 1 108 ? -7.040  -7.911  7.166   1.00 14.49  ? 108 GLY A CA  1 
ATOM   842  C  C   . GLY A 1 108 ? -5.792  -8.082  6.318   1.00 12.72  ? 108 GLY A C   1 
ATOM   843  O  O   . GLY A 1 108 ? -4.702  -8.091  6.884   1.00 13.08  ? 108 GLY A O   1 
ATOM   844  N  N   . ASP A 1 109 ? -5.949  -8.223  4.991   1.00 12.08  ? 109 ASP A N   1 
ATOM   845  C  CA  . ASP A 1 109 ? -4.784  -8.312  4.093   1.00 11.65  ? 109 ASP A CA  1 
ATOM   846  C  C   . ASP A 1 109 ? -4.163  -6.937  3.851   1.00 10.84  ? 109 ASP A C   1 
ATOM   847  O  O   . ASP A 1 109 ? -3.023  -6.890  3.388   1.00 11.27  ? 109 ASP A O   1 
ATOM   848  C  CB  . ASP A 1 109 ? -5.166  -8.951  2.759   1.00 10.65  ? 109 ASP A CB  1 
ATOM   849  C  CG  . ASP A 1 109 ? -5.483  -10.421 2.954   1.00 10.69  ? 109 ASP A CG  1 
ATOM   850  O  OD1 . ASP A 1 109 ? -4.748  -11.051 3.741   1.00 12.97  ? 109 ASP A OD1 1 
ATOM   851  O  OD2 . ASP A 1 109 ? -6.370  -10.935 2.262   1.00 11.71  ? 109 ASP A OD2 1 
ATOM   852  N  N   . CYS A 1 110 ? -4.818  -5.879  4.271   1.00 11.04  ? 110 CYS A N   1 
ATOM   853  C  CA  . CYS A 1 110 ? -4.239  -4.544  4.095   1.00 10.53  ? 110 CYS A CA  1 
ATOM   854  C  C   . CYS A 1 110 ? -2.876  -4.482  4.749   1.00 10.79  ? 110 CYS A C   1 
ATOM   855  O  O   . CYS A 1 110 ? -2.702  -4.945  5.902   1.00 11.70  ? 110 CYS A O   1 
ATOM   856  C  CB  . CYS A 1 110 ? -5.174  -3.476  4.622   1.00 11.01  ? 110 CYS A CB  1 
ATOM   857  S  SG  . CYS A 1 110 ? -6.613  -3.142  3.596   1.00 13.06  ? 110 CYS A SG  1 
ATOM   858  N  N   . GLY A 1 111 ? -1.939  -3.833  4.073   1.00 9.88   ? 111 GLY A N   1 
ATOM   859  C  CA  . GLY A 1 111 ? -0.573  -3.688  4.574   1.00 10.39  ? 111 GLY A CA  1 
ATOM   860  C  C   . GLY A 1 111 ? 0.391   -4.725  4.019   1.00 9.90   ? 111 GLY A C   1 
ATOM   861  O  O   . GLY A 1 111 ? 1.605   -4.552  4.169   1.00 11.03  ? 111 GLY A O   1 
ATOM   862  N  N   . GLY A 1 112 ? -0.074  -5.764  3.331   1.00 9.84   ? 112 GLY A N   1 
ATOM   863  C  CA  . GLY A 1 112 ? 0.818   -6.706  2.628   1.00 9.97   ? 112 GLY A CA  1 
ATOM   864  C  C   . GLY A 1 112 ? 1.590   -5.978  1.548   1.00 9.21   ? 112 GLY A C   1 
ATOM   865  O  O   . GLY A 1 112 ? 0.994   -5.131  0.868   1.00 10.00  ? 112 GLY A O   1 
ATOM   866  N  N   . ILE A 1 113 ? 2.868   -6.268  1.417   1.00 9.70   ? 113 ILE A N   1 
ATOM   867  C  CA  . ILE A 1 113 ? 3.703   -5.557  0.423   1.00 10.21  ? 113 ILE A CA  1 
ATOM   868  C  C   . ILE A 1 113 ? 3.457   -6.163  -0.950  1.00 9.85   ? 113 ILE A C   1 
ATOM   869  O  O   . ILE A 1 113 ? 3.515   -7.387  -1.126  1.00 10.05  ? 113 ILE A O   1 
ATOM   870  C  CB  . ILE A 1 113 ? 5.164   -5.623  0.857   1.00 10.76  ? 113 ILE A CB  1 
ATOM   871  C  CG1 . ILE A 1 113 ? 5.337   -4.587  1.970   1.00 12.76  ? 113 ILE A CG1 1 
ATOM   872  C  CG2 . ILE A 1 113 ? 6.160   -5.401  -0.288  1.00 10.55  ? 113 ILE A CG2 1 
ATOM   873  C  CD1 . ILE A 1 113 ? 6.679   -4.596  2.643   1.00 15.17  ? 113 ILE A CD1 1 
ATOM   874  N  N   . LEU A 1 114 ? 3.430   -5.281  -1.960  1.00 9.30   ? 114 LEU A N   1 
ATOM   875  C  CA  . LEU A 1 114 ? 3.631   -5.567  -3.402  1.00 9.76   ? 114 LEU A CA  1 
ATOM   876  C  C   . LEU A 1 114 ? 5.062   -5.121  -3.710  1.00 9.00   ? 114 LEU A C   1 
ATOM   877  O  O   . LEU A 1 114 ? 5.376   -3.945  -3.424  1.00 10.13  ? 114 LEU A O   1 
ATOM   878  C  CB  . LEU A 1 114 ? 2.572   -4.823  -4.205  1.00 10.21  ? 114 LEU A CB  1 
ATOM   879  C  CG  . LEU A 1 114 ? 2.762   -4.886  -5.722  1.00 9.43   ? 114 LEU A CG  1 
ATOM   880  C  CD1 . LEU A 1 114 ? 2.565   -6.270  -6.305  1.00 9.82   ? 114 LEU A CD1 1 
ATOM   881  C  CD2 . LEU A 1 114 ? 1.853   -3.881  -6.410  1.00 10.49  ? 114 LEU A CD2 1 
ATOM   882  N  N   . ARG A 1 115 ? 5.812   -6.017  -4.309  1.00 9.71   ? 115 ARG A N   1 
ATOM   883  C  CA  . ARG A 1 115 ? 7.216   -5.747  -4.686  1.00 10.32  ? 115 ARG A CA  1 
ATOM   884  C  C   . ARG A 1 115 ? 7.435   -6.134  -6.132  1.00 10.80  ? 115 ARG A C   1 
ATOM   885  O  O   . ARG A 1 115 ? 6.876   -7.078  -6.650  1.00 9.90   ? 115 ARG A O   1 
ATOM   886  C  CB  . ARG A 1 115 ? 8.207   -6.423  -3.761  1.00 12.11  ? 115 ARG A CB  1 
ATOM   887  C  CG  . ARG A 1 115 ? 8.111   -7.934  -3.848  1.00 12.04  ? 115 ARG A CG  1 
ATOM   888  C  CD  . ARG A 1 115 ? 9.035   -8.645  -2.877  1.00 13.75  ? 115 ARG A CD  1 
ATOM   889  N  NE  . ARG A 1 115 ? 8.517   -8.589  -1.537  1.00 17.39  ? 115 ARG A NE  1 
ATOM   890  C  CZ  . ARG A 1 115 ? 9.084   -8.032  -0.471  1.00 19.60  ? 115 ARG A CZ  1 
ATOM   891  N  NH1 . ARG A 1 115 ? 10.258  -7.429  -0.533  1.00 22.75  ? 115 ARG A NH1 1 
ATOM   892  N  NH2 . ARG A 1 115 ? 8.490   -8.158  0.697   1.00 21.45  ? 115 ARG A NH2 1 
ATOM   893  N  N   . CYS A 1 116 ? 8.323   -5.382  -6.781  1.00 10.65  ? 116 CYS A N   1 
ATOM   894  C  CA  . CYS A 1 116 ? 8.839   -5.663  -8.130  1.00 10.63  ? 116 CYS A CA  1 
ATOM   895  C  C   . CYS A 1 116 ? 10.344  -5.877  -8.010  1.00 10.80  ? 116 CYS A C   1 
ATOM   896  O  O   . CYS A 1 116 ? 10.910  -5.810  -6.919  1.00 11.98  ? 116 CYS A O   1 
ATOM   897  C  CB  . CYS A 1 116 ? 8.503   -4.553  -9.108  1.00 10.43  ? 116 CYS A CB  1 
ATOM   898  S  SG  . CYS A 1 116 ? 9.371   -2.997  -8.718  1.00 10.78  ? 116 CYS A SG  1 
ATOM   899  N  N   . GLN A 1 117 ? 10.978  -6.098  -9.157  1.00 12.74  ? 117 GLN A N   1 
ATOM   900  C  CA  . GLN A 1 117 ? 12.429  -6.234  -9.207  1.00 13.63  ? 117 GLN A CA  1 
ATOM   901  C  C   . GLN A 1 117 ? 13.155  -5.044  -8.590  1.00 13.12  ? 117 GLN A C   1 
ATOM   902  O  O   . GLN A 1 117 ? 14.313  -5.230  -8.243  1.00 16.49  ? 117 GLN A O   1 
ATOM   903  C  CB  . GLN A 1 117 ? 12.862  -6.451  -10.657 1.00 15.24  ? 117 GLN A CB  1 
ATOM   904  C  CG  . GLN A 1 117 ? 12.701  -5.217  -11.539 1.00 15.85  ? 117 GLN A CG  1 
ATOM   905  C  CD  . GLN A 1 117 ? 13.199  -5.425  -12.941 1.00 21.80  ? 117 GLN A CD  1 
ATOM   906  O  OE1 . GLN A 1 117 ? 12.426  -5.728  -13.844 1.00 25.98  ? 117 GLN A OE1 1 
ATOM   907  N  NE2 . GLN A 1 117 ? 14.506  -5.275  -13.082 1.00 23.57  ? 117 GLN A NE2 1 
ATOM   908  N  N   . HIS A 1 118 ? 12.564  -3.850  -8.467  1.00 12.40  ? 118 HIS A N   1 
ATOM   909  C  CA  . HIS A 1 118 ? 13.282  -2.672  -7.955  1.00 12.35  ? 118 HIS A CA  1 
ATOM   910  C  C   . HIS A 1 118 ? 13.052  -2.465  -6.460  1.00 13.86  ? 118 HIS A C   1 
ATOM   911  O  O   . HIS A 1 118 ? 13.724  -1.586  -5.856  1.00 16.48  ? 118 HIS A O   1 
ATOM   912  C  CB  . HIS A 1 118 ? 12.774  -1.448  -8.728  1.00 11.68  ? 118 HIS A CB  1 
ATOM   913  C  CG  . HIS A 1 118 ? 12.925  -1.531  -10.204 1.00 12.72  ? 118 HIS A CG  1 
ATOM   914  N  ND1 . HIS A 1 118 ? 11.890  -1.793  -11.044 1.00 11.26  ? 118 HIS A ND1 1 
ATOM   915  C  CD2 . HIS A 1 118 ? 14.044  -1.433  -10.961 1.00 13.37  ? 118 HIS A CD2 1 
ATOM   916  C  CE1 . HIS A 1 118 ? 12.357  -1.882  -12.303 1.00 12.67  ? 118 HIS A CE1 1 
ATOM   917  N  NE2 . HIS A 1 118 ? 13.672  -1.628  -12.243 1.00 13.76  ? 118 HIS A NE2 1 
ATOM   918  N  N   . GLY A 1 119 ? 12.065  -3.122  -5.851  1.00 11.64  ? 119 GLY A N   1 
ATOM   919  C  CA  . GLY A 1 119 ? 11.772  -2.983  -4.422  1.00 11.09  ? 119 GLY A CA  1 
ATOM   920  C  C   . GLY A 1 119 ? 10.287  -2.808  -4.192  1.00 9.97   ? 119 GLY A C   1 
ATOM   921  O  O   . GLY A 1 119 ? 9.491   -3.391  -4.919  1.00 10.36  ? 119 GLY A O   1 
ATOM   922  N  N   . VAL A 1 120 ? 9.930   -2.096  -3.127  1.00 9.85   ? 120 VAL A N   1 
ATOM   923  C  CA  . VAL A 1 120 ? 8.517   -2.032  -2.689  1.00 10.42  ? 120 VAL A CA  1 
ATOM   924  C  C   . VAL A 1 120 ? 7.751   -1.094  -3.610  1.00 10.61  ? 120 VAL A C   1 
ATOM   925  O  O   . VAL A 1 120 ? 8.161   0.072   -3.765  1.00 11.73  ? 120 VAL A O   1 
ATOM   926  C  CB  . VAL A 1 120 ? 8.392   -1.626  -1.215  1.00 11.28  ? 120 VAL A CB  1 
ATOM   927  C  CG1 . VAL A 1 120 ? 6.947   -1.399  -0.842  1.00 11.30  ? 120 VAL A CG1 1 
ATOM   928  C  CG2 . VAL A 1 120 ? 9.078   -2.623  -0.295  1.00 12.56  ? 120 VAL A CG2 1 
ATOM   929  N  N   . VAL A 1 121 ? 6.636   -1.538  -4.137  1.00 9.31   ? 121 VAL A N   1 
ATOM   930  C  CA  . VAL A 1 121 ? 5.741   -0.776  -5.036  1.00 9.81   ? 121 VAL A CA  1 
ATOM   931  C  C   . VAL A 1 121 ? 4.599   -0.136  -4.238  1.00 9.85   ? 121 VAL A C   1 
ATOM   932  O  O   . VAL A 1 121 ? 4.183   0.990   -4.519  1.00 10.25  ? 121 VAL A O   1 
ATOM   933  C  CB  . VAL A 1 121 ? 5.197   -1.736  -6.090  1.00 10.04  ? 121 VAL A CB  1 
ATOM   934  C  CG1 . VAL A 1 121 ? 4.184   -1.020  -6.977  1.00 10.15  ? 121 VAL A CG1 1 
ATOM   935  C  CG2 . VAL A 1 121 ? 6.324   -2.335  -6.913  1.00 10.96  ? 121 VAL A CG2 1 
ATOM   936  N  N   . GLY A 1 122 ? 4.041   -0.861  -3.267  1.00 9.90   ? 122 GLY A N   1 
ATOM   937  C  CA  . GLY A 1 122 ? 2.889   -0.359  -2.510  1.00 10.42  ? 122 GLY A CA  1 
ATOM   938  C  C   . GLY A 1 122 ? 2.422   -1.370  -1.489  1.00 9.80   ? 122 GLY A C   1 
ATOM   939  O  O   . GLY A 1 122 ? 3.096   -2.392  -1.315  1.00 10.10  ? 122 GLY A O   1 
ATOM   940  N  N   . ILE A 1 123 ? 1.230   -1.129  -0.955  1.00 9.67   ? 123 ILE A N   1 
ATOM   941  C  CA  . ILE A 1 123 ? 0.675   -2.038  0.091   1.00 9.45   ? 123 ILE A CA  1 
ATOM   942  C  C   . ILE A 1 123 ? -0.778  -2.319  -0.254  1.00 9.61   ? 123 ILE A C   1 
ATOM   943  O  O   . ILE A 1 123 ? -1.488  -1.468  -0.832  1.00 9.71   ? 123 ILE A O   1 
ATOM   944  C  CB  . ILE A 1 123 ? 0.836   -1.479  1.534   1.00 10.15  ? 123 ILE A CB  1 
ATOM   945  C  CG1 . ILE A 1 123 ? 0.309   -0.040  1.670   1.00 11.16  ? 123 ILE A CG1 1 
ATOM   946  C  CG2 . ILE A 1 123 ? 2.247   -1.626  2.000   1.00 10.51  ? 123 ILE A CG2 1 
ATOM   947  C  CD1 . ILE A 1 123 ? 0.195   0.463   3.071   1.00 11.86  ? 123 ILE A CD1 1 
ATOM   948  N  N   . VAL A 1 124 ? -1.215  -3.499  0.130   1.00 8.84   ? 124 VAL A N   1 
ATOM   949  C  CA  . VAL A 1 124 ? -2.619  -3.854  -0.085  1.00 9.63   ? 124 VAL A CA  1 
ATOM   950  C  C   . VAL A 1 124 ? -3.494  -2.833  0.615   1.00 10.33  ? 124 VAL A C   1 
ATOM   951  O  O   . VAL A 1 124 ? -3.238  -2.478  1.797   1.00 9.37   ? 124 VAL A O   1 
ATOM   952  C  CB  . VAL A 1 124 ? -2.896  -5.264  0.438   1.00 9.33   ? 124 VAL A CB  1 
ATOM   953  C  CG1 . VAL A 1 124 ? -4.382  -5.572  0.368   1.00 9.06   ? 124 VAL A CG1 1 
ATOM   954  C  CG2 . VAL A 1 124 ? -2.149  -6.349  -0.293  1.00 8.84   ? 124 VAL A CG2 1 
ATOM   955  N  N   . SER A 1 125 ? -4.515  -2.358  -0.082  1.00 10.12  ? 125 SER A N   1 
ATOM   956  C  CA  . SER A 1 125 ? -5.493  -1.375  0.429   1.00 10.60  ? 125 SER A CA  1 
ATOM   957  C  C   . SER A 1 125 ? -6.947  -1.717  0.114   1.00 10.64  ? 125 SER A C   1 
ATOM   958  O  O   . SER A 1 125 ? -7.808  -1.222  0.854   1.00 12.77  ? 125 SER A O   1 
ATOM   959  C  CB  . SER A 1 125 ? -5.144  -0.020  -0.171  1.00 10.79  ? 125 SER A CB  1 
ATOM   960  O  OG  . SER A 1 125 ? -6.017  1.013   0.282   1.00 12.07  ? 125 SER A OG  1 
ATOM   961  N  N   . THR A 1 126 ? -7.241  -2.511  -0.927  1.00 10.81  ? 126 THR A N   1 
ATOM   962  C  CA  . THR A 1 126 ? -8.649  -2.841  -1.253  1.00 11.16  ? 126 THR A CA  1 
ATOM   963  C  C   . THR A 1 126 ? -8.730  -4.325  -1.614  1.00 10.13  ? 126 THR A C   1 
ATOM   964  O  O   . THR A 1 126 ? -7.707  -4.970  -1.877  1.00 10.96  ? 126 THR A O   1 
ATOM   965  C  CB  . THR A 1 126 ? -9.196  -1.989  -2.420  1.00 12.77  ? 126 THR A CB  1 
ATOM   966  O  OG1 . THR A 1 126 ? -8.708  -2.455  -3.679  1.00 12.80  ? 126 THR A OG1 1 
ATOM   967  C  CG2 . THR A 1 126 ? -8.948  -0.505  -2.211  1.00 12.57  ? 126 THR A CG2 1 
ATOM   968  N  N   . GLY A 1 127 ? -9.961  -4.841  -1.603  1.00 11.28  ? 127 GLY A N   1 
ATOM   969  C  CA  . GLY A 1 127 ? -10.206 -6.207  -2.045  1.00 11.51  ? 127 GLY A CA  1 
ATOM   970  C  C   . GLY A 1 127 ? -11.651 -6.405  -2.401  1.00 12.68  ? 127 GLY A C   1 
ATOM   971  O  O   . GLY A 1 127 ? -12.374 -5.432  -2.647  1.00 15.23  ? 127 GLY A O   1 
ATOM   972  N  N   . GLY A 1 128 ? -12.026 -7.663  -2.538  1.00 14.22  ? 128 GLY A N   1 
ATOM   973  C  CA  . GLY A 1 128 ? -13.395 -8.012  -2.968  1.00 14.26  ? 128 GLY A CA  1 
ATOM   974  C  C   . GLY A 1 128 ? -13.493 -8.262  -4.462  1.00 15.87  ? 128 GLY A C   1 
ATOM   975  O  O   . GLY A 1 128 ? -12.712 -7.753  -5.291  1.00 14.96  ? 128 GLY A O   1 
ATOM   976  N  N   . ASN A 1 129 ? -14.526 -9.005  -4.835  1.00 16.19  ? 129 ASN A N   1 
ATOM   977  C  CA  . ASN A 1 129 ? -14.834 -9.340  -6.249  1.00 16.66  ? 129 ASN A CA  1 
ATOM   978  C  C   . ASN A 1 129 ? -13.589 -9.840  -6.985  1.00 14.55  ? 129 ASN A C   1 
ATOM   979  O  O   . ASN A 1 129 ? -13.458 -9.539  -8.215  1.00 15.26  ? 129 ASN A O   1 
ATOM   980  C  CB  . ASN A 1 129 ? -15.450 -8.150  -6.986  1.00 17.83  ? 129 ASN A CB  1 
ATOM   981  C  CG  . ASN A 1 129 ? -16.935 -8.010  -6.746  1.00 22.24  ? 129 ASN A CG  1 
ATOM   982  O  OD1 . ASN A 1 129 ? -17.631 -9.013  -6.605  1.00 22.17  ? 129 ASN A OD1 1 
ATOM   983  N  ND2 . ASN A 1 129 ? -17.429 -6.778  -6.789  1.00 24.57  ? 129 ASN A ND2 1 
ATOM   984  N  N   . GLY A 1 130 ? -12.727 -10.612 -6.316  1.00 12.90  ? 130 GLY A N   1 
ATOM   985  C  CA  . GLY A 1 130 ? -11.626 -11.303 -6.997  1.00 12.97  ? 130 GLY A CA  1 
ATOM   986  C  C   . GLY A 1 130 ? -10.478 -10.370 -7.383  1.00 11.07  ? 130 GLY A C   1 
ATOM   987  O  O   . GLY A 1 130 ? -9.624  -10.832 -8.085  1.00 11.79  ? 130 GLY A O   1 
ATOM   988  N  N   . LEU A 1 131 ? -10.489 -9.128  -6.910  1.00 11.82  ? 131 LEU A N   1 
ATOM   989  C  CA  . LEU A 1 131 ? -9.362  -8.202  -7.142  1.00 11.29  ? 131 LEU A CA  1 
ATOM   990  C  C   . LEU A 1 131 ? -8.683  -7.859  -5.827  1.00 10.69  ? 131 LEU A C   1 
ATOM   991  O  O   . LEU A 1 131 ? -9.273  -7.939  -4.738  1.00 12.60  ? 131 LEU A O   1 
ATOM   992  C  CB  . LEU A 1 131 ? -9.797  -6.894  -7.801  1.00 12.85  ? 131 LEU A CB  1 
ATOM   993  C  CG  . LEU A 1 131 ? -10.605 -7.017  -9.092  1.00 13.92  ? 131 LEU A CG  1 
ATOM   994  C  CD1 . LEU A 1 131 ? -10.754 -5.633  -9.718  1.00 15.68  ? 131 LEU A CD1 1 
ATOM   995  C  CD2 . LEU A 1 131 ? -9.929  -7.964  -10.069 1.00 12.96  ? 131 LEU A CD2 1 
ATOM   996  N  N   . VAL A 1 132 ? -7.423  -7.496  -5.944  1.00 10.40  ? 132 VAL A N   1 
ATOM   997  C  CA  . VAL A 1 132 ? -6.660  -6.881  -4.837  1.00 10.28  ? 132 VAL A CA  1 
ATOM   998  C  C   . VAL A 1 132 ? -6.180  -5.530  -5.317  1.00 10.38  ? 132 VAL A C   1 
ATOM   999  O  O   . VAL A 1 132 ? -5.717  -5.416  -6.484  1.00 10.74  ? 132 VAL A O   1 
ATOM   1000 C  CB  . VAL A 1 132 ? -5.514  -7.809  -4.436  1.00 11.11  ? 132 VAL A CB  1 
ATOM   1001 C  CG1 . VAL A 1 132 ? -4.641  -8.290  -5.586  1.00 12.86  ? 132 VAL A CG1 1 
ATOM   1002 C  CG2 . VAL A 1 132 ? -4.717  -7.155  -3.337  1.00 11.66  ? 132 VAL A CG2 1 
ATOM   1003 N  N   . GLY A 1 133 ? -6.403  -4.505  -4.515  1.00 10.03  ? 133 GLY A N   1 
ATOM   1004 C  CA  . GLY A 1 133 ? -5.994  -3.127  -4.782  1.00 10.22  ? 133 GLY A CA  1 
ATOM   1005 C  C   . GLY A 1 133 ? -4.803  -2.776  -3.941  1.00 10.47  ? 133 GLY A C   1 
ATOM   1006 O  O   . GLY A 1 133 ? -4.822  -3.120  -2.754  1.00 10.82  ? 133 GLY A O   1 
ATOM   1007 N  N   . PHE A 1 134 ? -3.851  -2.054  -4.504  1.00 9.44   ? 134 PHE A N   1 
ATOM   1008 C  CA  . PHE A 1 134 ? -2.605  -1.643  -3.821  1.00 9.65   ? 134 PHE A CA  1 
ATOM   1009 C  C   . PHE A 1 134 ? -2.490  -0.137  -3.890  1.00 10.15  ? 134 PHE A C   1 
ATOM   1010 O  O   . PHE A 1 134 ? -2.648  0.477   -4.982  1.00 10.66  ? 134 PHE A O   1 
ATOM   1011 C  CB  . PHE A 1 134 ? -1.385  -2.250  -4.463  1.00 9.61   ? 134 PHE A CB  1 
ATOM   1012 C  CG  . PHE A 1 134 ? -1.421  -3.725  -4.712  1.00 9.18   ? 134 PHE A CG  1 
ATOM   1013 C  CD1 . PHE A 1 134 ? -1.119  -4.600  -3.682  1.00 9.56   ? 134 PHE A CD1 1 
ATOM   1014 C  CD2 . PHE A 1 134 ? -1.878  -4.250  -5.918  1.00 9.84   ? 134 PHE A CD2 1 
ATOM   1015 C  CE1 . PHE A 1 134 ? -1.133  -5.965  -3.905  1.00 9.67   ? 134 PHE A CE1 1 
ATOM   1016 C  CE2 . PHE A 1 134 ? -1.864  -5.626  -6.138  1.00 10.08  ? 134 PHE A CE2 1 
ATOM   1017 C  CZ  . PHE A 1 134 ? -1.512  -6.480  -5.113  1.00 10.43  ? 134 PHE A CZ  1 
ATOM   1018 N  N   . ALA A 1 135 ? -2.187  0.466   -2.753  1.00 9.59   ? 135 ALA A N   1 
ATOM   1019 C  CA  . ALA A 1 135 ? -1.874  1.907   -2.652  1.00 10.22  ? 135 ALA A CA  1 
ATOM   1020 C  C   . ALA A 1 135 ? -0.426  2.054   -3.098  1.00 9.81   ? 135 ALA A C   1 
ATOM   1021 O  O   . ALA A 1 135 ? 0.512   1.558   -2.460  1.00 10.46  ? 135 ALA A O   1 
ATOM   1022 C  CB  . ALA A 1 135 ? -2.058  2.368   -1.235  1.00 9.87   ? 135 ALA A CB  1 
ATOM   1023 N  N   . ASP A 1 136 ? -0.210  2.761   -4.231  1.00 9.62   ? 136 ASP A N   1 
ATOM   1024 C  CA  . ASP A 1 136 ? 1.151   2.992   -4.725  1.00 10.12  ? 136 ASP A CA  1 
ATOM   1025 C  C   . ASP A 1 136 ? 1.923   3.911   -3.784  1.00 8.77   ? 136 ASP A C   1 
ATOM   1026 O  O   . ASP A 1 136 ? 1.350   4.862   -3.179  1.00 10.95  ? 136 ASP A O   1 
ATOM   1027 C  CB  . ASP A 1 136 ? 1.081   3.664   -6.100  1.00 10.52  ? 136 ASP A CB  1 
ATOM   1028 C  CG  . ASP A 1 136 ? 2.424   3.850   -6.777  1.00 11.16  ? 136 ASP A CG  1 
ATOM   1029 O  OD1 . ASP A 1 136 ? 3.174   2.899   -6.929  1.00 11.50  ? 136 ASP A OD1 1 
ATOM   1030 O  OD2 . ASP A 1 136 ? 2.695   5.027   -7.149  1.00 13.66  ? 136 ASP A OD2 1 
ATOM   1031 N  N   . VAL A 1 137 ? 3.219   3.696   -3.721  1.00 9.22   ? 137 VAL A N   1 
ATOM   1032 C  CA  . VAL A 1 137 ? 4.132   4.632   -2.981  1.00 10.26  ? 137 VAL A CA  1 
ATOM   1033 C  C   . VAL A 1 137 ? 5.295   5.095   -3.878  1.00 10.98  ? 137 VAL A C   1 
ATOM   1034 O  O   . VAL A 1 137 ? 6.133   5.829   -3.377  1.00 10.54  ? 137 VAL A O   1 
ATOM   1035 C  CB  . VAL A 1 137 ? 4.679   4.010   -1.684  1.00 10.80  ? 137 VAL A CB  1 
ATOM   1036 C  CG1 . VAL A 1 137 ? 3.521   3.735   -0.742  1.00 11.05  ? 137 VAL A CG1 1 
ATOM   1037 C  CG2 . VAL A 1 137 ? 5.485   2.768   -1.893  1.00 10.95  ? 137 VAL A CG2 1 
ATOM   1038 N  N   . ARG A 1 138 ? 5.394   4.629   -5.125  1.00 10.91  ? 138 ARG A N   1 
ATOM   1039 C  CA  . ARG A 1 138 ? 6.600   4.899   -5.953  1.00 10.60  ? 138 ARG A CA  1 
ATOM   1040 C  C   . ARG A 1 138 ? 6.709   6.368   -6.333  1.00 11.31  ? 138 ARG A C   1 
ATOM   1041 O  O   . ARG A 1 138 ? 7.835   6.755   -6.692  1.00 11.81  ? 138 ARG A O   1 
ATOM   1042 C  CB  . ARG A 1 138 ? 6.611   4.033   -7.199  1.00 10.56  ? 138 ARG A CB  1 
ATOM   1043 C  CG  . ARG A 1 138 ? 6.607   2.540   -6.925  1.00 10.40  ? 138 ARG A CG  1 
ATOM   1044 C  CD  . ARG A 1 138 ? 6.477   1.762   -8.193  1.00 9.44   ? 138 ARG A CD  1 
ATOM   1045 N  NE  . ARG A 1 138 ? 5.150   1.894   -8.718  1.00 9.56   ? 138 ARG A NE  1 
ATOM   1046 C  CZ  . ARG A 1 138 ? 4.681   1.268   -9.771  1.00 9.87   ? 138 ARG A CZ  1 
ATOM   1047 N  NH1 . ARG A 1 138 ? 5.491   0.581   -10.578 1.00 10.07  ? 138 ARG A NH1 1 
ATOM   1048 N  NH2 . ARG A 1 138 ? 3.393   1.334   -10.013 1.00 10.04  ? 138 ARG A NH2 1 
ATOM   1049 N  N   . ASP A 1 139 ? 5.619   7.084   -6.290  1.00 10.57  ? 139 ASP A N   1 
ATOM   1050 C  CA  . ASP A 1 139 ? 5.664   8.541   -6.573  1.00 11.75  ? 139 ASP A CA  1 
ATOM   1051 C  C   . ASP A 1 139 ? 6.204   9.326   -5.380  1.00 12.95  ? 139 ASP A C   1 
ATOM   1052 O  O   . ASP A 1 139 ? 6.421   10.548  -5.572  1.00 14.81  ? 139 ASP A O   1 
ATOM   1053 C  CB  . ASP A 1 139 ? 4.308   9.086   -6.997  1.00 13.43  ? 139 ASP A CB  1 
ATOM   1054 C  CG  . ASP A 1 139 ? 3.204   8.977   -5.974  1.00 16.38  ? 139 ASP A CG  1 
ATOM   1055 O  OD1 . ASP A 1 139 ? 3.229   7.969   -5.213  1.00 14.59  ? 139 ASP A OD1 1 
ATOM   1056 O  OD2 . ASP A 1 139 ? 2.361   9.900   -5.922  1.00 16.84  ? 139 ASP A OD2 1 
ATOM   1057 N  N   . LEU A 1 140 ? 6.248   8.757   -4.173  1.00 11.92  ? 140 LEU A N   1 
ATOM   1058 C  CA  . LEU A 1 140 ? 6.595   9.531   -2.961  1.00 11.53  ? 140 LEU A CA  1 
ATOM   1059 C  C   . LEU A 1 140 ? 8.107   9.552   -2.863  1.00 12.31  ? 140 LEU A C   1 
ATOM   1060 O  O   . LEU A 1 140 ? 8.727   8.862   -2.065  1.00 12.28  ? 140 LEU A O   1 
ATOM   1061 C  CB  . LEU A 1 140 ? 5.929   8.868   -1.746  1.00 11.20  ? 140 LEU A CB  1 
ATOM   1062 C  CG  . LEU A 1 140 ? 4.408   8.764   -1.816  1.00 13.32  ? 140 LEU A CG  1 
ATOM   1063 C  CD1 . LEU A 1 140 ? 3.888   8.021   -0.582  1.00 12.77  ? 140 LEU A CD1 1 
ATOM   1064 C  CD2 . LEU A 1 140 ? 3.736   10.115  -1.959  1.00 13.81  ? 140 LEU A CD2 1 
ATOM   1065 N  N   . LEU A 1 141 ? 8.727   10.420  -3.680  1.00 11.71  ? 141 LEU A N   1 
ATOM   1066 C  CA  . LEU A 1 141 ? 10.201  10.433  -3.739  1.00 12.97  ? 141 LEU A CA  1 
ATOM   1067 C  C   . LEU A 1 141 ? 10.835  10.856  -2.429  1.00 12.70  ? 141 LEU A C   1 
ATOM   1068 O  O   . LEU A 1 141 ? 11.949  10.471  -2.147  1.00 15.17  ? 141 LEU A O   1 
ATOM   1069 C  CB  . LEU A 1 141 ? 10.678  11.356  -4.867  1.00 14.06  ? 141 LEU A CB  1 
ATOM   1070 C  CG  . LEU A 1 141 ? 10.033  11.064  -6.224  1.00 15.67  ? 141 LEU A CG  1 
ATOM   1071 C  CD1 . LEU A 1 141 ? 10.692  11.907  -7.309  1.00 17.10  ? 141 LEU A CD1 1 
ATOM   1072 C  CD2 . LEU A 1 141 ? 10.074  9.600   -6.636  1.00 17.09  ? 141 LEU A CD2 1 
ATOM   1073 N  N   . TRP A 1 142 ? 10.132  11.725  -1.690  1.00 13.24  ? 142 TRP A N   1 
ATOM   1074 C  CA  . TRP A 1 142 ? 10.625  12.264  -0.416  1.00 13.54  ? 142 TRP A CA  1 
ATOM   1075 C  C   . TRP A 1 142 ? 10.823  11.170  0.629   1.00 14.46  ? 142 TRP A C   1 
ATOM   1076 O  O   . TRP A 1 142 ? 11.532  11.441  1.617   1.00 16.48  ? 142 TRP A O   1 
ATOM   1077 C  CB  . TRP A 1 142 ? 9.715   13.355  0.105   1.00 14.49  ? 142 TRP A CB  1 
ATOM   1078 C  CG  . TRP A 1 142 ? 8.291   12.927  0.262   1.00 14.08  ? 142 TRP A CG  1 
ATOM   1079 C  CD1 . TRP A 1 142 ? 7.277   13.144  -0.608  1.00 15.13  ? 142 TRP A CD1 1 
ATOM   1080 C  CD2 . TRP A 1 142 ? 7.734   12.215  1.387   1.00 14.11  ? 142 TRP A CD2 1 
ATOM   1081 N  NE1 . TRP A 1 142 ? 6.098   12.664  -0.091  1.00 15.19  ? 142 TRP A NE1 1 
ATOM   1082 C  CE2 . TRP A 1 142 ? 6.361   12.097  1.106   1.00 14.21  ? 142 TRP A CE2 1 
ATOM   1083 C  CE3 . TRP A 1 142 ? 8.246   11.783  2.613   1.00 14.06  ? 142 TRP A CE3 1 
ATOM   1084 C  CZ2 . TRP A 1 142 ? 5.504   11.496  2.026   1.00 16.06  ? 142 TRP A CZ2 1 
ATOM   1085 C  CZ3 . TRP A 1 142 ? 7.390   11.200  3.525   1.00 14.34  ? 142 TRP A CZ3 1 
ATOM   1086 C  CH2 . TRP A 1 142 ? 6.048   11.040  3.201   1.00 14.43  ? 142 TRP A CH2 1 
ATOM   1087 N  N   . LEU A 1 143 ? 10.276  9.972   0.432   1.00 14.50  ? 143 LEU A N   1 
ATOM   1088 C  CA  . LEU A 1 143 ? 10.480  8.892   1.427   1.00 14.89  ? 143 LEU A CA  1 
ATOM   1089 C  C   . LEU A 1 143 ? 11.975  8.564   1.543   1.00 17.69  ? 143 LEU A C   1 
ATOM   1090 O  O   . LEU A 1 143 ? 12.386  8.000   2.551   1.00 18.87  ? 143 LEU A O   1 
ATOM   1091 C  CB  . LEU A 1 143 ? 9.720   7.631   1.019   1.00 14.15  ? 143 LEU A CB  1 
ATOM   1092 C  CG  . LEU A 1 143 ? 8.209   7.645   1.239   1.00 13.79  ? 143 LEU A CG  1 
ATOM   1093 C  CD1 . LEU A 1 143 ? 7.549   6.446   0.597   1.00 14.60  ? 143 LEU A CD1 1 
ATOM   1094 C  CD2 . LEU A 1 143 ? 7.894   7.661   2.735   1.00 14.32  ? 143 LEU A CD2 1 
ATOM   1095 N  N   . ASP A 1 144 ? 12.756  8.840   0.494   1.00 19.41  ? 144 ASP A N   1 
ATOM   1096 C  CA  . ASP A 1 144 ? 14.219  8.561   0.487   1.00 24.33  ? 144 ASP A CA  1 
ATOM   1097 C  C   . ASP A 1 144 ? 15.123  9.694   0.927   1.00 27.19  ? 144 ASP A C   1 
ATOM   1098 O  O   . ASP A 1 144 ? 16.342  9.461   0.854   1.00 36.68  ? 144 ASP A O   1 
ATOM   1099 C  CB  . ASP A 1 144 ? 14.675  8.288   -0.924  1.00 26.02  ? 144 ASP A CB  1 
ATOM   1100 C  CG  . ASP A 1 144 ? 14.201  6.921   -1.274  1.00 25.83  ? 144 ASP A CG  1 
ATOM   1101 O  OD1 . ASP A 1 144 ? 14.234  6.056   -0.328  1.00 28.94  ? 144 ASP A OD1 1 
ATOM   1102 O  OD2 . ASP A 1 144 ? 13.708  6.788   -2.358  1.00 24.85  ? 144 ASP A OD2 1 
ATOM   1103 N  N   . GLU A 1 145 ? 14.612  10.850  1.325   1.00 31.85  ? 145 GLU A N   1 
ATOM   1104 C  CA  . GLU A 1 145 ? 15.494  11.974  1.728   1.00 41.70  ? 145 GLU A CA  1 
ATOM   1105 C  C   . GLU A 1 145 ? 15.086  12.460  3.128   1.00 49.50  ? 145 GLU A C   1 
ATOM   1106 O  O   . GLU A 1 145 ? 14.177  11.843  3.731   1.00 46.97  ? 145 GLU A O   1 
ATOM   1107 C  CB  . GLU A 1 145 ? 15.463  13.045  0.634   1.00 48.89  ? 145 GLU A CB  1 
ATOM   1108 C  CG  . GLU A 1 145 ? 14.102  13.670  0.408   1.00 49.61  ? 145 GLU A CG  1 
ATOM   1109 C  CD  . GLU A 1 145 ? 13.928  14.415  -0.912  1.00 55.04  ? 145 GLU A CD  1 
ATOM   1110 O  OE1 . GLU A 1 145 ? 12.826  14.975  -1.120  1.00 54.90  ? 145 GLU A OE1 1 
ATOM   1111 O  OE2 . GLU A 1 145 ? 14.881  14.440  -1.737  1.00 54.68  ? 145 GLU A OE2 1 
ATOM   1112 N  N   . GLU A 1 146 ? 15.772  13.499  3.623   1.00 59.37  ? 146 GLU A N   1 
ATOM   1113 C  CA  . GLU A 1 146 ? 15.478  14.226  4.890   1.00 62.96  ? 146 GLU A CA  1 
ATOM   1114 C  C   . GLU A 1 146 ? 15.202  13.220  6.013   1.00 67.30  ? 146 GLU A C   1 
ATOM   1115 O  O   . GLU A 1 146 ? 15.912  13.218  7.022   1.00 74.54  ? 146 GLU A O   1 
ATOM   1116 C  CB  . GLU A 1 146 ? 14.323  15.203  4.661   1.00 66.27  ? 146 GLU A CB  1 
ATOM   1117 C  CG  . GLU A 1 146 ? 13.244  15.161  5.729   1.00 71.12  ? 146 GLU A CG  1 
ATOM   1118 C  CD  . GLU A 1 146 ? 13.437  16.113  6.894   1.00 74.51  ? 146 GLU A CD  1 
ATOM   1119 O  OE1 . GLU A 1 146 ? 12.444  16.768  7.274   1.00 72.95  ? 146 GLU A OE1 1 
ATOM   1120 O  OE2 . GLU A 1 146 ? 14.570  16.203  7.420   1.00 73.42  ? 146 GLU A OE2 1 
HETATM 1121 O  O01 . XJV B 2 .   ? -2.761  -21.819 6.487   0.54 9.77   ? 201 XJV A O01 1 
HETATM 1122 C  C02 . XJV B 2 .   ? -1.966  -21.889 5.551   0.54 10.39  ? 201 XJV A C02 1 
HETATM 1123 N  N03 . XJV B 2 .   ? -0.803  -22.544 5.568   0.54 10.78  ? 201 XJV A N03 1 
HETATM 1124 C  C04 . XJV B 2 .   ? -0.056  -22.380 4.325   0.54 10.63  ? 201 XJV A C04 1 
HETATM 1125 C  C05 . XJV B 2 .   ? -1.030  -21.626 3.438   0.54 10.70  ? 201 XJV A C05 1 
HETATM 1126 N  N06 . XJV B 2 .   ? -2.113  -21.305 4.361   0.54 10.04  ? 201 XJV A N06 1 
HETATM 1127 O  O01 . XJV C 2 .   ? -2.974  1.052   -16.280 0.52 13.14  ? 202 XJV A O01 1 
HETATM 1128 C  C02 . XJV C 2 .   ? -3.443  2.181   -16.416 0.52 14.99  ? 202 XJV A C02 1 
HETATM 1129 N  N03 . XJV C 2 .   ? -3.427  2.901   -17.546 0.52 15.33  ? 202 XJV A N03 1 
HETATM 1130 C  C04 . XJV C 2 .   ? -4.034  4.214   -17.369 0.52 15.57  ? 202 XJV A C04 1 
HETATM 1131 C  C05 . XJV C 2 .   ? -4.231  4.292   -15.858 0.52 15.06  ? 202 XJV A C05 1 
HETATM 1132 N  N06 . XJV C 2 .   ? -3.967  2.922   -15.434 0.52 14.90  ? 202 XJV A N06 1 
HETATM 1133 ZN ZN  . ZN  D 3 .   ? 9.876   -1.974  -10.658 1.00 11.20  ? 203 ZN  A ZN  1 
HETATM 1134 S  S   . DMS E 4 .   ? 15.110  -4.197  -3.258  1.00 32.24  ? 204 DMS A S   1 
HETATM 1135 O  O   . DMS E 4 .   ? 16.382  -4.596  -2.516  1.00 42.72  ? 204 DMS A O   1 
HETATM 1136 C  C1  . DMS E 4 .   ? 15.100  -5.188  -4.755  1.00 29.79  ? 204 DMS A C1  1 
HETATM 1137 C  C2  . DMS E 4 .   ? 13.831  -4.993  -2.347  1.00 25.90  ? 204 DMS A C2  1 
HETATM 1138 S  S   . DMS F 4 .   ? -6.747  13.878  0.814   1.00 30.78  ? 205 DMS A S   1 
HETATM 1139 O  O   . DMS F 4 .   ? -7.806  12.846  0.696   1.00 27.45  ? 205 DMS A O   1 
HETATM 1140 C  C1  . DMS F 4 .   ? -6.459  14.499  -0.827  1.00 31.33  ? 205 DMS A C1  1 
HETATM 1141 C  C2  . DMS F 4 .   ? -7.571  15.304  1.495   1.00 31.27  ? 205 DMS A C2  1 
HETATM 1142 S  S   . DMS G 4 .   ? 4.822   -11.779 6.618   0.54 48.11  ? 206 DMS A S   1 
HETATM 1143 O  O   . DMS G 4 .   ? 4.880   -13.201 7.105   0.54 45.74  ? 206 DMS A O   1 
HETATM 1144 C  C1  . DMS G 4 .   ? 6.358   -11.033 7.104   0.54 49.04  ? 206 DMS A C1  1 
HETATM 1145 C  C2  . DMS G 4 .   ? 5.139   -11.855 4.876   0.54 45.63  ? 206 DMS A C2  1 
HETATM 1146 S  S   . DMS H 4 .   ? -6.064  -15.350 -9.459  1.00 32.66  ? 207 DMS A S   1 
HETATM 1147 O  O   . DMS H 4 .   ? -7.092  -14.947 -8.430  1.00 30.05  ? 207 DMS A O   1 
HETATM 1148 C  C1  . DMS H 4 .   ? -5.051  -16.549 -8.648  1.00 31.97  ? 207 DMS A C1  1 
HETATM 1149 C  C2  . DMS H 4 .   ? -6.901  -16.474 -10.541 1.00 33.67  ? 207 DMS A C2  1 
HETATM 1150 S  S   . DMS I 4 .   ? -16.327 2.251   7.603   0.50 26.27  ? 208 DMS A S   1 
HETATM 1151 O  O   . DMS I 4 .   ? -15.856 3.569   8.157   0.50 28.51  ? 208 DMS A O   1 
HETATM 1152 C  C1  . DMS I 4 .   ? -17.142 1.437   8.953   0.50 27.52  ? 208 DMS A C1  1 
HETATM 1153 C  C2  . DMS I 4 .   ? -17.770 2.635   6.650   0.50 26.26  ? 208 DMS A C2  1 
HETATM 1154 S  S   . SO4 J 5 .   ? -19.662 6.761   -8.539  1.00 162.83 ? 209 SO4 A S   1 
HETATM 1155 O  O1  . SO4 J 5 .   ? -19.377 7.859   -9.423  1.00 141.56 ? 209 SO4 A O1  1 
HETATM 1156 O  O2  . SO4 J 5 .   ? -18.898 5.608   -8.933  1.00 167.23 ? 209 SO4 A O2  1 
HETATM 1157 O  O3  . SO4 J 5 .   ? -21.060 6.451   -8.605  1.00 75.13  ? 209 SO4 A O3  1 
HETATM 1158 O  O4  . SO4 J 5 .   ? -19.321 7.123   -7.188  1.00 165.40 ? 209 SO4 A O4  1 
HETATM 1159 O  O   . HOH K 6 .   ? -17.664 7.997   -11.894 1.00 30.43  ? 301 HOH A O   1 
HETATM 1160 O  O   . HOH K 6 .   ? -9.514  -12.084 6.599   1.00 25.69  ? 302 HOH A O   1 
HETATM 1161 O  O   . HOH K 6 .   ? -13.498 -3.942  -4.119  1.00 13.93  ? 303 HOH A O   1 
HETATM 1162 O  O   . HOH K 6 .   ? -17.831 7.700   -0.019  1.00 45.15  ? 304 HOH A O   1 
HETATM 1163 O  O   . HOH K 6 .   ? -0.358  -20.140 -6.079  1.00 37.11  ? 305 HOH A O   1 
HETATM 1164 O  O   . HOH K 6 .   ? 10.907  16.485  -1.491  1.00 45.69  ? 306 HOH A O   1 
HETATM 1165 O  O   . HOH K 6 .   ? 2.585   -16.358 6.152   0.54 24.61  ? 307 HOH A O   1 
HETATM 1166 O  O   . HOH K 6 .   ? -11.050 8.960   5.407   1.00 26.37  ? 308 HOH A O   1 
HETATM 1167 O  O   . HOH K 6 .   ? -19.300 -3.683  -0.844  1.00 34.81  ? 309 HOH A O   1 
HETATM 1168 O  O   . HOH K 6 .   ? 7.677   13.005  14.285  1.00 35.03  ? 310 HOH A O   1 
HETATM 1169 O  O   . HOH K 6 .   ? 5.146   -3.470  11.352  1.00 26.46  ? 311 HOH A O   1 
HETATM 1170 O  O   . HOH K 6 .   ? 14.052  3.620   -0.919  1.00 16.46  ? 312 HOH A O   1 
HETATM 1171 O  O   . HOH K 6 .   ? -17.803 -1.872  9.027   1.00 43.06  ? 313 HOH A O   1 
HETATM 1172 O  O   . HOH K 6 .   ? 0.572   -13.317 7.887   1.00 19.65  ? 314 HOH A O   1 
HETATM 1173 O  O   . HOH K 6 .   ? -10.265 13.072  0.000   1.00 42.64  ? 315 HOH A O   1 
HETATM 1174 O  O   . HOH K 6 .   ? 7.607   13.072  16.369  1.00 39.88  ? 316 HOH A O   1 
HETATM 1175 O  O   . HOH K 6 .   ? -16.430 -10.004 8.546   1.00 37.58  ? 317 HOH A O   1 
HETATM 1176 O  O   . HOH K 6 .   ? -20.260 6.601   -1.127  1.00 40.81  ? 318 HOH A O   1 
HETATM 1177 O  O   . HOH K 6 .   ? -20.556 -0.585  -2.246  1.00 21.31  ? 319 HOH A O   1 
HETATM 1178 O  O   . HOH K 6 .   ? 15.243  1.773   4.107   1.00 29.83  ? 320 HOH A O   1 
HETATM 1179 O  O   . HOH K 6 .   ? -1.446  -14.760 -9.029  1.00 22.28  ? 321 HOH A O   1 
HETATM 1180 O  O   . HOH K 6 .   ? 0.906   -14.920 12.033  0.74 29.35  ? 322 HOH A O   1 
HETATM 1181 O  O   . HOH K 6 .   ? 12.063  13.478  3.214   1.00 31.84  ? 323 HOH A O   1 
HETATM 1182 O  O   . HOH K 6 .   ? 15.460  -7.562  -7.755  1.00 26.93  ? 324 HOH A O   1 
HETATM 1183 O  O   . HOH K 6 .   ? -6.815  3.753   12.552  1.00 30.19  ? 325 HOH A O   1 
HETATM 1184 O  O   . HOH K 6 .   ? -0.897  6.117   -13.914 1.00 28.24  ? 326 HOH A O   1 
HETATM 1185 O  O   . HOH K 6 .   ? -4.063  12.639  -3.454  1.00 41.35  ? 327 HOH A O   1 
HETATM 1186 O  O   . HOH K 6 .   ? -6.355  8.813   -12.677 0.52 32.17  ? 328 HOH A O   1 
HETATM 1187 O  O   . HOH K 6 .   ? 8.211   -3.751  5.948   1.00 18.94  ? 329 HOH A O   1 
HETATM 1188 O  O   . HOH K 6 .   ? 1.003   6.977   -7.778  1.00 17.23  ? 330 HOH A O   1 
HETATM 1189 O  O   . HOH K 6 .   ? -2.476  16.349  6.744   1.00 22.69  ? 331 HOH A O   1 
HETATM 1190 O  O   . HOH K 6 .   ? 2.134   -20.897 1.858   1.00 29.66  ? 332 HOH A O   1 
HETATM 1191 O  O   . HOH K 6 .   ? -1.203  -0.917  7.287   1.00 13.31  ? 333 HOH A O   1 
HETATM 1192 O  O   . HOH K 6 .   ? -17.590 -2.070  -8.622  1.00 17.37  ? 334 HOH A O   1 
HETATM 1193 O  O   . HOH K 6 .   ? 4.032   4.241   15.223  1.00 27.43  ? 335 HOH A O   1 
HETATM 1194 O  O   . HOH K 6 .   ? -11.836 3.130   8.831   1.00 18.80  ? 336 HOH A O   1 
HETATM 1195 O  O   . HOH K 6 .   ? -1.104  -0.175  12.272  1.00 31.71  ? 337 HOH A O   1 
HETATM 1196 O  O   . HOH K 6 .   ? -3.952  -20.175 -3.464  0.54 17.28  ? 338 HOH A O   1 
HETATM 1197 O  O   . HOH K 6 .   ? 6.287   5.526   13.621  1.00 32.66  ? 339 HOH A O   1 
HETATM 1198 O  O   . HOH K 6 .   ? 9.539   -5.592  4.684   1.00 30.28  ? 340 HOH A O   1 
HETATM 1199 O  O   . HOH K 6 .   ? 11.232  10.928  10.016  1.00 29.42  ? 341 HOH A O   1 
HETATM 1200 O  O   . HOH K 6 .   ? 16.282  -0.931  -6.427  1.00 22.28  ? 342 HOH A O   1 
HETATM 1201 O  O   . HOH K 6 .   ? 1.684   -6.835  10.797  1.00 35.19  ? 343 HOH A O   1 
HETATM 1202 O  O   . HOH K 6 .   ? -11.865 9.164   -1.147  1.00 42.03  ? 344 HOH A O   1 
HETATM 1203 O  O   . HOH K 6 .   ? -9.673  7.125   -13.445 1.00 29.34  ? 345 HOH A O   1 
HETATM 1204 O  O   . HOH K 6 .   ? 3.223   3.148   -13.466 1.00 19.08  ? 346 HOH A O   1 
HETATM 1205 O  O   . HOH K 6 .   ? -4.133  4.303   -2.823  1.00 15.07  ? 347 HOH A O   1 
HETATM 1206 O  O   . HOH K 6 .   ? 15.819  -2.968  1.045   1.00 19.65  ? 348 HOH A O   1 
HETATM 1207 O  O   . HOH K 6 .   ? -5.754  5.611   15.325  1.00 23.24  ? 349 HOH A O   1 
HETATM 1208 O  O   . HOH K 6 .   ? -1.833  -14.721 8.223   1.00 21.30  ? 350 HOH A O   1 
HETATM 1209 O  O   . HOH K 6 .   ? 14.362  8.999   4.119   1.00 32.14  ? 351 HOH A O   1 
HETATM 1210 O  O   . HOH K 6 .   ? -3.805  -9.465  -12.402 1.00 11.54  ? 352 HOH A O   1 
HETATM 1211 O  O   . HOH K 6 .   ? 9.369   -7.455  3.171   1.00 33.06  ? 353 HOH A O   1 
HETATM 1212 O  O   . HOH K 6 .   ? -6.526  13.297  4.244   1.00 18.97  ? 354 HOH A O   1 
HETATM 1213 O  O   . HOH K 6 .   ? 9.475   14.646  5.266   1.00 44.03  ? 355 HOH A O   1 
HETATM 1214 O  O   . HOH K 6 .   ? -7.965  -3.376  7.128   1.00 17.55  ? 356 HOH A O   1 
HETATM 1215 O  O   . HOH K 6 .   ? -3.488  -13.104 -10.904 1.00 21.23  ? 357 HOH A O   1 
HETATM 1216 O  O   . HOH K 6 .   ? -6.491  6.206   11.351  1.00 19.92  ? 358 HOH A O   1 
HETATM 1217 O  O   . HOH K 6 .   ? -10.810 -13.940 -4.001  1.00 37.64  ? 359 HOH A O   1 
HETATM 1218 O  O   . HOH K 6 .   ? -2.165  15.353  2.256   1.00 43.48  ? 360 HOH A O   1 
HETATM 1219 O  O   . HOH K 6 .   ? 7.163   5.622   -17.646 1.00 28.85  ? 361 HOH A O   1 
HETATM 1220 O  O   . HOH K 6 .   ? -5.470  1.410   -11.554 1.00 15.05  ? 362 HOH A O   1 
HETATM 1221 O  O   . HOH K 6 .   ? 11.666  3.126   8.908   1.00 22.08  ? 363 HOH A O   1 
HETATM 1222 O  O   . HOH K 6 .   ? -15.169 -0.560  -9.091  1.00 26.12  ? 364 HOH A O   1 
HETATM 1223 O  O   . HOH K 6 .   ? -2.721  -0.947  13.363  1.00 25.69  ? 365 HOH A O   1 
HETATM 1224 O  O   . HOH K 6 .   ? -12.399 -10.713 -0.681  1.00 27.09  ? 366 HOH A O   1 
HETATM 1225 O  O   . HOH K 6 .   ? -10.172 -10.273 -3.618  1.00 18.02  ? 367 HOH A O   1 
HETATM 1226 O  O   . HOH K 6 .   ? 2.148   2.271   16.289  1.00 25.23  ? 368 HOH A O   1 
HETATM 1227 O  O   . HOH K 6 .   ? 4.010   5.579   -9.493  1.00 12.72  ? 369 HOH A O   1 
HETATM 1228 O  O   . HOH K 6 .   ? 11.900  -5.356  1.707   1.00 38.68  ? 370 HOH A O   1 
HETATM 1229 O  O   . HOH K 6 .   ? 3.132   12.464  -5.272  1.00 25.11  ? 371 HOH A O   1 
HETATM 1230 O  O   . HOH K 6 .   ? 1.368   14.662  15.133  1.00 20.87  ? 372 HOH A O   1 
HETATM 1231 O  O   . HOH K 6 .   ? -10.036 -9.582  7.301   1.00 20.05  ? 373 HOH A O   1 
HETATM 1232 O  O   . HOH K 6 .   ? -1.595  -9.271  3.246   1.00 10.57  ? 374 HOH A O   1 
HETATM 1233 O  O   . HOH K 6 .   ? 10.418  1.460   -15.077 1.00 16.91  ? 375 HOH A O   1 
HETATM 1234 O  O   . HOH K 6 .   ? 4.954   4.208   -11.552 1.00 13.74  ? 376 HOH A O   1 
HETATM 1235 O  O   . HOH K 6 .   ? -12.539 -5.126  -6.125  1.00 15.85  ? 377 HOH A O   1 
HETATM 1236 O  O   . HOH K 6 .   ? -4.913  9.836   18.129  1.00 18.03  ? 378 HOH A O   1 
HETATM 1237 O  O   . HOH K 6 .   ? -6.999  14.228  7.780   1.00 26.77  ? 379 HOH A O   1 
HETATM 1238 O  O   . HOH K 6 .   ? -9.337  1.188   0.724   1.00 15.57  ? 380 HOH A O   1 
HETATM 1239 O  O   . HOH K 6 .   ? -2.828  13.049  -5.661  1.00 45.96  ? 381 HOH A O   1 
HETATM 1240 O  O   . HOH K 6 .   ? 5.495   16.731  8.154   1.00 35.98  ? 382 HOH A O   1 
HETATM 1241 O  O   . HOH K 6 .   ? -8.257  -17.319 5.403   1.00 11.42  ? 383 HOH A O   1 
HETATM 1242 O  O   . HOH K 6 .   ? 1.693   10.925  -8.416  1.00 29.03  ? 384 HOH A O   1 
HETATM 1243 O  O   . HOH K 6 .   ? 18.120  -1.682  -2.113  1.00 31.65  ? 385 HOH A O   1 
HETATM 1244 O  O   . HOH K 6 .   ? -1.668  14.641  -0.321  1.00 34.78  ? 386 HOH A O   1 
HETATM 1245 O  O   . HOH K 6 .   ? 14.333  9.345   6.773   1.00 29.06  ? 387 HOH A O   1 
HETATM 1246 O  O   . HOH K 6 .   ? 4.367   13.085  19.739  1.00 25.17  ? 388 HOH A O   1 
HETATM 1247 O  O   . HOH K 6 .   ? -18.830 0.311   4.822   1.00 34.18  ? 389 HOH A O   1 
HETATM 1248 O  O   . HOH K 6 .   ? 18.508  2.161   12.799  1.00 25.50  ? 390 HOH A O   1 
HETATM 1249 O  O   . HOH K 6 .   ? 5.864   -1.718  -17.314 1.00 37.58  ? 391 HOH A O   1 
HETATM 1250 O  O   . HOH K 6 .   ? -9.554  -13.628 -8.323  1.00 17.15  ? 392 HOH A O   1 
HETATM 1251 O  O   . HOH K 6 .   ? -12.682 6.993   -11.296 0.52 24.93  ? 393 HOH A O   1 
HETATM 1252 O  O   . HOH K 6 .   ? -8.292  6.480   6.990   1.00 16.66  ? 394 HOH A O   1 
HETATM 1253 O  O   . HOH K 6 .   ? -14.158 -2.937  -1.962  1.00 18.64  ? 395 HOH A O   1 
HETATM 1254 O  O   . HOH K 6 .   ? 6.151   -4.395  -15.988 1.00 24.54  ? 396 HOH A O   1 
HETATM 1255 O  O   . HOH K 6 .   ? -12.408 -1.278  -7.272  1.00 15.55  ? 397 HOH A O   1 
HETATM 1256 O  O   . HOH K 6 .   ? -0.026  -8.658  5.538   1.00 15.86  ? 398 HOH A O   1 
HETATM 1257 O  O   . HOH K 6 .   ? 16.413  -4.149  -11.345 1.00 40.30  ? 399 HOH A O   1 
HETATM 1258 O  O   . HOH K 6 .   ? -1.357  5.523   -2.764  1.00 12.46  ? 400 HOH A O   1 
HETATM 1259 O  O   . HOH K 6 .   ? -10.989 10.791  1.137   1.00 36.90  ? 401 HOH A O   1 
HETATM 1260 O  O   . HOH K 6 .   ? -11.076 -2.868  -5.172  1.00 17.03  ? 402 HOH A O   1 
HETATM 1261 O  O   . HOH K 6 .   ? -8.652  -15.252 -6.087  1.00 32.84  ? 403 HOH A O   1 
HETATM 1262 O  O   . HOH K 6 .   ? -12.674 8.888   2.983   1.00 31.93  ? 404 HOH A O   1 
HETATM 1263 O  O   . HOH K 6 .   ? 5.627   -9.267  -1.312  1.00 17.02  ? 405 HOH A O   1 
HETATM 1264 O  O   . HOH K 6 .   ? 4.073   -5.602  5.100   1.00 32.16  ? 406 HOH A O   1 
HETATM 1265 O  O   . HOH K 6 .   ? -16.164 -10.300 -2.911  1.00 25.42  ? 407 HOH A O   1 
HETATM 1266 O  O   . HOH K 6 .   ? 2.514   0.608   -12.622 1.00 17.00  ? 408 HOH A O   1 
HETATM 1267 O  O   . HOH K 6 .   ? -12.875 -9.298  7.402   1.00 28.20  ? 409 HOH A O   1 
HETATM 1268 O  O   . HOH K 6 .   ? 11.871  14.760  -3.787  1.00 32.99  ? 410 HOH A O   1 
HETATM 1269 O  O   . HOH K 6 .   ? -7.114  -17.955 -3.084  1.00 25.76  ? 411 HOH A O   1 
HETATM 1270 O  O   . HOH K 6 .   ? -11.136 -16.745 2.012   1.00 18.55  ? 412 HOH A O   1 
HETATM 1271 O  O   . HOH K 6 .   ? -5.114  -5.909  9.691   1.00 23.47  ? 413 HOH A O   1 
HETATM 1272 O  O   . HOH K 6 .   ? -19.022 -10.191 -4.414  0.52 28.14  ? 414 HOH A O   1 
HETATM 1273 O  O   . HOH K 6 .   ? -13.873 -7.525  -10.191 1.00 15.71  ? 415 HOH A O   1 
HETATM 1274 O  O   . HOH K 6 .   ? -15.548 -4.732  -0.577  1.00 26.32  ? 416 HOH A O   1 
HETATM 1275 O  O   . HOH K 6 .   ? -11.858 2.890   -0.778  1.00 35.19  ? 417 HOH A O   1 
HETATM 1276 O  O   . HOH K 6 .   ? -1.440  0.235   -18.560 1.00 38.15  ? 418 HOH A O   1 
HETATM 1277 O  O   . HOH K 6 .   ? -12.514 -11.553 -3.615  1.00 21.16  ? 419 HOH A O   1 
HETATM 1278 O  O   . HOH K 6 .   ? 2.982   16.020  13.115  1.00 25.77  ? 420 HOH A O   1 
HETATM 1279 O  O   . HOH K 6 .   ? 3.821   15.395  16.041  1.00 25.80  ? 421 HOH A O   1 
HETATM 1280 O  O   . HOH K 6 .   ? 3.719   13.797  -1.251  1.00 28.27  ? 422 HOH A O   1 
HETATM 1281 O  O   . HOH K 6 .   ? -14.121 1.426   -0.167  1.00 17.24  ? 423 HOH A O   1 
HETATM 1282 O  O   . HOH K 6 .   ? 4.508   -11.321 -11.526 1.00 31.11  ? 424 HOH A O   1 
HETATM 1283 O  O   . HOH K 6 .   ? 4.272   -17.953 -1.015  1.00 20.89  ? 425 HOH A O   1 
HETATM 1284 O  O   . HOH K 6 .   ? -14.949 -5.595  3.504   1.00 25.80  ? 426 HOH A O   1 
HETATM 1285 O  O   . HOH K 6 .   ? 2.062   -18.247 -5.500  1.00 24.00  ? 427 HOH A O   1 
HETATM 1286 O  O   . HOH K 6 .   ? -15.283 9.344   -3.139  1.00 31.38  ? 428 HOH A O   1 
HETATM 1287 O  O   . HOH K 6 .   ? -4.640  8.529   -9.121  1.00 17.83  ? 429 HOH A O   1 
HETATM 1288 O  O   . HOH K 6 .   ? 14.820  -1.461  -14.917 1.00 46.18  ? 430 HOH A O   1 
HETATM 1289 O  O   . HOH K 6 .   ? -11.945 -0.155  0.883   1.00 16.56  ? 431 HOH A O   1 
HETATM 1290 O  O   . HOH K 6 .   ? 13.873  10.185  -4.325  1.00 33.18  ? 432 HOH A O   1 
HETATM 1291 O  O   . HOH K 6 .   ? -10.817 -16.148 5.152   1.00 16.89  ? 433 HOH A O   1 
HETATM 1292 O  O   . HOH K 6 .   ? 13.133  2.466   -13.371 0.54 25.39  ? 434 HOH A O   1 
HETATM 1293 O  O   . HOH K 6 .   ? 4.201   -8.007  3.354   1.00 14.92  ? 435 HOH A O   1 
HETATM 1294 O  O   . HOH K 6 .   ? -0.737  12.534  -3.394  1.00 28.39  ? 436 HOH A O   1 
HETATM 1295 O  O   . HOH K 6 .   ? 12.986  -3.605  -0.144  1.00 21.23  ? 437 HOH A O   1 
HETATM 1296 O  O   . HOH K 6 .   ? -3.339  -13.463 -7.408  1.00 16.49  ? 438 HOH A O   1 
HETATM 1297 O  O   . HOH K 6 .   ? -2.343  -9.364  8.162   1.00 24.00  ? 439 HOH A O   1 
HETATM 1298 O  O   . HOH K 6 .   ? -0.590  3.966   19.559  1.00 19.58  ? 440 HOH A O   1 
HETATM 1299 O  O   . HOH K 6 .   ? -8.696  -5.616  1.424   1.00 18.30  ? 441 HOH A O   1 
HETATM 1300 O  O   . HOH K 6 .   ? -4.457  -14.401 -5.043  1.00 13.88  ? 442 HOH A O   1 
HETATM 1301 O  O   . HOH K 6 .   ? -16.135 -4.197  -7.357  1.00 16.00  ? 443 HOH A O   1 
HETATM 1302 O  O   . HOH K 6 .   ? 11.998  2.630   15.321  1.00 32.99  ? 444 HOH A O   1 
HETATM 1303 O  O   . HOH K 6 .   ? 0.480   -14.293 -12.434 1.00 40.66  ? 445 HOH A O   1 
HETATM 1304 O  O   . HOH K 6 .   ? 17.561  1.606   0.196   1.00 39.20  ? 446 HOH A O   1 
HETATM 1305 O  O   . HOH K 6 .   ? -1.952  -11.454 -12.611 1.00 19.27  ? 447 HOH A O   1 
HETATM 1306 O  O   . HOH K 6 .   ? 17.941  6.494   12.774  1.00 37.19  ? 448 HOH A O   1 
HETATM 1307 O  O   . HOH K 6 .   ? 11.205  -8.691  -6.236  1.00 26.93  ? 449 HOH A O   1 
HETATM 1308 O  O   . HOH K 6 .   ? -14.499 -2.439  -5.707  1.00 16.43  ? 450 HOH A O   1 
HETATM 1309 O  O   . HOH K 6 .   ? -1.022  -2.299  9.729   1.00 15.89  ? 451 HOH A O   1 
HETATM 1310 O  O   . HOH K 6 .   ? 14.687  -5.814  3.697   1.00 28.51  ? 452 HOH A O   1 
HETATM 1311 O  O   . HOH K 6 .   ? 6.196   -0.150  14.320  1.00 36.08  ? 453 HOH A O   1 
HETATM 1312 O  O   . HOH K 6 .   ? 6.200   -9.605  1.985   1.00 19.38  ? 454 HOH A O   1 
HETATM 1313 O  O   . HOH K 6 .   ? 9.107   -7.174  -11.246 1.00 24.23  ? 455 HOH A O   1 
HETATM 1314 O  O   . HOH K 6 .   ? -3.884  3.128   18.578  1.00 24.58  ? 456 HOH A O   1 
HETATM 1315 O  O   . HOH K 6 .   ? -0.333  15.443  5.141   1.00 18.36  ? 457 HOH A O   1 
HETATM 1316 O  O   . HOH K 6 .   ? -21.149 2.896   0.818   1.00 20.86  ? 458 HOH A O   1 
HETATM 1317 O  O   . HOH K 6 .   ? 16.941  8.537   6.990   1.00 42.59  ? 459 HOH A O   1 
HETATM 1318 O  O   . HOH K 6 .   ? 10.404  2.626   -17.490 1.00 26.81  ? 460 HOH A O   1 
HETATM 1319 O  O   . HOH K 6 .   ? 12.448  -3.566  6.782   1.00 14.73  ? 461 HOH A O   1 
HETATM 1320 O  O   . HOH K 6 .   ? -9.148  13.844  5.387   1.00 29.49  ? 462 HOH A O   1 
HETATM 1321 O  O   . HOH K 6 .   ? 12.043  1.614   11.267  1.00 23.84  ? 463 HOH A O   1 
HETATM 1322 O  O   . HOH K 6 .   ? 5.069   -4.781  8.774   1.00 21.33  ? 464 HOH A O   1 
HETATM 1323 O  O   . HOH K 6 .   ? 7.577   13.232  -4.674  1.00 23.18  ? 465 HOH A O   1 
HETATM 1324 O  O   . HOH K 6 .   ? 20.971  2.410   8.684   1.00 35.67  ? 466 HOH A O   1 
HETATM 1325 O  O   . HOH K 6 .   ? 0.645   11.504  22.618  1.00 28.94  ? 467 HOH A O   1 
HETATM 1326 O  O   . HOH K 6 .   ? -4.498  15.331  3.117   1.00 38.62  ? 468 HOH A O   1 
HETATM 1327 O  O   . HOH K 6 .   ? -14.051 6.560   2.286   1.00 28.86  ? 469 HOH A O   1 
HETATM 1328 O  O   . HOH K 6 .   ? 6.704   13.940  12.672  1.00 39.69  ? 470 HOH A O   1 
HETATM 1329 O  O   . HOH K 6 .   ? -11.868 -2.778  -0.326  1.00 14.63  ? 471 HOH A O   1 
HETATM 1330 O  O   . HOH K 6 .   ? 1.457   -2.204  11.064  1.00 24.38  ? 472 HOH A O   1 
HETATM 1331 O  O   . HOH K 6 .   ? 0.112   -1.125  13.684  1.00 30.06  ? 473 HOH A O   1 
HETATM 1332 O  O   . HOH K 6 .   ? -10.729 10.749  -4.238  1.00 36.24  ? 474 HOH A O   1 
HETATM 1333 O  O   . HOH K 6 .   ? 18.241  4.099   5.465   1.00 40.14  ? 475 HOH A O   1 
HETATM 1334 O  O   . HOH K 6 .   ? 11.933  -6.959  -3.151  1.00 29.36  ? 476 HOH A O   1 
HETATM 1335 O  O   . HOH K 6 .   ? 2.304   16.623  4.982   1.00 51.73  ? 477 HOH A O   1 
HETATM 1336 O  O   . HOH K 6 .   ? 12.506  -2.381  9.185   1.00 43.93  ? 478 HOH A O   1 
HETATM 1337 O  O   . HOH K 6 .   ? -13.406 -1.588  10.261  1.00 37.30  ? 479 HOH A O   1 
HETATM 1338 O  O   . HOH K 6 .   ? 13.218  11.768  7.979   1.00 35.23  ? 480 HOH A O   1 
HETATM 1339 O  O   . HOH K 6 .   ? -2.256  8.132   -10.002 1.00 28.06  ? 481 HOH A O   1 
HETATM 1340 O  O   . HOH K 6 .   ? 9.851   4.236   16.190  1.00 34.74  ? 482 HOH A O   1 
HETATM 1341 O  O   . HOH K 6 .   ? 8.349   -1.509  -17.624 1.00 49.67  ? 483 HOH A O   1 
HETATM 1342 O  O   . HOH K 6 .   ? 9.589   8.794   16.228  1.00 39.68  ? 484 HOH A O   1 
HETATM 1343 O  O   . HOH K 6 .   ? 0.673   14.002  -1.719  1.00 42.95  ? 485 HOH A O   1 
HETATM 1344 O  O   . HOH K 6 .   ? -9.871  -0.262  10.399  1.00 38.66  ? 486 HOH A O   1 
HETATM 1345 O  O   . HOH K 6 .   ? 10.631  -8.529  -13.563 1.00 42.48  ? 487 HOH A O   1 
HETATM 1346 O  O   . HOH K 6 .   ? -11.566 -5.078  1.361   1.00 21.73  ? 488 HOH A O   1 
HETATM 1347 O  O   . HOH K 6 .   ? 3.410   -18.340 7.178   0.54 33.53  ? 489 HOH A O   1 
HETATM 1348 O  O   . HOH K 6 .   ? -13.283 -11.227 5.251   1.00 25.25  ? 490 HOH A O   1 
HETATM 1349 O  O   . HOH K 6 .   ? 2.573   -11.793 -13.506 1.00 34.51  ? 491 HOH A O   1 
HETATM 1350 O  O   . HOH K 6 .   ? -11.136 11.910  5.679   1.00 29.83  ? 492 HOH A O   1 
HETATM 1351 O  O   . HOH K 6 .   ? -20.118 8.857   -12.642 1.00 34.62  ? 493 HOH A O   1 
HETATM 1352 O  O   . HOH K 6 .   ? -6.358  1.602   14.702  1.00 46.58  ? 494 HOH A O   1 
HETATM 1353 O  O   . HOH K 6 .   ? -9.328  -6.676  9.522   1.00 35.29  ? 495 HOH A O   1 
HETATM 1354 O  O   . HOH K 6 .   ? 4.686   -16.707 2.111   0.54 17.22  ? 496 HOH A O   1 
HETATM 1355 O  O   . HOH K 6 .   ? -15.423 -5.212  -4.407  1.00 25.30  ? 497 HOH A O   1 
HETATM 1356 O  O   . HOH K 6 .   ? 9.981   -1.253  -15.245 1.00 20.85  ? 498 HOH A O   1 
HETATM 1357 O  O   . HOH K 6 .   ? 0.894   -22.260 9.351   1.00 34.62  ? 499 HOH A O   1 
HETATM 1358 O  O   . HOH K 6 .   ? -13.741 9.361   0.684   1.00 38.21  ? 500 HOH A O   1 
HETATM 1359 O  O   . HOH K 6 .   ? -18.927 -4.037  3.371   1.00 36.49  ? 501 HOH A O   1 
HETATM 1360 O  O   . HOH K 6 .   ? 1.782   -0.367  15.606  1.00 37.79  ? 502 HOH A O   1 
HETATM 1361 O  O   . HOH K 6 .   ? 5.034   13.246  -3.618  1.00 26.60  ? 503 HOH A O   1 
HETATM 1362 O  O   . HOH K 6 .   ? -1.613  -22.240 -0.672  0.54 39.70  ? 504 HOH A O   1 
HETATM 1363 O  O   . HOH K 6 .   ? 17.854  5.865   -0.241  1.00 41.55  ? 505 HOH A O   1 
HETATM 1364 O  O   . HOH K 6 .   ? 19.481  -3.541  -0.849  1.00 31.03  ? 506 HOH A O   1 
HETATM 1365 O  O   . HOH K 6 .   ? -5.747  -16.730 -5.042  1.00 24.80  ? 507 HOH A O   1 
HETATM 1366 O  O   . HOH K 6 .   ? 19.088  4.811   13.860  1.00 42.39  ? 508 HOH A O   1 
HETATM 1367 O  O   . HOH K 6 .   ? 9.103   14.857  -3.390  1.00 25.79  ? 509 HOH A O   1 
HETATM 1368 O  O   . HOH K 6 .   ? -8.617  11.964  -5.224  1.00 31.61  ? 510 HOH A O   1 
HETATM 1369 O  O   . HOH K 6 .   ? 10.100  17.029  0.686   1.00 32.28  ? 511 HOH A O   1 
HETATM 1370 O  O   . HOH K 6 .   ? -20.306 -4.964  -4.948  1.00 46.74  ? 512 HOH A O   1 
HETATM 1371 O  O   . HOH K 6 .   ? -7.194  -4.978  9.483   1.00 33.14  ? 513 HOH A O   1 
HETATM 1372 O  O   . HOH K 6 .   ? -8.646  9.464   -13.567 0.52 23.61  ? 514 HOH A O   1 
HETATM 1373 O  O   . HOH K 6 .   ? 7.949   -4.897  8.409   1.00 32.99  ? 515 HOH A O   1 
HETATM 1374 O  O   . HOH K 6 .   ? 3.890   15.967  -0.270  1.00 41.54  ? 516 HOH A O   1 
HETATM 1375 O  O   . HOH K 6 .   ? 2.055   6.978   -10.660 1.00 23.52  ? 517 HOH A O   1 
HETATM 1376 O  O   . HOH K 6 .   ? 12.003  -2.307  -16.028 1.00 40.73  ? 518 HOH A O   1 
HETATM 1377 O  O   . HOH K 6 .   ? -13.896 -6.100  1.130   1.00 25.78  ? 519 HOH A O   1 
HETATM 1378 O  O   . HOH K 6 .   ? -14.067 -8.889  0.853   1.00 38.07  ? 520 HOH A O   1 
HETATM 1379 O  O   . HOH K 6 .   ? 7.780   1.794   13.917  1.00 36.54  ? 521 HOH A O   1 
HETATM 1380 O  O   . HOH K 6 .   ? 18.255  -6.101  -11.342 1.00 56.02  ? 522 HOH A O   1 
HETATM 1381 O  O   . HOH K 6 .   ? -13.739 9.796   -10.608 0.52 29.15  ? 523 HOH A O   1 
HETATM 1382 O  O   . HOH K 6 .   ? -3.720  15.872  -3.399  1.00 46.72  ? 524 HOH A O   1 
HETATM 1383 O  O   . HOH K 6 .   ? 6.071   15.331  3.210   1.00 39.82  ? 525 HOH A O   1 
HETATM 1384 O  O   . HOH K 6 .   ? 11.859  18.752  -2.859  1.00 30.17  ? 526 HOH A O   1 
HETATM 1385 O  O   . HOH K 6 .   ? -13.169 -2.518  -9.666  1.00 14.45  ? 527 HOH A O   1 
HETATM 1386 O  O   . HOH K 6 .   ? -4.698  -19.037 -6.316  1.00 30.72  ? 528 HOH A O   1 
HETATM 1387 O  O   . HOH K 6 .   ? -21.744 -2.496  -0.929  1.00 40.69  ? 529 HOH A O   1 
HETATM 1388 O  O   . HOH K 6 .   ? 3.086   -20.780 6.185   0.54 31.38  ? 530 HOH A O   1 
HETATM 1389 O  O   . HOH K 6 .   ? -9.290  -3.992  9.255   0.50 22.48  ? 531 HOH A O   1 
HETATM 1390 O  O   . HOH K 6 .   ? -13.925 -5.081  -8.717  1.00 17.19  ? 532 HOH A O   1 
HETATM 1391 O  O   . HOH K 6 .   ? 12.021  -1.424  11.154  1.00 47.02  ? 533 HOH A O   1 
HETATM 1392 O  O   . HOH K 6 .   ? -10.110 5.459   8.741   1.00 20.32  ? 534 HOH A O   1 
HETATM 1393 O  O   . HOH K 6 .   ? -16.438 -8.796  -0.880  1.00 31.32  ? 535 HOH A O   1 
HETATM 1394 O  O   . HOH K 6 .   ? 1.647   5.743   -13.626 1.00 27.68  ? 536 HOH A O   1 
HETATM 1395 O  O   . HOH K 6 .   ? -16.940 -6.161  -2.418  1.00 40.13  ? 537 HOH A O   1 
HETATM 1396 O  O   . HOH K 6 .   ? -22.237 1.451   -1.201  1.00 30.10  ? 538 HOH A O   1 
HETATM 1397 O  O   . HOH K 6 .   ? 9.903   13.170  10.509  1.00 36.04  ? 539 HOH A O   1 
HETATM 1398 O  O   . HOH K 6 .   ? -2.739  -3.066  11.763  1.00 23.49  ? 540 HOH A O   1 
HETATM 1399 O  O   . HOH K 6 .   ? -1.126  -17.397 -8.821  1.00 31.79  ? 541 HOH A O   1 
HETATM 1400 O  O   . HOH K 6 .   ? 10.539  1.446   13.493  1.00 29.96  ? 542 HOH A O   1 
HETATM 1401 O  O   . HOH K 6 .   ? 12.595  11.970  11.984  1.00 40.53  ? 543 HOH A O   1 
HETATM 1402 O  O   . HOH K 6 .   ? -19.471 -5.486  -2.539  1.00 36.47  ? 544 HOH A O   1 
HETATM 1403 O  O   . HOH K 6 .   ? 0.650   -18.655 -7.563  1.00 36.84  ? 545 HOH A O   1 
HETATM 1404 O  O   . HOH K 6 .   ? 3.066   12.637  21.862  1.00 33.64  ? 546 HOH A O   1 
HETATM 1405 O  O   . HOH K 6 .   ? -3.845  -0.897  16.072  1.00 38.89  ? 547 HOH A O   1 
HETATM 1406 O  O   . HOH K 6 .   ? 5.869   17.130  -1.535  1.00 35.83  ? 548 HOH A O   1 
HETATM 1407 O  O   . HOH K 6 .   ? 5.819   -7.455  5.112   0.54 25.48  ? 549 HOH A O   1 
HETATM 1408 O  O   . HOH K 6 .   ? 8.268   16.794  -1.565  1.00 33.06  ? 550 HOH A O   1 
HETATM 1409 O  O   . HOH K 6 .   ? -13.886 11.342  -8.412  1.00 48.54  ? 551 HOH A O   1 
HETATM 1410 O  O   . HOH K 6 .   ? 24.138  4.644   12.807  1.00 44.66  ? 552 HOH A O   1 
HETATM 1411 O  O   . HOH K 6 .   ? -11.715 12.070  -12.258 0.52 27.05  ? 553 HOH A O   1 
HETATM 1412 O  O   . HOH K 6 .   ? -7.681  -4.119  11.979  1.00 34.44  ? 554 HOH A O   1 
# 
